data_1NPQ
#
_entry.id   1NPQ
#
loop_
_entity.id
_entity.type
_entity.pdbx_description
1 polymer 'Troponin C'
2 polymer 'Troponin I'
3 non-polymer 'CALCIUM ION'
#
loop_
_entity_poly.entity_id
_entity_poly.type
_entity_poly.pdbx_seq_one_letter_code
_entity_poly.pdbx_strand_id
1 'polypeptide(L)'
;ASMTDQQAEARAFLSEEMIAEFKAAFDMFDADGGGDISTKELGTVMRMLGQNPTKCELDAIICEVDEDGSGTIDFEEFLV
MMVRQMKEDA
;
A
2 'polypeptide(L)' RMSADAMLRALLGSKHK B
#
loop_
_chem_comp.id
_chem_comp.type
_chem_comp.name
_chem_comp.formula
CA non-polymer 'CALCIUM ION' 'Ca 2'
#
# COMPACT_ATOMS: atom_id res chain seq x y z
N ALA A 1 17.69 -17.32 2.03
CA ALA A 1 16.76 -16.76 1.03
C ALA A 1 16.48 -15.28 1.31
N SER A 2 17.37 -14.42 0.82
CA SER A 2 17.22 -12.98 1.02
C SER A 2 17.29 -12.23 -0.30
N MET A 3 16.48 -11.20 -0.44
CA MET A 3 16.45 -10.41 -1.66
C MET A 3 16.32 -8.92 -1.34
N THR A 4 15.40 -8.58 -0.44
CA THR A 4 15.19 -7.19 -0.05
C THR A 4 14.43 -7.11 1.27
N ASP A 5 15.07 -6.54 2.28
CA ASP A 5 14.45 -6.41 3.59
C ASP A 5 13.83 -5.02 3.77
N GLN A 6 13.48 -4.39 2.66
CA GLN A 6 12.88 -3.06 2.69
C GLN A 6 11.45 -3.12 3.23
N GLN A 7 10.78 -4.24 2.97
CA GLN A 7 9.41 -4.43 3.43
C GLN A 7 9.35 -4.54 4.95
N ALA A 8 10.43 -5.04 5.54
CA ALA A 8 10.50 -5.20 6.99
C ALA A 8 10.72 -3.86 7.69
N GLU A 9 11.72 -3.11 7.22
CA GLU A 9 12.02 -1.81 7.78
C GLU A 9 10.82 -0.87 7.67
N ALA A 10 10.00 -1.08 6.64
CA ALA A 10 8.82 -0.27 6.41
C ALA A 10 7.90 -0.27 7.65
N ARG A 11 7.59 -1.45 8.15
CA ARG A 11 6.73 -1.59 9.32
C ARG A 11 7.33 -0.86 10.52
N ALA A 12 8.67 -0.80 10.56
CA ALA A 12 9.36 -0.14 11.66
C ALA A 12 9.49 1.36 11.40
N PHE A 13 9.56 1.73 10.13
CA PHE A 13 9.69 3.14 9.75
C PHE A 13 8.41 3.91 10.06
N LEU A 14 7.27 3.21 9.98
CA LEU A 14 5.98 3.82 10.25
C LEU A 14 5.53 3.54 11.68
N SER A 15 4.75 4.45 12.24
CA SER A 15 4.26 4.30 13.60
C SER A 15 3.13 3.27 13.65
N GLU A 16 2.81 2.81 14.86
CA GLU A 16 1.74 1.83 15.05
C GLU A 16 0.42 2.36 14.51
N GLU A 17 0.25 3.67 14.55
CA GLU A 17 -0.97 4.31 14.07
C GLU A 17 -1.18 4.01 12.58
N MET A 18 -0.09 4.00 11.83
CA MET A 18 -0.15 3.74 10.40
C MET A 18 -0.48 2.28 10.13
N ILE A 19 0.18 1.38 10.85
CA ILE A 19 -0.06 -0.05 10.70
C ILE A 19 -1.52 -0.41 10.91
N ALA A 20 -2.11 0.13 11.97
CA ALA A 20 -3.50 -0.13 12.28
C ALA A 20 -4.40 0.18 11.08
N GLU A 21 -4.37 1.44 10.64
CA GLU A 21 -5.17 1.85 9.49
C GLU A 21 -4.72 1.12 8.23
N PHE A 22 -3.45 0.70 8.23
CA PHE A 22 -2.89 -0.02 7.08
C PHE A 22 -3.72 -1.26 6.76
N LYS A 23 -4.25 -1.89 7.81
CA LYS A 23 -5.07 -3.08 7.64
C LYS A 23 -6.52 -2.73 7.28
N ALA A 24 -6.79 -1.43 7.13
CA ALA A 24 -8.14 -0.98 6.79
C ALA A 24 -8.63 -1.59 5.48
N ALA A 25 -8.14 -1.06 4.37
CA ALA A 25 -8.54 -1.54 3.05
C ALA A 25 -7.81 -2.84 2.67
N PHE A 26 -6.91 -3.30 3.54
CA PHE A 26 -6.15 -4.51 3.29
C PHE A 26 -7.08 -5.68 2.92
N ASP A 27 -8.31 -5.63 3.41
CA ASP A 27 -9.28 -6.66 3.14
C ASP A 27 -9.97 -6.43 1.79
N MET A 28 -10.54 -5.24 1.61
CA MET A 28 -11.21 -4.89 0.37
C MET A 28 -10.23 -4.88 -0.80
N PHE A 29 -8.95 -4.62 -0.50
CA PHE A 29 -7.92 -4.58 -1.53
C PHE A 29 -7.90 -5.87 -2.34
N ASP A 30 -7.45 -6.95 -1.71
CA ASP A 30 -7.37 -8.25 -2.37
C ASP A 30 -8.74 -8.67 -2.89
N ALA A 31 -8.85 -8.83 -4.20
CA ALA A 31 -10.11 -9.23 -4.82
C ALA A 31 -10.26 -10.75 -4.82
N ASP A 32 -9.24 -11.44 -5.35
CA ASP A 32 -9.26 -12.89 -5.41
C ASP A 32 -8.97 -13.50 -4.04
N GLY A 33 -8.17 -12.79 -3.24
CA GLY A 33 -7.83 -13.28 -1.92
C GLY A 33 -6.80 -14.40 -1.96
N GLY A 34 -5.87 -14.31 -2.90
CA GLY A 34 -4.84 -15.34 -3.02
C GLY A 34 -3.72 -14.92 -3.95
N GLY A 35 -3.44 -13.62 -4.00
CA GLY A 35 -2.39 -13.12 -4.87
C GLY A 35 -1.71 -11.89 -4.31
N ASP A 36 -2.06 -10.73 -4.84
CA ASP A 36 -1.48 -9.47 -4.39
C ASP A 36 -2.28 -8.28 -4.92
N ILE A 37 -1.79 -7.07 -4.64
CA ILE A 37 -2.46 -5.86 -5.09
C ILE A 37 -1.85 -5.35 -6.39
N SER A 38 -2.70 -5.05 -7.37
CA SER A 38 -2.25 -4.55 -8.66
C SER A 38 -2.73 -3.12 -8.89
N THR A 39 -2.64 -2.66 -10.13
CA THR A 39 -3.06 -1.31 -10.48
C THR A 39 -4.57 -1.17 -10.38
N LYS A 40 -5.28 -2.28 -10.61
CA LYS A 40 -6.74 -2.28 -10.55
C LYS A 40 -7.22 -2.28 -9.10
N GLU A 41 -6.64 -3.14 -8.28
CA GLU A 41 -7.01 -3.25 -6.88
C GLU A 41 -6.82 -1.91 -6.16
N LEU A 42 -5.85 -1.13 -6.64
CA LEU A 42 -5.56 0.18 -6.04
C LEU A 42 -6.68 1.17 -6.31
N GLY A 43 -6.92 1.44 -7.59
CA GLY A 43 -7.97 2.38 -7.97
C GLY A 43 -9.31 2.03 -7.35
N THR A 44 -9.50 0.76 -7.01
CA THR A 44 -10.75 0.31 -6.41
C THR A 44 -11.03 1.05 -5.10
N VAL A 45 -10.32 0.65 -4.05
CA VAL A 45 -10.50 1.26 -2.74
C VAL A 45 -10.16 2.75 -2.77
N MET A 46 -9.33 3.15 -3.72
CA MET A 46 -8.92 4.54 -3.85
C MET A 46 -10.03 5.38 -4.48
N ARG A 47 -10.83 4.76 -5.33
CA ARG A 47 -11.93 5.45 -5.99
C ARG A 47 -13.20 5.41 -5.17
N MET A 48 -13.34 4.38 -4.34
CA MET A 48 -14.51 4.23 -3.49
C MET A 48 -14.24 4.73 -2.08
N LEU A 49 -13.44 5.80 -1.97
CA LEU A 49 -13.11 6.38 -0.69
C LEU A 49 -12.94 7.89 -0.79
N GLY A 50 -12.18 8.33 -1.79
CA GLY A 50 -11.97 9.76 -1.99
C GLY A 50 -10.90 10.03 -3.03
N GLN A 51 -9.80 9.29 -2.97
CA GLN A 51 -8.71 9.46 -3.92
C GLN A 51 -9.18 9.21 -5.35
N ASN A 52 -8.37 9.61 -6.32
CA ASN A 52 -8.70 9.42 -7.72
C ASN A 52 -7.44 9.24 -8.57
N PRO A 53 -6.57 8.29 -8.19
CA PRO A 53 -5.33 8.03 -8.92
C PRO A 53 -5.57 7.30 -10.24
N THR A 54 -5.40 8.03 -11.34
CA THR A 54 -5.60 7.47 -12.67
C THR A 54 -4.72 6.25 -12.89
N LYS A 55 -4.79 5.67 -14.08
CA LYS A 55 -4.00 4.50 -14.42
C LYS A 55 -2.52 4.79 -14.28
N CYS A 56 -2.05 5.82 -14.98
CA CYS A 56 -0.65 6.21 -14.94
C CYS A 56 -0.22 6.56 -13.51
N GLU A 57 -1.17 7.07 -12.73
CA GLU A 57 -0.90 7.45 -11.35
C GLU A 57 -0.42 6.23 -10.54
N LEU A 58 -1.30 5.26 -10.37
CA LEU A 58 -0.98 4.06 -9.62
C LEU A 58 0.22 3.33 -10.25
N ASP A 59 0.27 3.33 -11.57
CA ASP A 59 1.36 2.67 -12.29
C ASP A 59 2.71 3.26 -11.91
N ALA A 60 2.70 4.55 -11.57
CA ALA A 60 3.92 5.25 -11.18
C ALA A 60 4.45 4.73 -9.85
N ILE A 61 3.55 4.56 -8.90
CA ILE A 61 3.91 4.07 -7.57
C ILE A 61 4.32 2.60 -7.63
N ILE A 62 3.39 1.74 -8.06
CA ILE A 62 3.65 0.31 -8.16
C ILE A 62 4.98 0.03 -8.85
N CYS A 63 5.31 0.85 -9.85
CA CYS A 63 6.55 0.69 -10.59
C CYS A 63 7.76 0.81 -9.66
N GLU A 64 7.60 1.61 -8.60
CA GLU A 64 8.67 1.81 -7.64
C GLU A 64 8.61 0.75 -6.54
N VAL A 65 7.39 0.32 -6.21
CA VAL A 65 7.19 -0.69 -5.18
C VAL A 65 7.84 -2.01 -5.57
N ASP A 66 7.37 -2.58 -6.68
CA ASP A 66 7.90 -3.85 -7.18
C ASP A 66 9.37 -3.70 -7.58
N GLU A 67 10.26 -4.17 -6.72
CA GLU A 67 11.69 -4.11 -7.00
C GLU A 67 12.11 -5.14 -8.04
N ASP A 68 11.38 -6.25 -8.07
CA ASP A 68 11.68 -7.32 -9.01
C ASP A 68 11.05 -7.04 -10.37
N GLY A 69 9.92 -6.34 -10.36
CA GLY A 69 9.22 -6.02 -11.59
C GLY A 69 8.09 -6.99 -11.91
N SER A 70 7.19 -7.15 -10.94
CA SER A 70 6.06 -8.06 -11.11
C SER A 70 4.75 -7.27 -11.21
N GLY A 71 4.74 -6.06 -10.68
CA GLY A 71 3.54 -5.24 -10.71
C GLY A 71 2.53 -5.64 -9.65
N THR A 72 2.98 -6.43 -8.67
CA THR A 72 2.11 -6.88 -7.60
C THR A 72 2.70 -6.53 -6.24
N ILE A 73 1.84 -6.11 -5.31
CA ILE A 73 2.28 -5.74 -3.97
C ILE A 73 2.04 -6.88 -2.99
N ASP A 74 3.13 -7.33 -2.35
CA ASP A 74 3.05 -8.41 -1.37
C ASP A 74 2.47 -7.91 -0.06
N PHE A 75 2.55 -8.75 0.97
CA PHE A 75 2.04 -8.39 2.29
C PHE A 75 2.75 -7.15 2.83
N GLU A 76 3.98 -7.33 3.29
CA GLU A 76 4.75 -6.22 3.84
C GLU A 76 5.09 -5.21 2.74
N GLU A 77 5.13 -5.67 1.50
CA GLU A 77 5.44 -4.80 0.37
C GLU A 77 4.48 -3.61 0.31
N PHE A 78 3.31 -3.77 0.91
CA PHE A 78 2.32 -2.70 0.93
C PHE A 78 2.76 -1.56 1.84
N LEU A 79 3.74 -1.81 2.69
CA LEU A 79 4.24 -0.79 3.61
C LEU A 79 5.41 -0.03 3.00
N VAL A 80 6.26 -0.73 2.27
CA VAL A 80 7.42 -0.11 1.64
C VAL A 80 7.01 0.78 0.47
N MET A 81 5.87 0.48 -0.14
CA MET A 81 5.39 1.26 -1.28
C MET A 81 5.20 2.73 -0.88
N MET A 82 4.78 2.95 0.36
CA MET A 82 4.57 4.30 0.86
C MET A 82 5.88 4.88 1.39
N VAL A 83 6.75 4.02 1.90
CA VAL A 83 8.03 4.45 2.44
C VAL A 83 8.93 4.98 1.32
N ARG A 84 8.76 4.45 0.12
CA ARG A 84 9.55 4.88 -1.03
C ARG A 84 9.10 6.25 -1.52
N GLN A 85 7.99 6.75 -0.98
CA GLN A 85 7.47 8.05 -1.39
C GLN A 85 7.49 9.03 -0.21
N MET A 86 7.35 8.51 1.00
CA MET A 86 7.35 9.34 2.20
C MET A 86 8.69 10.05 2.37
N LYS A 87 9.69 9.30 2.82
CA LYS A 87 11.03 9.86 3.04
C LYS A 87 11.63 10.36 1.73
N GLU A 88 11.25 9.73 0.62
CA GLU A 88 11.76 10.11 -0.69
C GLU A 88 11.53 11.59 -0.96
N ASP A 89 12.60 12.38 -0.84
CA ASP A 89 12.52 13.82 -1.08
C ASP A 89 13.89 14.46 -0.93
N ALA A 90 14.67 14.47 -2.01
CA ALA A 90 15.99 15.06 -1.99
C ALA A 90 16.90 14.33 -1.01
N ARG B 1 0.24 9.91 -2.87
CA ARG B 1 1.07 8.71 -2.63
C ARG B 1 1.79 8.81 -1.28
N MET B 2 2.26 10.00 -0.95
CA MET B 2 2.97 10.23 0.31
C MET B 2 2.03 10.05 1.50
N SER B 3 1.13 11.01 1.68
CA SER B 3 0.18 10.96 2.78
C SER B 3 -1.07 10.16 2.39
N ALA B 4 -0.95 8.84 2.39
CA ALA B 4 -2.06 7.97 2.03
C ALA B 4 -2.90 7.60 3.26
N ASP B 5 -2.66 8.29 4.37
CA ASP B 5 -3.40 8.03 5.60
C ASP B 5 -4.91 8.19 5.37
N ALA B 6 -5.28 9.01 4.40
CA ALA B 6 -6.68 9.24 4.08
C ALA B 6 -7.39 7.92 3.76
N MET B 7 -6.98 7.30 2.67
CA MET B 7 -7.58 6.02 2.26
C MET B 7 -7.36 4.95 3.32
N LEU B 8 -6.19 5.00 3.97
CA LEU B 8 -5.86 4.04 5.01
C LEU B 8 -6.78 4.21 6.21
N ARG B 9 -7.14 5.45 6.50
CA ARG B 9 -8.02 5.74 7.64
C ARG B 9 -9.49 5.69 7.22
N ALA B 10 -9.74 5.75 5.92
CA ALA B 10 -11.11 5.70 5.40
C ALA B 10 -11.89 4.53 5.99
N LEU B 11 -11.56 3.32 5.54
CA LEU B 11 -12.22 2.12 6.02
C LEU B 11 -11.73 1.75 7.43
N LEU B 12 -10.50 2.14 7.73
CA LEU B 12 -9.92 1.85 9.04
C LEU B 12 -9.85 0.33 9.28
N GLY B 13 -8.98 -0.07 10.19
CA GLY B 13 -8.82 -1.49 10.50
C GLY B 13 -10.14 -2.13 10.88
N SER B 14 -11.07 -1.34 11.38
CA SER B 14 -12.38 -1.85 11.79
C SER B 14 -12.23 -2.94 12.84
N LYS B 15 -11.43 -2.67 13.86
CA LYS B 15 -11.20 -3.64 14.93
C LYS B 15 -12.16 -3.38 16.10
N HIS B 16 -12.27 -2.11 16.50
CA HIS B 16 -13.14 -1.73 17.60
C HIS B 16 -12.61 -2.26 18.93
N LYS B 17 -12.60 -3.57 19.08
CA LYS B 17 -12.11 -4.20 20.30
C LYS B 17 -10.66 -3.80 20.59
CA CA C . 6.67 -7.41 -6.07
CA CA D . -5.74 -9.34 -4.58
N ALA A 1 17.05 -17.54 2.14
CA ALA A 1 17.29 -16.80 0.86
C ALA A 1 16.57 -15.46 0.86
N SER A 2 17.32 -14.39 1.10
CA SER A 2 16.75 -13.05 1.12
C SER A 2 17.11 -12.27 -0.14
N MET A 3 16.46 -11.13 -0.33
CA MET A 3 16.72 -10.30 -1.51
C MET A 3 16.31 -8.85 -1.24
N THR A 4 15.13 -8.67 -0.67
CA THR A 4 14.63 -7.34 -0.36
C THR A 4 13.97 -7.31 1.01
N ASP A 5 14.57 -6.55 1.93
CA ASP A 5 14.05 -6.44 3.29
C ASP A 5 13.39 -5.08 3.52
N GLN A 6 13.36 -4.24 2.49
CA GLN A 6 12.76 -2.92 2.59
C GLN A 6 11.32 -3.00 3.10
N GLN A 7 10.68 -4.14 2.91
CA GLN A 7 9.31 -4.35 3.35
C GLN A 7 9.25 -4.56 4.87
N ALA A 8 10.37 -4.99 5.44
CA ALA A 8 10.44 -5.23 6.88
C ALA A 8 10.62 -3.92 7.64
N GLU A 9 11.61 -3.14 7.22
CA GLU A 9 11.87 -1.85 7.86
C GLU A 9 10.64 -0.96 7.76
N ALA A 10 9.96 -1.03 6.63
CA ALA A 10 8.75 -0.26 6.39
C ALA A 10 7.82 -0.30 7.59
N ARG A 11 7.46 -1.51 8.01
CA ARG A 11 6.59 -1.71 9.16
C ARG A 11 7.12 -0.97 10.39
N ALA A 12 8.43 -0.77 10.42
CA ALA A 12 9.08 -0.08 11.53
C ALA A 12 9.32 1.39 11.21
N PHE A 13 9.26 1.74 9.93
CA PHE A 13 9.49 3.12 9.51
C PHE A 13 8.36 4.03 9.96
N LEU A 14 7.15 3.46 10.06
CA LEU A 14 5.98 4.24 10.47
C LEU A 14 5.53 3.82 11.87
N SER A 15 4.48 4.47 12.36
CA SER A 15 3.93 4.18 13.68
C SER A 15 2.82 3.14 13.59
N GLU A 16 2.50 2.52 14.71
CA GLU A 16 1.43 1.52 14.74
C GLU A 16 0.18 2.07 14.09
N GLU A 17 0.02 3.38 14.15
CA GLU A 17 -1.12 4.07 13.56
C GLU A 17 -1.17 3.80 12.05
N MET A 18 -0.06 4.05 11.38
CA MET A 18 0.02 3.85 9.93
C MET A 18 -0.11 2.37 9.58
N ILE A 19 0.14 1.49 10.55
CA ILE A 19 0.03 0.06 10.33
C ILE A 19 -1.42 -0.39 10.41
N ALA A 20 -2.02 -0.25 11.58
CA ALA A 20 -3.40 -0.63 11.80
C ALA A 20 -4.30 -0.04 10.72
N GLU A 21 -3.88 1.09 10.16
CA GLU A 21 -4.63 1.75 9.10
C GLU A 21 -4.22 1.19 7.75
N PHE A 22 -2.96 0.76 7.64
CA PHE A 22 -2.44 0.20 6.41
C PHE A 22 -3.22 -1.07 6.05
N LYS A 23 -3.62 -1.81 7.08
CA LYS A 23 -4.37 -3.04 6.89
C LYS A 23 -5.85 -2.74 6.62
N ALA A 24 -6.24 -1.47 6.78
CA ALA A 24 -7.62 -1.05 6.55
C ALA A 24 -8.18 -1.61 5.26
N ALA A 25 -7.74 -1.07 4.14
CA ALA A 25 -8.20 -1.50 2.83
C ALA A 25 -7.67 -2.89 2.45
N PHE A 26 -6.80 -3.45 3.28
CA PHE A 26 -6.23 -4.77 3.01
C PHE A 26 -7.29 -5.77 2.60
N ASP A 27 -8.51 -5.57 3.08
CA ASP A 27 -9.62 -6.47 2.76
C ASP A 27 -10.21 -6.13 1.40
N MET A 28 -10.68 -4.89 1.25
CA MET A 28 -11.27 -4.44 -0.01
C MET A 28 -10.27 -4.57 -1.15
N PHE A 29 -8.98 -4.46 -0.82
CA PHE A 29 -7.92 -4.56 -1.81
C PHE A 29 -8.00 -5.89 -2.55
N ASP A 30 -7.59 -6.96 -1.87
CA ASP A 30 -7.61 -8.29 -2.45
C ASP A 30 -9.02 -8.70 -2.88
N ALA A 31 -9.18 -8.97 -4.16
CA ALA A 31 -10.47 -9.37 -4.71
C ALA A 31 -10.61 -10.89 -4.71
N ASP A 32 -9.59 -11.57 -5.23
CA ASP A 32 -9.59 -13.02 -5.29
C ASP A 32 -9.01 -13.61 -4.00
N GLY A 33 -8.15 -12.85 -3.33
CA GLY A 33 -7.55 -13.31 -2.10
C GLY A 33 -6.46 -14.35 -2.34
N GLY A 34 -5.42 -13.95 -3.05
CA GLY A 34 -4.32 -14.86 -3.32
C GLY A 34 -3.50 -14.42 -4.52
N GLY A 35 -3.20 -13.12 -4.60
CA GLY A 35 -2.41 -12.62 -5.71
C GLY A 35 -1.93 -11.19 -5.47
N ASP A 36 -1.73 -10.85 -4.20
CA ASP A 36 -1.26 -9.51 -3.84
C ASP A 36 -2.13 -8.43 -4.47
N ILE A 37 -1.77 -7.17 -4.24
CA ILE A 37 -2.51 -6.06 -4.79
C ILE A 37 -1.93 -5.59 -6.12
N SER A 38 -2.78 -5.50 -7.13
CA SER A 38 -2.37 -5.05 -8.46
C SER A 38 -2.76 -3.60 -8.70
N THR A 39 -2.76 -3.18 -9.95
CA THR A 39 -3.11 -1.81 -10.30
C THR A 39 -4.59 -1.53 -10.03
N LYS A 40 -5.46 -2.26 -10.70
CA LYS A 40 -6.90 -2.09 -10.53
C LYS A 40 -7.31 -2.24 -9.07
N GLU A 41 -6.62 -3.13 -8.35
CA GLU A 41 -6.92 -3.37 -6.94
C GLU A 41 -6.79 -2.09 -6.12
N LEU A 42 -5.97 -1.16 -6.61
CA LEU A 42 -5.75 0.10 -5.90
C LEU A 42 -6.88 1.09 -6.20
N GLY A 43 -7.07 1.40 -7.49
CA GLY A 43 -8.10 2.33 -7.89
C GLY A 43 -9.44 2.04 -7.23
N THR A 44 -9.68 0.78 -6.90
CA THR A 44 -10.93 0.36 -6.27
C THR A 44 -11.14 1.09 -4.95
N VAL A 45 -10.45 0.65 -3.92
CA VAL A 45 -10.57 1.23 -2.59
C VAL A 45 -10.15 2.70 -2.58
N MET A 46 -9.23 3.06 -3.46
CA MET A 46 -8.74 4.43 -3.54
C MET A 46 -9.79 5.37 -4.14
N ARG A 47 -10.61 4.85 -5.05
CA ARG A 47 -11.64 5.66 -5.69
C ARG A 47 -12.92 5.70 -4.85
N MET A 48 -13.14 4.66 -4.04
CA MET A 48 -14.33 4.59 -3.21
C MET A 48 -14.06 5.14 -1.80
N LEU A 49 -12.90 5.77 -1.62
CA LEU A 49 -12.55 6.32 -0.32
C LEU A 49 -12.34 7.83 -0.41
N GLY A 50 -11.68 8.27 -1.48
CA GLY A 50 -11.43 9.69 -1.65
C GLY A 50 -10.41 9.97 -2.75
N GLN A 51 -9.37 9.15 -2.80
CA GLN A 51 -8.31 9.32 -3.80
C GLN A 51 -8.85 9.02 -5.20
N ASN A 52 -8.13 9.50 -6.22
CA ASN A 52 -8.54 9.27 -7.60
C ASN A 52 -7.33 9.07 -8.50
N PRO A 53 -6.39 8.19 -8.11
CA PRO A 53 -5.20 7.91 -8.91
C PRO A 53 -5.49 7.02 -10.11
N THR A 54 -5.46 7.61 -11.30
CA THR A 54 -5.73 6.87 -12.53
C THR A 54 -4.66 5.81 -12.75
N LYS A 55 -4.87 4.98 -13.78
CA LYS A 55 -3.92 3.91 -14.11
C LYS A 55 -2.50 4.44 -14.19
N CYS A 56 -2.35 5.64 -14.74
CA CYS A 56 -1.03 6.26 -14.88
C CYS A 56 -0.46 6.64 -13.52
N GLU A 57 -1.35 6.99 -12.59
CA GLU A 57 -0.93 7.38 -11.25
C GLU A 57 -0.46 6.17 -10.46
N LEU A 58 -1.31 5.16 -10.37
CA LEU A 58 -0.98 3.95 -9.64
C LEU A 58 0.16 3.19 -10.31
N ASP A 59 0.28 3.34 -11.62
CA ASP A 59 1.35 2.68 -12.38
C ASP A 59 2.71 3.26 -12.03
N ALA A 60 2.71 4.51 -11.58
CA ALA A 60 3.95 5.18 -11.21
C ALA A 60 4.42 4.72 -9.84
N ILE A 61 3.46 4.38 -8.97
CA ILE A 61 3.77 3.93 -7.63
C ILE A 61 4.14 2.44 -7.63
N ILE A 62 3.21 1.61 -8.12
CA ILE A 62 3.45 0.17 -8.19
C ILE A 62 4.83 -0.14 -8.76
N CYS A 63 5.19 0.54 -9.83
CA CYS A 63 6.49 0.35 -10.47
C CYS A 63 7.61 0.56 -9.45
N GLU A 64 7.46 1.59 -8.63
CA GLU A 64 8.45 1.90 -7.60
C GLU A 64 8.28 0.94 -6.42
N VAL A 65 7.04 0.54 -6.18
CA VAL A 65 6.72 -0.39 -5.11
C VAL A 65 7.36 -1.75 -5.37
N ASP A 66 7.26 -2.20 -6.61
CA ASP A 66 7.81 -3.49 -7.01
C ASP A 66 9.28 -3.36 -7.40
N GLU A 67 10.16 -3.71 -6.48
CA GLU A 67 11.60 -3.64 -6.73
C GLU A 67 12.04 -4.75 -7.68
N ASP A 68 11.30 -5.86 -7.67
CA ASP A 68 11.61 -6.99 -8.53
C ASP A 68 10.99 -6.80 -9.91
N GLY A 69 9.90 -6.07 -9.98
CA GLY A 69 9.23 -5.83 -11.25
C GLY A 69 8.15 -6.85 -11.53
N SER A 70 7.23 -7.01 -10.59
CA SER A 70 6.14 -7.95 -10.73
C SER A 70 4.80 -7.25 -10.90
N GLY A 71 4.71 -6.02 -10.40
CA GLY A 71 3.48 -5.26 -10.50
C GLY A 71 2.53 -5.57 -9.36
N THR A 72 2.86 -6.56 -8.54
CA THR A 72 2.03 -6.95 -7.42
C THR A 72 2.64 -6.46 -6.10
N ILE A 73 1.77 -6.20 -5.13
CA ILE A 73 2.22 -5.72 -3.82
C ILE A 73 2.08 -6.80 -2.76
N ASP A 74 3.20 -7.26 -2.21
CA ASP A 74 3.20 -8.28 -1.18
C ASP A 74 2.57 -7.76 0.11
N PHE A 75 2.62 -8.57 1.16
CA PHE A 75 2.05 -8.19 2.44
C PHE A 75 2.72 -6.93 2.97
N GLU A 76 3.92 -7.08 3.53
CA GLU A 76 4.66 -5.95 4.07
C GLU A 76 4.95 -4.92 2.98
N GLU A 77 5.02 -5.38 1.74
CA GLU A 77 5.30 -4.51 0.61
C GLU A 77 4.34 -3.32 0.57
N PHE A 78 3.16 -3.50 1.16
CA PHE A 78 2.16 -2.44 1.18
C PHE A 78 2.60 -1.27 2.07
N LEU A 79 3.61 -1.50 2.89
CA LEU A 79 4.13 -0.46 3.76
C LEU A 79 5.33 0.23 3.12
N VAL A 80 6.20 -0.56 2.51
CA VAL A 80 7.38 -0.02 1.85
C VAL A 80 7.00 0.82 0.64
N MET A 81 5.91 0.42 -0.02
CA MET A 81 5.41 1.13 -1.19
C MET A 81 5.31 2.62 -0.90
N MET A 82 4.80 2.93 0.29
CA MET A 82 4.64 4.31 0.71
C MET A 82 5.92 4.84 1.33
N VAL A 83 6.75 3.94 1.83
CA VAL A 83 8.02 4.33 2.45
C VAL A 83 8.97 4.86 1.38
N ARG A 84 8.93 4.24 0.21
CA ARG A 84 9.78 4.65 -0.91
C ARG A 84 9.40 6.05 -1.40
N GLN A 85 8.15 6.44 -1.14
CA GLN A 85 7.65 7.75 -1.54
C GLN A 85 7.67 8.70 -0.36
N MET A 86 7.61 8.15 0.85
CA MET A 86 7.63 8.94 2.07
C MET A 86 9.01 9.51 2.32
N LYS A 87 10.04 8.70 2.04
CA LYS A 87 11.42 9.13 2.23
C LYS A 87 11.91 9.91 1.01
N GLU A 88 11.21 10.99 0.67
CA GLU A 88 11.58 11.82 -0.47
C GLU A 88 11.55 13.30 -0.10
N ASP A 89 11.72 14.15 -1.10
CA ASP A 89 11.70 15.60 -0.88
C ASP A 89 12.81 16.01 0.08
N ALA A 90 12.84 17.29 0.42
CA ALA A 90 13.85 17.82 1.34
C ALA A 90 13.58 19.28 1.66
N ARG B 1 2.03 9.16 -3.13
CA ARG B 1 1.61 8.12 -2.14
C ARG B 1 2.33 8.30 -0.81
N MET B 2 2.31 9.53 -0.30
CA MET B 2 2.96 9.84 0.97
C MET B 2 1.93 9.92 2.10
N SER B 3 1.04 10.91 2.01
CA SER B 3 0.01 11.09 3.02
C SER B 3 -1.23 10.28 2.69
N ALA B 4 -1.05 8.99 2.45
CA ALA B 4 -2.16 8.11 2.13
C ALA B 4 -2.90 7.69 3.39
N ASP B 5 -2.44 8.19 4.54
CA ASP B 5 -3.06 7.86 5.83
C ASP B 5 -4.58 7.96 5.73
N ALA B 6 -5.07 8.84 4.86
CA ALA B 6 -6.50 9.01 4.66
C ALA B 6 -7.15 7.69 4.27
N MET B 7 -6.82 7.20 3.08
CA MET B 7 -7.36 5.92 2.60
C MET B 7 -7.06 4.82 3.60
N LEU B 8 -5.92 4.93 4.25
CA LEU B 8 -5.50 3.95 5.24
C LEU B 8 -6.44 4.01 6.45
N ARG B 9 -6.81 5.22 6.85
CA ARG B 9 -7.71 5.41 7.99
C ARG B 9 -9.17 5.45 7.52
N ALA B 10 -9.42 5.02 6.29
CA ALA B 10 -10.77 5.02 5.74
C ALA B 10 -11.58 3.84 6.25
N LEU B 11 -11.28 2.65 5.72
CA LEU B 11 -11.98 1.44 6.11
C LEU B 11 -11.50 0.94 7.48
N LEU B 12 -10.31 1.37 7.88
CA LEU B 12 -9.74 0.96 9.16
C LEU B 12 -9.66 -0.56 9.26
N GLY B 13 -8.98 -1.04 10.30
CA GLY B 13 -8.85 -2.47 10.49
C GLY B 13 -9.38 -2.93 11.84
N SER B 14 -10.67 -3.24 11.88
CA SER B 14 -11.32 -3.70 13.10
C SER B 14 -11.90 -5.09 12.93
N LYS B 15 -12.40 -5.67 14.02
CA LYS B 15 -12.99 -7.00 13.99
C LYS B 15 -14.37 -6.99 14.63
N HIS B 16 -15.30 -7.75 14.04
CA HIS B 16 -16.66 -7.83 14.57
C HIS B 16 -17.39 -9.04 13.99
N LYS B 17 -17.65 -9.00 12.68
CA LYS B 17 -18.35 -10.08 12.01
C LYS B 17 -17.46 -11.32 11.91
CA CA C . 6.53 -7.16 -5.74
CA CA D . -5.80 -9.56 -5.06
N ALA A 1 10.95 -17.44 0.37
CA ALA A 1 12.31 -17.23 -0.21
C ALA A 1 12.81 -15.82 0.09
N SER A 2 11.92 -14.85 0.06
CA SER A 2 12.28 -13.46 0.34
C SER A 2 13.32 -12.97 -0.67
N MET A 3 13.66 -11.69 -0.57
CA MET A 3 14.64 -11.09 -1.47
C MET A 3 14.90 -9.63 -1.09
N THR A 4 13.85 -8.92 -0.73
CA THR A 4 13.96 -7.52 -0.35
C THR A 4 13.39 -7.29 1.05
N ASP A 5 14.26 -6.93 1.99
CA ASP A 5 13.86 -6.68 3.36
C ASP A 5 13.22 -5.29 3.51
N GLN A 6 13.19 -4.52 2.43
CA GLN A 6 12.62 -3.18 2.44
C GLN A 6 11.20 -3.21 3.01
N GLN A 7 10.54 -4.35 2.90
CA GLN A 7 9.17 -4.51 3.39
C GLN A 7 9.17 -4.65 4.91
N ALA A 8 10.30 -5.06 5.47
CA ALA A 8 10.42 -5.24 6.92
C ALA A 8 10.67 -3.91 7.60
N GLU A 9 11.66 -3.16 7.11
CA GLU A 9 11.98 -1.86 7.68
C GLU A 9 10.76 -0.96 7.65
N ALA A 10 9.98 -1.07 6.58
CA ALA A 10 8.76 -0.29 6.42
C ALA A 10 7.93 -0.27 7.69
N ARG A 11 7.57 -1.45 8.18
CA ARG A 11 6.78 -1.58 9.40
C ARG A 11 7.42 -0.81 10.55
N ALA A 12 8.74 -0.63 10.47
CA ALA A 12 9.48 0.09 11.50
C ALA A 12 9.68 1.55 11.11
N PHE A 13 9.58 1.84 9.82
CA PHE A 13 9.75 3.20 9.32
C PHE A 13 8.54 4.07 9.66
N LEU A 14 7.39 3.43 9.85
CA LEU A 14 6.17 4.15 10.18
C LEU A 14 5.70 3.83 11.59
N SER A 15 4.71 4.56 12.07
CA SER A 15 4.17 4.36 13.41
C SER A 15 3.06 3.30 13.38
N GLU A 16 2.76 2.74 14.55
CA GLU A 16 1.71 1.73 14.66
C GLU A 16 0.43 2.24 14.00
N GLU A 17 0.28 3.57 13.99
CA GLU A 17 -0.89 4.20 13.39
C GLU A 17 -0.99 3.86 11.90
N MET A 18 0.10 4.11 11.18
CA MET A 18 0.14 3.84 9.74
C MET A 18 -0.10 2.36 9.47
N ILE A 19 0.25 1.51 10.43
CA ILE A 19 0.08 0.08 10.30
C ILE A 19 -1.39 -0.30 10.45
N ALA A 20 -1.94 -0.06 11.63
CA ALA A 20 -3.33 -0.36 11.92
C ALA A 20 -4.25 0.17 10.81
N GLU A 21 -3.81 1.21 10.13
CA GLU A 21 -4.57 1.81 9.05
C GLU A 21 -4.20 1.15 7.73
N PHE A 22 -2.95 0.70 7.63
CA PHE A 22 -2.47 0.03 6.43
C PHE A 22 -3.29 -1.23 6.18
N LYS A 23 -3.71 -1.87 7.26
CA LYS A 23 -4.52 -3.08 7.18
C LYS A 23 -5.98 -2.74 6.87
N ALA A 24 -6.31 -1.45 6.91
CA ALA A 24 -7.67 -0.99 6.63
C ALA A 24 -8.25 -1.64 5.38
N ALA A 25 -7.78 -1.17 4.22
CA ALA A 25 -8.26 -1.68 2.94
C ALA A 25 -7.67 -3.05 2.60
N PHE A 26 -6.79 -3.56 3.47
CA PHE A 26 -6.16 -4.86 3.23
C PHE A 26 -7.18 -5.92 2.83
N ASP A 27 -8.43 -5.74 3.28
CA ASP A 27 -9.49 -6.69 2.95
C ASP A 27 -10.14 -6.33 1.63
N MET A 28 -10.66 -5.11 1.53
CA MET A 28 -11.32 -4.65 0.32
C MET A 28 -10.37 -4.70 -0.87
N PHE A 29 -9.07 -4.55 -0.61
CA PHE A 29 -8.06 -4.58 -1.65
C PHE A 29 -8.10 -5.89 -2.42
N ASP A 30 -7.60 -6.96 -1.80
CA ASP A 30 -7.57 -8.28 -2.42
C ASP A 30 -8.95 -8.67 -2.94
N ALA A 31 -9.06 -8.87 -4.24
CA ALA A 31 -10.32 -9.26 -4.86
C ALA A 31 -10.43 -10.78 -4.96
N ASP A 32 -9.37 -11.40 -5.47
CA ASP A 32 -9.34 -12.85 -5.62
C ASP A 32 -8.96 -13.53 -4.30
N GLY A 33 -8.30 -12.79 -3.43
CA GLY A 33 -7.88 -13.33 -2.15
C GLY A 33 -6.62 -14.16 -2.25
N GLY A 34 -5.69 -13.72 -3.10
CA GLY A 34 -4.44 -14.44 -3.28
C GLY A 34 -3.67 -13.99 -4.50
N GLY A 35 -3.61 -12.67 -4.70
CA GLY A 35 -2.89 -12.14 -5.85
C GLY A 35 -2.29 -10.78 -5.58
N ASP A 36 -2.10 -10.47 -4.30
CA ASP A 36 -1.51 -9.19 -3.90
C ASP A 36 -2.30 -8.02 -4.48
N ILE A 37 -1.80 -6.81 -4.26
CA ILE A 37 -2.45 -5.61 -4.75
C ILE A 37 -1.79 -5.10 -6.02
N SER A 38 -2.57 -5.03 -7.10
CA SER A 38 -2.07 -4.56 -8.38
C SER A 38 -2.61 -3.16 -8.69
N THR A 39 -2.51 -2.75 -9.95
CA THR A 39 -2.99 -1.44 -10.37
C THR A 39 -4.51 -1.35 -10.28
N LYS A 40 -5.18 -2.49 -10.43
CA LYS A 40 -6.63 -2.54 -10.36
C LYS A 40 -7.12 -2.57 -8.92
N GLU A 41 -6.40 -3.28 -8.07
CA GLU A 41 -6.77 -3.40 -6.66
C GLU A 41 -6.64 -2.05 -5.94
N LEU A 42 -5.93 -1.12 -6.56
CA LEU A 42 -5.75 0.21 -5.95
C LEU A 42 -6.93 1.11 -6.27
N GLY A 43 -7.15 1.38 -7.55
CA GLY A 43 -8.25 2.24 -7.95
C GLY A 43 -9.56 1.87 -7.28
N THR A 44 -9.69 0.60 -6.94
CA THR A 44 -10.90 0.10 -6.28
C THR A 44 -11.14 0.83 -4.95
N VAL A 45 -10.35 0.46 -3.94
CA VAL A 45 -10.48 1.05 -2.62
C VAL A 45 -10.14 2.54 -2.63
N MET A 46 -9.34 2.96 -3.60
CA MET A 46 -8.94 4.37 -3.68
C MET A 46 -10.06 5.22 -4.28
N ARG A 47 -10.84 4.64 -5.18
CA ARG A 47 -11.94 5.37 -5.81
C ARG A 47 -13.20 5.36 -4.93
N MET A 48 -13.38 4.29 -4.17
CA MET A 48 -14.54 4.17 -3.30
C MET A 48 -14.27 4.75 -1.91
N LEU A 49 -13.14 5.44 -1.76
CA LEU A 49 -12.78 6.05 -0.49
C LEU A 49 -12.67 7.56 -0.61
N GLY A 50 -12.12 8.02 -1.74
CA GLY A 50 -11.95 9.44 -1.95
C GLY A 50 -10.84 9.76 -2.93
N GLN A 51 -9.81 8.92 -2.93
CA GLN A 51 -8.68 9.11 -3.82
C GLN A 51 -9.08 8.87 -5.27
N ASN A 52 -8.30 9.40 -6.21
CA ASN A 52 -8.59 9.24 -7.63
C ASN A 52 -7.32 9.10 -8.45
N PRO A 53 -6.42 8.18 -8.06
CA PRO A 53 -5.17 7.94 -8.77
C PRO A 53 -5.38 7.25 -10.12
N THR A 54 -5.20 8.00 -11.20
CA THR A 54 -5.39 7.45 -12.54
C THR A 54 -4.50 6.23 -12.76
N LYS A 55 -4.56 5.67 -13.97
CA LYS A 55 -3.75 4.50 -14.30
C LYS A 55 -2.27 4.78 -14.10
N CYS A 56 -1.79 5.88 -14.67
CA CYS A 56 -0.39 6.26 -14.55
C CYS A 56 -0.04 6.57 -13.09
N GLU A 57 -1.03 7.07 -12.35
CA GLU A 57 -0.82 7.42 -10.95
C GLU A 57 -0.38 6.19 -10.15
N LEU A 58 -1.22 5.15 -10.16
CA LEU A 58 -0.91 3.93 -9.43
C LEU A 58 0.23 3.18 -10.11
N ASP A 59 0.27 3.23 -11.43
CA ASP A 59 1.32 2.56 -12.19
C ASP A 59 2.68 3.17 -11.90
N ALA A 60 2.68 4.43 -11.49
CA ALA A 60 3.93 5.11 -11.17
C ALA A 60 4.46 4.66 -9.82
N ILE A 61 3.55 4.33 -8.92
CA ILE A 61 3.92 3.85 -7.59
C ILE A 61 4.32 2.39 -7.63
N ILE A 62 3.37 1.53 -8.05
CA ILE A 62 3.62 0.10 -8.15
C ILE A 62 4.99 -0.19 -8.77
N CYS A 63 5.31 0.54 -9.83
CA CYS A 63 6.58 0.38 -10.52
C CYS A 63 7.74 0.65 -9.56
N GLU A 64 7.58 1.69 -8.74
CA GLU A 64 8.60 2.04 -7.77
C GLU A 64 8.57 1.06 -6.60
N VAL A 65 7.36 0.63 -6.23
CA VAL A 65 7.19 -0.31 -5.14
C VAL A 65 7.83 -1.66 -5.48
N ASP A 66 7.40 -2.22 -6.60
CA ASP A 66 7.91 -3.51 -7.05
C ASP A 66 9.37 -3.39 -7.50
N GLU A 67 10.29 -3.74 -6.60
CA GLU A 67 11.71 -3.68 -6.90
C GLU A 67 12.13 -4.82 -7.82
N ASP A 68 11.41 -5.94 -7.72
CA ASP A 68 11.70 -7.11 -8.55
C ASP A 68 11.09 -6.96 -9.94
N GLY A 69 9.97 -6.24 -10.02
CA GLY A 69 9.32 -6.04 -11.30
C GLY A 69 8.18 -7.01 -11.52
N SER A 70 7.29 -7.11 -10.54
CA SER A 70 6.14 -8.02 -10.64
C SER A 70 4.84 -7.25 -10.78
N GLY A 71 4.83 -6.01 -10.30
CA GLY A 71 3.62 -5.19 -10.37
C GLY A 71 2.62 -5.53 -9.29
N THR A 72 2.97 -6.49 -8.43
CA THR A 72 2.09 -6.89 -7.34
C THR A 72 2.68 -6.49 -5.98
N ILE A 73 1.81 -6.12 -5.06
CA ILE A 73 2.24 -5.71 -3.73
C ILE A 73 1.99 -6.80 -2.70
N ASP A 74 3.07 -7.28 -2.08
CA ASP A 74 2.97 -8.34 -1.08
C ASP A 74 2.34 -7.82 0.21
N PHE A 75 2.41 -8.63 1.27
CA PHE A 75 1.84 -8.25 2.55
C PHE A 75 2.51 -6.98 3.09
N GLU A 76 3.75 -7.12 3.56
CA GLU A 76 4.49 -5.98 4.10
C GLU A 76 4.76 -4.96 3.00
N GLU A 77 4.85 -5.44 1.76
CA GLU A 77 5.12 -4.56 0.63
C GLU A 77 4.13 -3.40 0.59
N PHE A 78 2.94 -3.61 1.14
CA PHE A 78 1.92 -2.56 1.18
C PHE A 78 2.38 -1.37 2.02
N LEU A 79 3.41 -1.58 2.84
CA LEU A 79 3.94 -0.51 3.68
C LEU A 79 5.12 0.15 2.99
N VAL A 80 6.06 -0.67 2.52
CA VAL A 80 7.25 -0.16 1.84
C VAL A 80 6.86 0.63 0.59
N MET A 81 5.74 0.25 -0.02
CA MET A 81 5.25 0.92 -1.22
C MET A 81 5.15 2.43 -0.98
N MET A 82 4.65 2.78 0.20
CA MET A 82 4.49 4.18 0.58
C MET A 82 5.77 4.72 1.20
N VAL A 83 6.57 3.83 1.79
CA VAL A 83 7.83 4.23 2.40
C VAL A 83 8.76 4.84 1.36
N ARG A 84 8.68 4.32 0.14
CA ARG A 84 9.50 4.81 -0.97
C ARG A 84 9.01 6.18 -1.45
N GLN A 85 7.81 6.55 -1.04
CA GLN A 85 7.22 7.83 -1.43
C GLN A 85 7.26 8.81 -0.27
N MET A 86 7.33 8.27 0.95
CA MET A 86 7.36 9.09 2.16
C MET A 86 8.75 9.67 2.38
N LYS A 87 9.77 8.83 2.26
CA LYS A 87 11.15 9.27 2.46
C LYS A 87 11.61 10.13 1.29
N GLU A 88 11.69 9.53 0.10
CA GLU A 88 12.11 10.24 -1.09
C GLU A 88 10.98 11.10 -1.66
N ASP A 89 10.95 12.37 -1.25
CA ASP A 89 9.91 13.29 -1.70
C ASP A 89 10.47 14.24 -2.76
N ALA A 90 9.59 14.73 -3.62
CA ALA A 90 10.00 15.65 -4.68
C ALA A 90 8.95 16.75 -4.87
N ARG B 1 0.32 9.93 -2.94
CA ARG B 1 1.54 9.25 -2.43
C ARG B 1 2.00 9.87 -1.12
N MET B 2 2.89 9.17 -0.43
CA MET B 2 3.43 9.63 0.85
C MET B 2 2.32 9.73 1.90
N SER B 3 1.52 10.77 1.81
CA SER B 3 0.42 10.98 2.75
C SER B 3 -0.82 10.20 2.33
N ALA B 4 -0.66 8.90 2.14
CA ALA B 4 -1.77 8.05 1.74
C ALA B 4 -2.53 7.55 2.97
N ASP B 5 -2.14 8.04 4.15
CA ASP B 5 -2.78 7.64 5.40
C ASP B 5 -4.29 7.80 5.31
N ALA B 6 -4.73 8.72 4.45
CA ALA B 6 -6.16 8.96 4.26
C ALA B 6 -6.90 7.67 3.94
N MET B 7 -6.63 7.11 2.76
CA MET B 7 -7.26 5.86 2.35
C MET B 7 -7.03 4.79 3.41
N LEU B 8 -5.87 4.85 4.05
CA LEU B 8 -5.52 3.90 5.10
C LEU B 8 -6.45 4.06 6.29
N ARG B 9 -6.78 5.31 6.62
CA ARG B 9 -7.68 5.60 7.74
C ARG B 9 -9.14 5.64 7.27
N ALA B 10 -9.38 5.18 6.05
CA ALA B 10 -10.73 5.17 5.50
C ALA B 10 -11.56 4.01 6.04
N LEU B 11 -11.20 2.80 5.64
CA LEU B 11 -11.90 1.60 6.07
C LEU B 11 -11.45 1.16 7.47
N LEU B 12 -10.27 1.61 7.87
CA LEU B 12 -9.73 1.26 9.19
C LEU B 12 -9.58 -0.25 9.33
N GLY B 13 -8.74 -0.67 10.27
CA GLY B 13 -8.53 -2.08 10.50
C GLY B 13 -8.79 -2.50 11.94
N SER B 14 -9.12 -3.76 12.14
CA SER B 14 -9.38 -4.28 13.48
C SER B 14 -8.21 -5.10 13.99
N LYS B 15 -8.33 -5.59 15.22
CA LYS B 15 -7.27 -6.40 15.83
C LYS B 15 -7.25 -7.80 15.23
N HIS B 16 -8.32 -8.55 15.44
CA HIS B 16 -8.42 -9.91 14.91
C HIS B 16 -9.52 -10.01 13.86
N LYS B 17 -9.24 -10.75 12.80
CA LYS B 17 -10.21 -10.93 11.73
C LYS B 17 -11.01 -12.22 11.92
CA CA C . 6.63 -7.12 -5.71
CA CA D . -5.79 -9.46 -4.57
N ALA A 1 22.73 -14.38 1.35
CA ALA A 1 21.60 -14.34 0.38
C ALA A 1 20.55 -13.31 0.83
N SER A 2 19.96 -12.62 -0.14
CA SER A 2 18.94 -11.61 0.14
C SER A 2 18.27 -11.14 -1.15
N MET A 3 17.03 -10.70 -1.02
CA MET A 3 16.27 -10.21 -2.18
C MET A 3 15.74 -8.81 -1.92
N THR A 4 15.08 -8.63 -0.79
CA THR A 4 14.51 -7.33 -0.42
C THR A 4 13.86 -7.39 0.96
N ASP A 5 14.49 -6.73 1.92
CA ASP A 5 13.97 -6.71 3.29
C ASP A 5 13.36 -5.35 3.64
N GLN A 6 13.35 -4.43 2.67
CA GLN A 6 12.79 -3.11 2.89
C GLN A 6 11.37 -3.20 3.44
N GLN A 7 10.69 -4.31 3.15
CA GLN A 7 9.33 -4.52 3.61
C GLN A 7 9.29 -4.59 5.13
N ALA A 8 10.36 -5.11 5.72
CA ALA A 8 10.44 -5.23 7.16
C ALA A 8 10.66 -3.88 7.82
N GLU A 9 11.66 -3.15 7.35
CA GLU A 9 11.96 -1.83 7.89
C GLU A 9 10.73 -0.94 7.78
N ALA A 10 9.99 -1.13 6.69
CA ALA A 10 8.77 -0.37 6.45
C ALA A 10 7.88 -0.31 7.69
N ARG A 11 7.49 -1.47 8.18
CA ARG A 11 6.64 -1.57 9.36
C ARG A 11 7.24 -0.77 10.52
N ALA A 12 8.56 -0.63 10.52
CA ALA A 12 9.25 0.12 11.56
C ALA A 12 9.46 1.58 11.15
N PHE A 13 9.38 1.85 9.86
CA PHE A 13 9.56 3.21 9.36
C PHE A 13 8.36 4.08 9.70
N LEU A 14 7.21 3.46 9.87
CA LEU A 14 5.98 4.19 10.20
C LEU A 14 5.52 3.87 11.60
N SER A 15 4.60 4.68 12.12
CA SER A 15 4.07 4.49 13.47
C SER A 15 2.94 3.45 13.45
N GLU A 16 2.64 2.89 14.63
CA GLU A 16 1.58 1.89 14.73
C GLU A 16 0.31 2.41 14.08
N GLU A 17 0.16 3.73 14.06
CA GLU A 17 -1.00 4.37 13.45
C GLU A 17 -1.07 4.05 11.97
N MET A 18 0.00 4.32 11.25
CA MET A 18 0.07 4.06 9.81
C MET A 18 -0.10 2.57 9.51
N ILE A 19 0.12 1.74 10.52
CA ILE A 19 -0.02 0.29 10.36
C ILE A 19 -1.48 -0.13 10.49
N ALA A 20 -2.04 0.08 11.67
CA ALA A 20 -3.44 -0.28 11.93
C ALA A 20 -4.36 0.25 10.83
N GLU A 21 -3.92 1.33 10.18
CA GLU A 21 -4.69 1.93 9.10
C GLU A 21 -4.35 1.24 7.77
N PHE A 22 -3.10 0.81 7.65
CA PHE A 22 -2.65 0.11 6.45
C PHE A 22 -3.49 -1.15 6.24
N LYS A 23 -3.89 -1.77 7.35
CA LYS A 23 -4.69 -2.98 7.30
C LYS A 23 -6.14 -2.66 6.91
N ALA A 24 -6.49 -1.37 7.01
CA ALA A 24 -7.84 -0.92 6.66
C ALA A 24 -8.35 -1.53 5.36
N ALA A 25 -7.88 -1.01 4.24
CA ALA A 25 -8.30 -1.49 2.93
C ALA A 25 -7.64 -2.81 2.55
N PHE A 26 -6.79 -3.34 3.43
CA PHE A 26 -6.11 -4.61 3.17
C PHE A 26 -7.09 -5.70 2.75
N ASP A 27 -8.33 -5.59 3.23
CA ASP A 27 -9.36 -6.57 2.90
C ASP A 27 -9.96 -6.29 1.53
N MET A 28 -10.58 -5.12 1.39
CA MET A 28 -11.20 -4.74 0.12
C MET A 28 -10.17 -4.76 -1.01
N PHE A 29 -8.91 -4.56 -0.67
CA PHE A 29 -7.84 -4.55 -1.66
C PHE A 29 -7.83 -5.86 -2.45
N ASP A 30 -7.46 -6.94 -1.78
CA ASP A 30 -7.40 -8.26 -2.41
C ASP A 30 -8.76 -8.65 -2.97
N ALA A 31 -8.81 -8.87 -4.28
CA ALA A 31 -10.05 -9.25 -4.94
C ALA A 31 -10.21 -10.77 -4.95
N ASP A 32 -9.16 -11.47 -5.39
CA ASP A 32 -9.18 -12.92 -5.45
C ASP A 32 -8.71 -13.53 -4.14
N GLY A 33 -7.87 -12.78 -3.43
CA GLY A 33 -7.35 -13.26 -2.15
C GLY A 33 -6.19 -14.22 -2.32
N GLY A 34 -5.32 -13.93 -3.28
CA GLY A 34 -4.17 -14.78 -3.52
C GLY A 34 -3.34 -14.33 -4.70
N GLY A 35 -3.22 -13.01 -4.86
CA GLY A 35 -2.44 -12.47 -5.97
C GLY A 35 -1.93 -11.07 -5.69
N ASP A 36 -1.78 -10.74 -4.41
CA ASP A 36 -1.30 -9.42 -4.01
C ASP A 36 -2.17 -8.32 -4.59
N ILE A 37 -1.77 -7.07 -4.36
CA ILE A 37 -2.52 -5.92 -4.86
C ILE A 37 -1.90 -5.39 -6.15
N SER A 38 -2.73 -5.28 -7.19
CA SER A 38 -2.28 -4.78 -8.48
C SER A 38 -2.72 -3.33 -8.68
N THR A 39 -2.65 -2.86 -9.92
CA THR A 39 -3.05 -1.49 -10.25
C THR A 39 -4.56 -1.32 -10.14
N LYS A 40 -5.30 -2.34 -10.54
CA LYS A 40 -6.76 -2.30 -10.48
C LYS A 40 -7.26 -2.42 -9.05
N GLU A 41 -6.57 -3.22 -8.26
CA GLU A 41 -6.94 -3.43 -6.85
C GLU A 41 -6.84 -2.14 -6.05
N LEU A 42 -6.01 -1.21 -6.53
CA LEU A 42 -5.82 0.06 -5.86
C LEU A 42 -6.97 1.03 -6.15
N GLY A 43 -7.19 1.29 -7.43
CA GLY A 43 -8.25 2.20 -7.84
C GLY A 43 -9.58 1.89 -7.16
N THR A 44 -9.77 0.62 -6.81
CA THR A 44 -11.00 0.20 -6.17
C THR A 44 -11.23 0.95 -4.85
N VAL A 45 -10.52 0.53 -3.81
CA VAL A 45 -10.64 1.13 -2.50
C VAL A 45 -10.27 2.61 -2.51
N MET A 46 -9.37 2.99 -3.42
CA MET A 46 -8.93 4.38 -3.50
C MET A 46 -10.00 5.28 -4.12
N ARG A 47 -10.79 4.73 -5.04
CA ARG A 47 -11.84 5.50 -5.69
C ARG A 47 -13.11 5.53 -4.84
N MET A 48 -13.32 4.51 -4.04
CA MET A 48 -14.50 4.44 -3.17
C MET A 48 -14.21 5.02 -1.79
N LEU A 49 -13.07 5.67 -1.64
CA LEU A 49 -12.70 6.27 -0.35
C LEU A 49 -12.53 7.77 -0.48
N GLY A 50 -11.92 8.21 -1.59
CA GLY A 50 -11.71 9.63 -1.79
C GLY A 50 -10.67 9.91 -2.86
N GLN A 51 -9.61 9.11 -2.89
CA GLN A 51 -8.55 9.28 -3.88
C GLN A 51 -9.05 8.95 -5.27
N ASN A 52 -8.39 9.49 -6.28
CA ASN A 52 -8.77 9.25 -7.67
C ASN A 52 -7.55 9.16 -8.57
N PRO A 53 -6.53 8.36 -8.19
CA PRO A 53 -5.31 8.20 -8.98
C PRO A 53 -5.55 7.39 -10.25
N THR A 54 -5.35 8.02 -11.40
CA THR A 54 -5.55 7.35 -12.69
C THR A 54 -4.67 6.12 -12.80
N LYS A 55 -4.77 5.41 -13.93
CA LYS A 55 -3.98 4.22 -14.17
C LYS A 55 -2.48 4.52 -14.10
N CYS A 56 -2.07 5.58 -14.80
CA CYS A 56 -0.66 5.98 -14.81
C CYS A 56 -0.21 6.40 -13.42
N GLU A 57 -1.13 6.95 -12.65
CA GLU A 57 -0.83 7.39 -11.29
C GLU A 57 -0.34 6.23 -10.43
N LEU A 58 -1.22 5.26 -10.21
CA LEU A 58 -0.88 4.09 -9.41
C LEU A 58 0.24 3.29 -10.06
N ASP A 59 0.29 3.34 -11.39
CA ASP A 59 1.32 2.62 -12.14
C ASP A 59 2.70 3.19 -11.84
N ALA A 60 2.73 4.47 -11.49
CA ALA A 60 4.00 5.12 -11.17
C ALA A 60 4.50 4.67 -9.80
N ILE A 61 3.55 4.37 -8.91
CA ILE A 61 3.89 3.92 -7.57
C ILE A 61 4.27 2.44 -7.58
N ILE A 62 3.33 1.59 -8.00
CA ILE A 62 3.57 0.15 -8.07
C ILE A 62 4.93 -0.15 -8.69
N CYS A 63 5.24 0.53 -9.78
CA CYS A 63 6.51 0.34 -10.46
C CYS A 63 7.67 0.60 -9.51
N GLU A 64 7.51 1.60 -8.65
CA GLU A 64 8.54 1.95 -7.67
C GLU A 64 8.50 0.98 -6.50
N VAL A 65 7.29 0.51 -6.18
CA VAL A 65 7.11 -0.44 -5.08
C VAL A 65 7.72 -1.79 -5.43
N ASP A 66 7.31 -2.34 -6.56
CA ASP A 66 7.81 -3.63 -7.02
C ASP A 66 9.27 -3.53 -7.45
N GLU A 67 10.14 -4.18 -6.69
CA GLU A 67 11.57 -4.17 -7.00
C GLU A 67 11.98 -5.45 -7.72
N ASP A 68 11.04 -6.02 -8.46
CA ASP A 68 11.29 -7.25 -9.22
C ASP A 68 10.45 -7.29 -10.49
N GLY A 69 9.99 -6.13 -10.96
CA GLY A 69 9.18 -6.07 -12.16
C GLY A 69 8.00 -7.01 -12.10
N SER A 70 7.26 -6.96 -10.99
CA SER A 70 6.09 -7.81 -10.82
C SER A 70 4.81 -7.00 -10.82
N GLY A 71 4.91 -5.74 -10.41
CA GLY A 71 3.75 -4.87 -10.36
C GLY A 71 2.73 -5.32 -9.32
N THR A 72 3.15 -6.20 -8.42
CA THR A 72 2.26 -6.70 -7.38
C THR A 72 2.76 -6.30 -5.99
N ILE A 73 1.83 -6.01 -5.09
CA ILE A 73 2.19 -5.61 -3.74
C ILE A 73 1.98 -6.75 -2.75
N ASP A 74 3.09 -7.32 -2.27
CA ASP A 74 3.03 -8.43 -1.32
C ASP A 74 2.41 -7.98 0.01
N PHE A 75 2.53 -8.81 1.03
CA PHE A 75 1.99 -8.51 2.35
C PHE A 75 2.58 -7.21 2.90
N GLU A 76 3.79 -7.30 3.45
CA GLU A 76 4.46 -6.13 4.00
C GLU A 76 4.79 -5.12 2.92
N GLU A 77 4.86 -5.59 1.67
CA GLU A 77 5.17 -4.72 0.53
C GLU A 77 4.25 -3.50 0.52
N PHE A 78 3.05 -3.65 1.08
CA PHE A 78 2.09 -2.56 1.14
C PHE A 78 2.55 -1.47 2.10
N LEU A 79 3.54 -1.80 2.93
CA LEU A 79 4.07 -0.85 3.90
C LEU A 79 5.30 -0.14 3.35
N VAL A 80 6.07 -0.85 2.53
CA VAL A 80 7.28 -0.29 1.93
C VAL A 80 6.93 0.61 0.75
N MET A 81 5.83 0.30 0.08
CA MET A 81 5.38 1.07 -1.07
C MET A 81 5.27 2.54 -0.69
N MET A 82 4.77 2.77 0.50
CA MET A 82 4.58 4.10 1.05
C MET A 82 5.90 4.65 1.55
N VAL A 83 6.75 3.76 2.07
CA VAL A 83 8.06 4.15 2.58
C VAL A 83 8.97 4.63 1.46
N ARG A 84 8.67 4.20 0.23
CA ARG A 84 9.46 4.59 -0.93
C ARG A 84 9.06 5.97 -1.44
N GLN A 85 7.88 6.44 -1.01
CA GLN A 85 7.39 7.75 -1.43
C GLN A 85 7.44 8.73 -0.25
N MET A 86 7.18 8.22 0.94
CA MET A 86 7.18 9.03 2.14
C MET A 86 8.56 9.65 2.37
N LYS A 87 9.57 8.80 2.49
CA LYS A 87 10.94 9.26 2.70
C LYS A 87 11.42 10.08 1.52
N GLU A 88 11.05 11.36 1.50
CA GLU A 88 11.44 12.25 0.42
C GLU A 88 11.48 13.70 0.90
N ASP A 89 12.11 14.57 0.11
CA ASP A 89 12.22 15.98 0.45
C ASP A 89 10.83 16.61 0.60
N ALA A 90 10.29 16.56 1.81
CA ALA A 90 8.98 17.12 2.09
C ALA A 90 9.07 18.63 2.33
N ARG B 1 0.97 10.02 -3.95
CA ARG B 1 1.72 8.83 -3.51
C ARG B 1 2.02 8.88 -2.00
N MET B 2 2.48 10.03 -1.53
CA MET B 2 2.80 10.21 -0.12
C MET B 2 1.56 10.69 0.65
N SER B 3 1.60 10.55 1.97
CA SER B 3 0.50 10.97 2.82
C SER B 3 -0.79 10.24 2.43
N ALA B 4 -0.64 8.99 2.02
CA ALA B 4 -1.78 8.18 1.61
C ALA B 4 -2.53 7.63 2.83
N ASP B 5 -2.07 7.98 4.02
CA ASP B 5 -2.70 7.52 5.26
C ASP B 5 -4.21 7.70 5.21
N ALA B 6 -4.67 8.68 4.44
CA ALA B 6 -6.10 8.95 4.31
C ALA B 6 -6.87 7.68 4.01
N MET B 7 -6.66 7.12 2.81
CA MET B 7 -7.33 5.89 2.41
C MET B 7 -7.08 4.80 3.43
N LEU B 8 -5.91 4.84 4.06
CA LEU B 8 -5.56 3.86 5.06
C LEU B 8 -6.43 4.03 6.30
N ARG B 9 -6.73 5.28 6.64
CA ARG B 9 -7.58 5.58 7.80
C ARG B 9 -9.05 5.64 7.40
N ALA B 10 -9.33 5.41 6.12
CA ALA B 10 -10.69 5.44 5.61
C ALA B 10 -11.54 4.31 6.18
N LEU B 11 -11.26 3.10 5.72
CA LEU B 11 -12.00 1.93 6.17
C LEU B 11 -11.55 1.49 7.57
N LEU B 12 -10.32 1.84 7.92
CA LEU B 12 -9.77 1.49 9.22
C LEU B 12 -9.79 -0.02 9.43
N GLY B 13 -9.15 -0.48 10.51
CA GLY B 13 -9.12 -1.90 10.81
C GLY B 13 -9.25 -2.19 12.29
N SER B 14 -10.48 -2.40 12.73
CA SER B 14 -10.74 -2.69 14.14
C SER B 14 -10.52 -4.16 14.44
N LYS B 15 -10.56 -4.51 15.72
CA LYS B 15 -10.36 -5.89 16.15
C LYS B 15 -11.27 -6.23 17.32
N HIS B 16 -11.57 -7.52 17.48
CA HIS B 16 -12.42 -7.98 18.57
C HIS B 16 -11.66 -8.03 19.89
N LYS B 17 -12.39 -7.98 20.99
CA LYS B 17 -11.78 -8.02 22.32
C LYS B 17 -11.85 -9.42 22.91
CA CA C . 6.71 -6.82 -5.96
CA CA D . -5.67 -9.47 -4.76
N ALA A 1 17.77 -16.28 0.15
CA ALA A 1 16.89 -15.29 0.82
C ALA A 1 17.60 -13.94 0.96
N SER A 2 17.70 -13.21 -0.15
CA SER A 2 18.36 -11.91 -0.15
C SER A 2 18.08 -11.16 -1.45
N MET A 3 17.04 -10.34 -1.45
CA MET A 3 16.67 -9.57 -2.63
C MET A 3 16.16 -8.19 -2.25
N THR A 4 15.26 -8.15 -1.26
CA THR A 4 14.68 -6.90 -0.79
C THR A 4 14.04 -7.07 0.58
N ASP A 5 14.61 -6.40 1.58
CA ASP A 5 14.08 -6.48 2.94
C ASP A 5 13.47 -5.15 3.38
N GLN A 6 13.45 -4.18 2.49
CA GLN A 6 12.90 -2.87 2.80
C GLN A 6 11.49 -2.99 3.37
N GLN A 7 10.80 -4.07 3.03
CA GLN A 7 9.44 -4.31 3.53
C GLN A 7 9.44 -4.43 5.04
N ALA A 8 10.52 -4.99 5.57
CA ALA A 8 10.65 -5.17 7.01
C ALA A 8 10.88 -3.84 7.70
N GLU A 9 11.88 -3.10 7.24
CA GLU A 9 12.19 -1.80 7.82
C GLU A 9 10.96 -0.89 7.74
N ALA A 10 10.20 -1.04 6.67
CA ALA A 10 8.99 -0.27 6.46
C ALA A 10 8.10 -0.30 7.69
N ARG A 11 7.72 -1.49 8.11
CA ARG A 11 6.86 -1.67 9.29
C ARG A 11 7.46 -0.94 10.50
N ALA A 12 8.78 -0.77 10.49
CA ALA A 12 9.47 -0.10 11.58
C ALA A 12 9.66 1.38 11.28
N PHE A 13 9.59 1.74 9.99
CA PHE A 13 9.76 3.14 9.59
C PHE A 13 8.52 3.95 9.93
N LEU A 14 7.37 3.30 9.98
CA LEU A 14 6.11 3.97 10.30
C LEU A 14 5.63 3.60 11.70
N SER A 15 4.65 4.35 12.19
CA SER A 15 4.11 4.12 13.51
C SER A 15 3.01 3.05 13.45
N GLU A 16 2.67 2.49 14.61
CA GLU A 16 1.63 1.46 14.68
C GLU A 16 0.37 1.96 13.97
N GLU A 17 0.20 3.27 13.93
CA GLU A 17 -0.94 3.90 13.29
C GLU A 17 -1.00 3.52 11.81
N MET A 18 0.06 3.88 11.07
CA MET A 18 0.13 3.59 9.64
C MET A 18 -0.08 2.10 9.38
N ILE A 19 0.18 1.28 10.39
CA ILE A 19 0.01 -0.17 10.26
C ILE A 19 -1.46 -0.55 10.43
N ALA A 20 -1.99 -0.30 11.63
CA ALA A 20 -3.38 -0.62 11.93
C ALA A 20 -4.32 -0.04 10.86
N GLU A 21 -3.88 1.03 10.22
CA GLU A 21 -4.65 1.67 9.17
C GLU A 21 -4.32 1.04 7.82
N PHE A 22 -3.11 0.51 7.70
CA PHE A 22 -2.66 -0.14 6.47
C PHE A 22 -3.51 -1.38 6.21
N LYS A 23 -3.75 -2.14 7.27
CA LYS A 23 -4.55 -3.36 7.16
C LYS A 23 -6.02 -3.03 6.88
N ALA A 24 -6.38 -1.76 7.07
CA ALA A 24 -7.74 -1.31 6.84
C ALA A 24 -8.28 -1.77 5.49
N ALA A 25 -7.72 -1.22 4.41
CA ALA A 25 -8.16 -1.57 3.07
C ALA A 25 -7.54 -2.88 2.58
N PHE A 26 -6.68 -3.48 3.40
CA PHE A 26 -6.03 -4.73 3.04
C PHE A 26 -7.05 -5.80 2.63
N ASP A 27 -8.28 -5.65 3.14
CA ASP A 27 -9.34 -6.60 2.83
C ASP A 27 -10.02 -6.27 1.51
N MET A 28 -10.61 -5.09 1.43
CA MET A 28 -11.29 -4.64 0.22
C MET A 28 -10.35 -4.70 -0.99
N PHE A 29 -9.05 -4.57 -0.73
CA PHE A 29 -8.06 -4.61 -1.78
C PHE A 29 -8.13 -5.92 -2.56
N ASP A 30 -7.64 -6.99 -1.95
CA ASP A 30 -7.65 -8.31 -2.58
C ASP A 30 -9.06 -8.71 -3.00
N ALA A 31 -9.24 -8.93 -4.29
CA ALA A 31 -10.53 -9.32 -4.83
C ALA A 31 -10.70 -10.84 -4.79
N ASP A 32 -9.71 -11.54 -5.33
CA ASP A 32 -9.74 -13.00 -5.36
C ASP A 32 -9.24 -13.57 -4.03
N GLY A 33 -8.38 -12.82 -3.36
CA GLY A 33 -7.84 -13.27 -2.08
C GLY A 33 -6.83 -14.40 -2.24
N GLY A 34 -5.55 -14.04 -2.30
CA GLY A 34 -4.52 -15.04 -2.45
C GLY A 34 -3.29 -14.51 -3.15
N GLY A 35 -3.48 -13.48 -3.97
CA GLY A 35 -2.36 -12.90 -4.70
C GLY A 35 -1.81 -11.66 -4.02
N ASP A 36 -2.02 -10.51 -4.65
CA ASP A 36 -1.54 -9.24 -4.11
C ASP A 36 -2.32 -8.07 -4.70
N ILE A 37 -1.88 -6.85 -4.38
CA ILE A 37 -2.53 -5.65 -4.88
C ILE A 37 -1.86 -5.15 -6.16
N SER A 38 -2.64 -5.04 -7.23
CA SER A 38 -2.13 -4.56 -8.51
C SER A 38 -2.63 -3.14 -8.79
N THR A 39 -2.51 -2.72 -10.04
CA THR A 39 -2.95 -1.38 -10.44
C THR A 39 -4.47 -1.26 -10.37
N LYS A 40 -5.16 -2.38 -10.60
CA LYS A 40 -6.61 -2.38 -10.56
C LYS A 40 -7.13 -2.42 -9.12
N GLU A 41 -6.47 -3.22 -8.28
CA GLU A 41 -6.86 -3.33 -6.88
C GLU A 41 -6.72 -2.00 -6.15
N LEU A 42 -5.84 -1.15 -6.65
CA LEU A 42 -5.62 0.16 -6.04
C LEU A 42 -6.70 1.15 -6.43
N GLY A 43 -6.95 1.28 -7.73
CA GLY A 43 -7.96 2.20 -8.22
C GLY A 43 -9.33 1.91 -7.63
N THR A 44 -9.52 0.68 -7.14
CA THR A 44 -10.80 0.28 -6.55
C THR A 44 -11.09 1.08 -5.28
N VAL A 45 -10.46 0.66 -4.18
CA VAL A 45 -10.65 1.30 -2.88
C VAL A 45 -10.36 2.80 -2.93
N MET A 46 -9.33 3.19 -3.68
CA MET A 46 -8.96 4.59 -3.77
C MET A 46 -10.04 5.42 -4.46
N ARG A 47 -10.86 4.77 -5.27
CA ARG A 47 -11.93 5.47 -5.99
C ARG A 47 -13.22 5.50 -5.15
N MET A 48 -13.40 4.48 -4.31
CA MET A 48 -14.59 4.41 -3.48
C MET A 48 -14.35 5.01 -2.09
N LEU A 49 -13.22 5.70 -1.93
CA LEU A 49 -12.88 6.32 -0.66
C LEU A 49 -12.81 7.84 -0.80
N GLY A 50 -12.25 8.30 -1.90
CA GLY A 50 -12.13 9.73 -2.14
C GLY A 50 -11.02 10.06 -3.12
N GLN A 51 -9.94 9.29 -3.07
CA GLN A 51 -8.81 9.50 -3.96
C GLN A 51 -9.19 9.17 -5.40
N ASN A 52 -8.32 9.54 -6.34
CA ASN A 52 -8.59 9.27 -7.75
C ASN A 52 -7.31 8.93 -8.51
N PRO A 53 -6.44 8.06 -7.96
CA PRO A 53 -5.20 7.67 -8.63
C PRO A 53 -5.45 7.17 -10.05
N THR A 54 -5.06 7.98 -11.04
CA THR A 54 -5.24 7.62 -12.43
C THR A 54 -4.49 6.33 -12.76
N LYS A 55 -4.78 5.76 -13.93
CA LYS A 55 -4.13 4.54 -14.36
C LYS A 55 -2.61 4.70 -14.39
N CYS A 56 -2.16 5.93 -14.61
CA CYS A 56 -0.73 6.22 -14.66
C CYS A 56 -0.18 6.49 -13.26
N GLU A 57 -1.01 7.09 -12.42
CA GLU A 57 -0.61 7.40 -11.04
C GLU A 57 -0.19 6.14 -10.30
N LEU A 58 -1.11 5.20 -10.18
CA LEU A 58 -0.84 3.94 -9.49
C LEU A 58 0.24 3.15 -10.21
N ASP A 59 0.28 3.28 -11.54
CA ASP A 59 1.27 2.59 -12.34
C ASP A 59 2.67 3.13 -12.07
N ALA A 60 2.73 4.38 -11.63
CA ALA A 60 4.00 5.01 -11.33
C ALA A 60 4.51 4.58 -9.96
N ILE A 61 3.58 4.35 -9.04
CA ILE A 61 3.93 3.93 -7.69
C ILE A 61 4.27 2.43 -7.67
N ILE A 62 3.33 1.61 -8.12
CA ILE A 62 3.53 0.15 -8.17
C ILE A 62 4.88 -0.19 -8.78
N CYS A 63 5.21 0.48 -9.89
CA CYS A 63 6.48 0.24 -10.56
C CYS A 63 7.64 0.55 -9.63
N GLU A 64 7.45 1.54 -8.76
CA GLU A 64 8.46 1.93 -7.80
C GLU A 64 8.41 1.01 -6.58
N VAL A 65 7.20 0.58 -6.24
CA VAL A 65 7.00 -0.31 -5.10
C VAL A 65 7.61 -1.69 -5.37
N ASP A 66 7.28 -2.25 -6.53
CA ASP A 66 7.79 -3.56 -6.92
C ASP A 66 9.26 -3.48 -7.32
N GLU A 67 10.11 -4.18 -6.57
CA GLU A 67 11.54 -4.20 -6.85
C GLU A 67 11.94 -5.49 -7.55
N ASP A 68 11.01 -6.09 -8.29
CA ASP A 68 11.26 -7.32 -9.00
C ASP A 68 10.45 -7.41 -10.28
N GLY A 69 10.01 -6.25 -10.78
CA GLY A 69 9.22 -6.22 -12.00
C GLY A 69 8.04 -7.16 -11.97
N SER A 70 7.18 -7.01 -10.97
CA SER A 70 6.01 -7.88 -10.83
C SER A 70 4.72 -7.06 -10.89
N GLY A 71 4.76 -5.85 -10.34
CA GLY A 71 3.58 -5.00 -10.35
C GLY A 71 2.59 -5.38 -9.26
N THR A 72 2.95 -6.33 -8.42
CA THR A 72 2.08 -6.78 -7.33
C THR A 72 2.63 -6.36 -5.98
N ILE A 73 1.73 -6.02 -5.06
CA ILE A 73 2.13 -5.59 -3.72
C ILE A 73 1.88 -6.69 -2.69
N ASP A 74 2.95 -7.14 -2.05
CA ASP A 74 2.84 -8.18 -1.02
C ASP A 74 2.31 -7.62 0.28
N PHE A 75 2.38 -8.42 1.34
CA PHE A 75 1.91 -8.00 2.66
C PHE A 75 2.64 -6.75 3.14
N GLU A 76 3.84 -6.95 3.67
CA GLU A 76 4.63 -5.83 4.16
C GLU A 76 4.95 -4.85 3.04
N GLU A 77 5.03 -5.38 1.82
CA GLU A 77 5.33 -4.56 0.64
C GLU A 77 4.37 -3.37 0.55
N PHE A 78 3.17 -3.53 1.11
CA PHE A 78 2.18 -2.46 1.08
C PHE A 78 2.57 -1.31 2.00
N LEU A 79 3.58 -1.55 2.85
CA LEU A 79 4.05 -0.52 3.76
C LEU A 79 5.26 0.19 3.16
N VAL A 80 6.18 -0.59 2.60
CA VAL A 80 7.38 -0.03 1.99
C VAL A 80 7.01 0.86 0.79
N MET A 81 5.90 0.52 0.14
CA MET A 81 5.44 1.30 -1.01
C MET A 81 5.31 2.78 -0.64
N MET A 82 4.77 3.02 0.54
CA MET A 82 4.59 4.38 1.02
C MET A 82 5.91 4.92 1.60
N VAL A 83 6.73 4.01 2.10
CA VAL A 83 8.03 4.38 2.67
C VAL A 83 8.93 4.99 1.59
N ARG A 84 8.75 4.54 0.36
CA ARG A 84 9.54 5.03 -0.76
C ARG A 84 9.04 6.42 -1.21
N GLN A 85 7.81 6.75 -0.83
CA GLN A 85 7.23 8.04 -1.20
C GLN A 85 7.15 8.97 0.01
N MET A 86 7.31 8.40 1.20
CA MET A 86 7.26 9.19 2.44
C MET A 86 8.59 9.88 2.71
N LYS A 87 9.65 9.08 2.78
CA LYS A 87 10.99 9.62 3.04
C LYS A 87 11.57 10.25 1.78
N GLU A 88 11.09 11.44 1.44
CA GLU A 88 11.56 12.14 0.25
C GLU A 88 12.61 13.18 0.62
N ASP A 89 13.39 12.89 1.66
CA ASP A 89 14.43 13.80 2.11
C ASP A 89 15.22 13.20 3.27
N ALA A 90 14.50 12.64 4.23
CA ALA A 90 15.12 12.03 5.40
C ALA A 90 15.97 13.03 6.16
N ARG B 1 0.72 9.93 -2.50
CA ARG B 1 1.74 8.86 -2.33
C ARG B 1 2.30 8.86 -0.91
N MET B 2 2.77 10.01 -0.46
CA MET B 2 3.34 10.14 0.88
C MET B 2 2.26 10.04 1.95
N SER B 3 1.37 11.02 1.97
CA SER B 3 0.28 11.05 2.94
C SER B 3 -0.92 10.24 2.46
N ALA B 4 -0.67 8.98 2.10
CA ALA B 4 -1.74 8.10 1.64
C ALA B 4 -2.57 7.60 2.80
N ASP B 5 -2.14 7.93 4.02
CA ASP B 5 -2.84 7.51 5.23
C ASP B 5 -4.35 7.65 5.11
N ALA B 6 -4.79 8.59 4.27
CA ALA B 6 -6.22 8.82 4.07
C ALA B 6 -6.96 7.51 3.84
N MET B 7 -6.66 6.84 2.74
CA MET B 7 -7.30 5.56 2.44
C MET B 7 -7.09 4.59 3.59
N LEU B 8 -5.89 4.62 4.16
CA LEU B 8 -5.55 3.77 5.28
C LEU B 8 -6.48 4.05 6.46
N ARG B 9 -6.90 5.32 6.59
CA ARG B 9 -7.79 5.72 7.65
C ARG B 9 -9.25 5.59 7.22
N ALA B 10 -9.48 5.55 5.92
CA ALA B 10 -10.82 5.42 5.37
C ALA B 10 -11.55 4.19 5.89
N LEU B 11 -11.09 3.02 5.47
CA LEU B 11 -11.71 1.76 5.89
C LEU B 11 -11.19 1.30 7.25
N LEU B 12 -10.34 2.12 7.88
CA LEU B 12 -9.79 1.78 9.19
C LEU B 12 -10.84 1.16 10.11
N GLY B 13 -11.85 1.95 10.46
CA GLY B 13 -12.91 1.46 11.33
C GLY B 13 -14.10 0.96 10.55
N SER B 14 -14.71 -0.12 11.03
CA SER B 14 -15.87 -0.71 10.38
C SER B 14 -16.74 -1.46 11.39
N LYS B 15 -16.12 -2.35 12.14
CA LYS B 15 -16.83 -3.14 13.14
C LYS B 15 -15.98 -3.33 14.40
N HIS B 16 -14.88 -4.04 14.27
CA HIS B 16 -13.99 -4.30 15.39
C HIS B 16 -12.87 -3.26 15.44
N LYS B 17 -12.60 -2.74 16.62
CA LYS B 17 -11.55 -1.73 16.81
C LYS B 17 -10.31 -2.36 17.43
CA CA C . 6.58 -6.96 -5.81
CA CA D . -5.69 -9.69 -5.24
N ALA A 1 16.46 -18.02 2.36
CA ALA A 1 17.51 -17.16 1.75
C ALA A 1 17.12 -15.69 1.86
N SER A 2 18.11 -14.81 1.72
CA SER A 2 17.87 -13.37 1.80
C SER A 2 17.71 -12.77 0.41
N MET A 3 16.99 -11.65 0.33
CA MET A 3 16.77 -10.97 -0.94
C MET A 3 16.53 -9.48 -0.73
N THR A 4 15.44 -9.16 -0.04
CA THR A 4 15.09 -7.76 0.23
C THR A 4 14.31 -7.65 1.54
N ASP A 5 14.89 -6.91 2.49
CA ASP A 5 14.24 -6.72 3.79
C ASP A 5 13.43 -5.43 3.83
N GLN A 6 13.38 -4.72 2.71
CA GLN A 6 12.63 -3.46 2.64
C GLN A 6 11.21 -3.63 3.18
N GLN A 7 10.60 -4.77 2.88
CA GLN A 7 9.24 -5.06 3.34
C GLN A 7 9.19 -5.15 4.86
N ALA A 8 10.36 -5.31 5.48
CA ALA A 8 10.44 -5.42 6.92
C ALA A 8 10.65 -4.05 7.57
N GLU A 9 11.62 -3.30 7.06
CA GLU A 9 11.91 -1.97 7.58
C GLU A 9 10.68 -1.08 7.48
N ALA A 10 10.01 -1.16 6.33
CA ALA A 10 8.81 -0.37 6.08
C ALA A 10 7.89 -0.35 7.30
N ARG A 11 7.48 -1.53 7.75
CA ARG A 11 6.60 -1.65 8.91
C ARG A 11 7.17 -0.89 10.10
N ALA A 12 8.50 -0.80 10.14
CA ALA A 12 9.18 -0.10 11.22
C ALA A 12 9.39 1.38 10.87
N PHE A 13 9.37 1.69 9.58
CA PHE A 13 9.55 3.07 9.13
C PHE A 13 8.35 3.93 9.49
N LEU A 14 7.21 3.29 9.75
CA LEU A 14 5.99 4.01 10.11
C LEU A 14 5.55 3.66 11.53
N SER A 15 4.67 4.49 12.08
CA SER A 15 4.15 4.28 13.43
C SER A 15 3.04 3.24 13.41
N GLU A 16 2.72 2.70 14.59
CA GLU A 16 1.66 1.71 14.69
C GLU A 16 0.40 2.20 13.99
N GLU A 17 0.25 3.53 13.94
CA GLU A 17 -0.88 4.16 13.29
C GLU A 17 -0.91 3.81 11.80
N MET A 18 0.16 4.16 11.10
CA MET A 18 0.26 3.89 9.67
C MET A 18 0.13 2.39 9.38
N ILE A 19 0.39 1.56 10.40
CA ILE A 19 0.29 0.12 10.25
C ILE A 19 -1.16 -0.33 10.40
N ALA A 20 -1.71 -0.13 11.59
CA ALA A 20 -3.10 -0.52 11.87
C ALA A 20 -4.03 -0.01 10.78
N GLU A 21 -3.62 1.07 10.13
CA GLU A 21 -4.40 1.67 9.06
C GLU A 21 -4.05 1.01 7.73
N PHE A 22 -2.80 0.58 7.61
CA PHE A 22 -2.34 -0.09 6.39
C PHE A 22 -3.14 -1.37 6.15
N LYS A 23 -3.50 -2.02 7.25
CA LYS A 23 -4.29 -3.25 7.18
C LYS A 23 -5.76 -2.94 6.93
N ALA A 24 -6.11 -1.66 7.01
CA ALA A 24 -7.50 -1.23 6.81
C ALA A 24 -8.08 -1.76 5.50
N ALA A 25 -7.62 -1.22 4.39
CA ALA A 25 -8.10 -1.62 3.07
C ALA A 25 -7.46 -2.92 2.60
N PHE A 26 -6.55 -3.48 3.40
CA PHE A 26 -5.88 -4.72 3.04
C PHE A 26 -6.87 -5.81 2.66
N ASP A 27 -8.09 -5.71 3.18
CA ASP A 27 -9.12 -6.70 2.90
C ASP A 27 -9.80 -6.42 1.55
N MET A 28 -10.51 -5.30 1.48
CA MET A 28 -11.20 -4.92 0.26
C MET A 28 -10.25 -4.89 -0.94
N PHE A 29 -8.97 -4.68 -0.65
CA PHE A 29 -7.95 -4.64 -1.69
C PHE A 29 -7.95 -5.92 -2.51
N ASP A 30 -7.51 -7.01 -1.89
CA ASP A 30 -7.47 -8.31 -2.55
C ASP A 30 -8.85 -8.71 -3.06
N ALA A 31 -8.95 -8.90 -4.38
CA ALA A 31 -10.20 -9.30 -5.00
C ALA A 31 -10.35 -10.81 -5.02
N ASP A 32 -9.32 -11.49 -5.53
CA ASP A 32 -9.33 -12.95 -5.61
C ASP A 32 -8.96 -13.56 -4.27
N GLY A 33 -8.20 -12.82 -3.47
CA GLY A 33 -7.79 -13.32 -2.17
C GLY A 33 -6.52 -14.16 -2.25
N GLY A 34 -5.59 -13.75 -3.09
CA GLY A 34 -4.35 -14.48 -3.24
C GLY A 34 -3.55 -14.04 -4.46
N GLY A 35 -3.50 -12.74 -4.69
CA GLY A 35 -2.77 -12.21 -5.83
C GLY A 35 -2.19 -10.84 -5.56
N ASP A 36 -2.06 -10.49 -4.28
CA ASP A 36 -1.51 -9.19 -3.90
C ASP A 36 -2.30 -8.05 -4.53
N ILE A 37 -1.82 -6.83 -4.35
CA ILE A 37 -2.48 -5.66 -4.90
C ILE A 37 -1.77 -5.16 -6.16
N SER A 38 -2.54 -4.95 -7.22
CA SER A 38 -2.01 -4.48 -8.48
C SER A 38 -2.47 -3.06 -8.78
N THR A 39 -2.33 -2.63 -10.02
CA THR A 39 -2.74 -1.28 -10.43
C THR A 39 -4.25 -1.15 -10.42
N LYS A 40 -4.95 -2.27 -10.56
CA LYS A 40 -6.41 -2.27 -10.59
C LYS A 40 -6.98 -2.34 -9.18
N GLU A 41 -6.34 -3.12 -8.32
CA GLU A 41 -6.79 -3.29 -6.94
C GLU A 41 -6.70 -1.97 -6.17
N LEU A 42 -5.93 -1.02 -6.68
CA LEU A 42 -5.78 0.27 -6.03
C LEU A 42 -6.95 1.20 -6.34
N GLY A 43 -7.17 1.45 -7.63
CA GLY A 43 -8.26 2.31 -8.04
C GLY A 43 -9.57 1.96 -7.36
N THR A 44 -9.72 0.69 -6.98
CA THR A 44 -10.94 0.23 -6.31
C THR A 44 -11.19 1.01 -5.02
N VAL A 45 -10.48 0.63 -3.96
CA VAL A 45 -10.63 1.27 -2.67
C VAL A 45 -10.32 2.76 -2.72
N MET A 46 -9.38 3.13 -3.59
CA MET A 46 -8.99 4.54 -3.70
C MET A 46 -10.10 5.39 -4.31
N ARG A 47 -10.90 4.79 -5.19
CA ARG A 47 -12.00 5.51 -5.82
C ARG A 47 -13.25 5.54 -4.94
N MET A 48 -13.41 4.53 -4.10
CA MET A 48 -14.56 4.45 -3.22
C MET A 48 -14.26 5.05 -1.84
N LEU A 49 -13.12 5.71 -1.72
CA LEU A 49 -12.72 6.32 -0.45
C LEU A 49 -12.59 7.83 -0.58
N GLY A 50 -12.01 8.27 -1.70
CA GLY A 50 -11.83 9.69 -1.92
C GLY A 50 -10.77 9.99 -2.96
N GLN A 51 -9.72 9.18 -2.98
CA GLN A 51 -8.63 9.36 -3.94
C GLN A 51 -9.11 9.06 -5.36
N ASN A 52 -8.34 9.50 -6.34
CA ASN A 52 -8.71 9.28 -7.74
C ASN A 52 -7.48 9.03 -8.61
N PRO A 53 -6.56 8.17 -8.16
CA PRO A 53 -5.34 7.85 -8.91
C PRO A 53 -5.62 6.88 -10.06
N THR A 54 -5.58 7.40 -11.28
CA THR A 54 -5.83 6.57 -12.46
C THR A 54 -4.81 5.44 -12.56
N LYS A 55 -4.96 4.61 -13.59
CA LYS A 55 -4.04 3.49 -13.79
C LYS A 55 -2.60 3.97 -13.88
N CYS A 56 -2.41 5.17 -14.43
CA CYS A 56 -1.08 5.76 -14.58
C CYS A 56 -0.55 6.22 -13.23
N GLU A 57 -1.39 6.89 -12.46
CA GLU A 57 -1.01 7.40 -11.14
C GLU A 57 -0.49 6.26 -10.26
N LEU A 58 -1.22 5.16 -10.25
CA LEU A 58 -0.85 4.01 -9.44
C LEU A 58 0.26 3.20 -10.12
N ASP A 59 0.38 3.35 -11.44
CA ASP A 59 1.41 2.64 -12.20
C ASP A 59 2.79 3.21 -11.91
N ALA A 60 2.84 4.49 -11.57
CA ALA A 60 4.11 5.14 -11.27
C ALA A 60 4.60 4.76 -9.88
N ILE A 61 3.67 4.50 -8.97
CA ILE A 61 4.02 4.12 -7.60
C ILE A 61 4.37 2.63 -7.56
N ILE A 62 3.42 1.78 -7.93
CA ILE A 62 3.63 0.33 -7.93
C ILE A 62 4.99 -0.03 -8.53
N CYS A 63 5.29 0.55 -9.69
CA CYS A 63 6.56 0.29 -10.35
C CYS A 63 7.72 0.53 -9.40
N GLU A 64 7.56 1.51 -8.51
CA GLU A 64 8.58 1.82 -7.51
C GLU A 64 8.45 0.88 -6.32
N VAL A 65 7.21 0.49 -6.02
CA VAL A 65 6.94 -0.41 -4.91
C VAL A 65 7.57 -1.77 -5.16
N ASP A 66 7.31 -2.32 -6.34
CA ASP A 66 7.83 -3.62 -6.72
C ASP A 66 9.33 -3.56 -6.97
N GLU A 67 10.10 -4.04 -6.00
CA GLU A 67 11.56 -4.04 -6.11
C GLU A 67 12.02 -5.08 -7.13
N ASP A 68 11.21 -6.11 -7.33
CA ASP A 68 11.54 -7.17 -8.28
C ASP A 68 10.93 -6.87 -9.65
N GLY A 69 9.84 -6.12 -9.67
CA GLY A 69 9.18 -5.79 -10.92
C GLY A 69 8.09 -6.79 -11.27
N SER A 70 7.12 -6.96 -10.36
CA SER A 70 6.03 -7.89 -10.58
C SER A 70 4.69 -7.14 -10.72
N GLY A 71 4.67 -5.88 -10.32
CA GLY A 71 3.45 -5.10 -10.40
C GLY A 71 2.45 -5.49 -9.32
N THR A 72 2.86 -6.39 -8.43
CA THR A 72 2.00 -6.85 -7.34
C THR A 72 2.56 -6.42 -5.99
N ILE A 73 1.68 -5.97 -5.11
CA ILE A 73 2.09 -5.53 -3.78
C ILE A 73 1.87 -6.63 -2.74
N ASP A 74 2.97 -7.17 -2.22
CA ASP A 74 2.90 -8.23 -1.22
C ASP A 74 2.24 -7.71 0.05
N PHE A 75 2.29 -8.51 1.11
CA PHE A 75 1.70 -8.14 2.39
C PHE A 75 2.32 -6.85 2.93
N GLU A 76 3.51 -6.96 3.50
CA GLU A 76 4.21 -5.81 4.05
C GLU A 76 4.61 -4.83 2.95
N GLU A 77 4.65 -5.31 1.72
CA GLU A 77 5.02 -4.48 0.58
C GLU A 77 4.12 -3.25 0.49
N PHE A 78 2.92 -3.33 1.07
CA PHE A 78 2.00 -2.21 1.04
C PHE A 78 2.49 -1.07 1.95
N LEU A 79 3.52 -1.34 2.73
CA LEU A 79 4.08 -0.33 3.62
C LEU A 79 5.27 0.35 2.94
N VAL A 80 6.07 -0.44 2.24
CA VAL A 80 7.23 0.09 1.53
C VAL A 80 6.80 1.00 0.41
N MET A 81 5.66 0.71 -0.19
CA MET A 81 5.12 1.51 -1.28
C MET A 81 5.05 2.97 -0.87
N MET A 82 4.62 3.19 0.37
CA MET A 82 4.51 4.54 0.91
C MET A 82 5.85 5.00 1.48
N VAL A 83 6.63 4.05 1.96
CA VAL A 83 7.95 4.36 2.53
C VAL A 83 8.86 4.94 1.46
N ARG A 84 8.76 4.43 0.24
CA ARG A 84 9.58 4.89 -0.87
C ARG A 84 9.19 6.31 -1.29
N GLN A 85 8.01 6.76 -0.86
CA GLN A 85 7.53 8.09 -1.20
C GLN A 85 7.55 9.00 0.02
N MET A 86 7.48 8.40 1.20
CA MET A 86 7.49 9.15 2.45
C MET A 86 8.88 9.69 2.74
N LYS A 87 9.89 8.85 2.58
CA LYS A 87 11.26 9.25 2.82
C LYS A 87 11.75 10.25 1.77
N GLU A 88 11.25 10.09 0.55
CA GLU A 88 11.61 10.96 -0.55
C GLU A 88 10.66 10.79 -1.73
N ASP A 89 10.33 11.91 -2.38
CA ASP A 89 9.42 11.87 -3.53
C ASP A 89 10.19 11.94 -4.84
N ALA A 90 11.40 11.41 -4.84
CA ALA A 90 12.24 11.41 -6.03
C ALA A 90 13.00 10.09 -6.17
N ARG B 1 0.87 10.20 -4.05
CA ARG B 1 1.69 9.02 -3.66
C ARG B 1 1.91 8.97 -2.16
N MET B 2 2.42 10.08 -1.60
CA MET B 2 2.67 10.16 -0.17
C MET B 2 1.40 10.54 0.59
N SER B 3 1.48 10.49 1.91
CA SER B 3 0.34 10.84 2.76
C SER B 3 -0.89 10.03 2.37
N ALA B 4 -0.65 8.83 1.83
CA ALA B 4 -1.73 7.94 1.43
C ALA B 4 -2.52 7.44 2.63
N ASP B 5 -1.99 7.68 3.83
CA ASP B 5 -2.63 7.25 5.07
C ASP B 5 -4.15 7.46 5.04
N ALA B 6 -4.59 8.45 4.27
CA ALA B 6 -6.03 8.74 4.17
C ALA B 6 -6.82 7.46 3.91
N MET B 7 -6.54 6.80 2.79
CA MET B 7 -7.23 5.57 2.46
C MET B 7 -7.01 4.54 3.56
N LEU B 8 -5.81 4.55 4.12
CA LEU B 8 -5.46 3.63 5.20
C LEU B 8 -6.35 3.89 6.41
N ARG B 9 -6.61 5.17 6.69
CA ARG B 9 -7.45 5.56 7.81
C ARG B 9 -8.92 5.66 7.40
N ALA B 10 -9.24 5.14 6.21
CA ALA B 10 -10.60 5.20 5.70
C ALA B 10 -11.44 4.03 6.21
N LEU B 11 -11.15 2.83 5.69
CA LEU B 11 -11.88 1.64 6.07
C LEU B 11 -11.45 1.14 7.45
N LEU B 12 -10.37 1.70 7.98
CA LEU B 12 -9.88 1.31 9.30
C LEU B 12 -8.79 2.26 9.77
N GLY B 13 -9.13 3.10 10.74
CA GLY B 13 -8.18 4.05 11.28
C GLY B 13 -8.56 4.55 12.65
N SER B 14 -8.65 5.86 12.80
CA SER B 14 -9.01 6.47 14.09
C SER B 14 -10.43 7.04 14.04
N LYS B 15 -10.60 8.15 13.34
CA LYS B 15 -11.90 8.79 13.22
C LYS B 15 -12.68 8.22 12.05
N HIS B 16 -14.01 8.15 12.20
CA HIS B 16 -14.86 7.63 11.14
C HIS B 16 -16.18 8.40 11.08
N LYS B 17 -16.12 9.68 11.41
CA LYS B 17 -17.30 10.54 11.40
C LYS B 17 -16.94 11.98 11.08
CA CA C . 6.47 -7.27 -5.65
CA CA D . -5.82 -9.41 -4.87
N ALA A 1 16.01 -17.13 -1.24
CA ALA A 1 15.80 -16.96 0.22
C ALA A 1 15.54 -15.49 0.57
N SER A 2 16.48 -14.63 0.19
CA SER A 2 16.36 -13.20 0.46
C SER A 2 16.44 -12.39 -0.83
N MET A 3 15.65 -11.33 -0.91
CA MET A 3 15.62 -10.48 -2.09
C MET A 3 15.66 -9.00 -1.69
N THR A 4 14.69 -8.60 -0.87
CA THR A 4 14.60 -7.22 -0.42
C THR A 4 13.88 -7.14 0.92
N ASP A 5 14.61 -6.76 1.97
CA ASP A 5 14.04 -6.64 3.31
C ASP A 5 13.36 -5.29 3.50
N GLN A 6 13.34 -4.46 2.46
CA GLN A 6 12.72 -3.15 2.53
C GLN A 6 11.28 -3.24 3.04
N GLN A 7 10.64 -4.39 2.80
CA GLN A 7 9.27 -4.62 3.23
C GLN A 7 9.20 -4.81 4.74
N ALA A 8 10.34 -5.15 5.35
CA ALA A 8 10.40 -5.39 6.78
C ALA A 8 10.64 -4.08 7.53
N GLU A 9 11.63 -3.31 7.08
CA GLU A 9 11.95 -2.04 7.71
C GLU A 9 10.73 -1.13 7.68
N ALA A 10 9.99 -1.21 6.58
CA ALA A 10 8.78 -0.43 6.39
C ALA A 10 7.88 -0.48 7.62
N ARG A 11 7.51 -1.69 8.02
CA ARG A 11 6.65 -1.89 9.19
C ARG A 11 7.25 -1.20 10.42
N ALA A 12 8.56 -1.03 10.41
CA ALA A 12 9.26 -0.38 11.51
C ALA A 12 9.46 1.10 11.24
N PHE A 13 9.39 1.49 9.97
CA PHE A 13 9.58 2.88 9.59
C PHE A 13 8.32 3.70 9.89
N LEU A 14 7.17 3.04 9.89
CA LEU A 14 5.91 3.71 10.15
C LEU A 14 5.39 3.38 11.55
N SER A 15 4.59 4.27 12.11
CA SER A 15 4.03 4.07 13.44
C SER A 15 2.91 3.03 13.40
N GLU A 16 2.57 2.48 14.56
CA GLU A 16 1.51 1.49 14.65
C GLU A 16 0.25 2.01 13.95
N GLU A 17 0.11 3.34 13.92
CA GLU A 17 -1.02 3.98 13.28
C GLU A 17 -1.05 3.66 11.79
N MET A 18 0.06 3.93 11.12
CA MET A 18 0.17 3.67 9.69
C MET A 18 -0.03 2.18 9.38
N ILE A 19 0.19 1.33 10.37
CA ILE A 19 0.01 -0.10 10.20
C ILE A 19 -1.45 -0.50 10.31
N ALA A 20 -2.03 -0.30 11.49
CA ALA A 20 -3.44 -0.62 11.72
C ALA A 20 -4.31 -0.06 10.61
N GLU A 21 -3.84 1.02 9.98
CA GLU A 21 -4.57 1.66 8.89
C GLU A 21 -4.21 0.99 7.56
N PHE A 22 -2.98 0.53 7.45
CA PHE A 22 -2.51 -0.14 6.25
C PHE A 22 -3.35 -1.39 5.98
N LYS A 23 -3.79 -2.02 7.06
CA LYS A 23 -4.61 -3.21 6.97
C LYS A 23 -6.04 -2.87 6.56
N ALA A 24 -6.40 -1.60 6.71
CA ALA A 24 -7.74 -1.12 6.37
C ALA A 24 -8.22 -1.68 5.03
N ALA A 25 -7.68 -1.16 3.94
CA ALA A 25 -8.06 -1.60 2.61
C ALA A 25 -7.47 -2.97 2.25
N PHE A 26 -6.65 -3.52 3.13
CA PHE A 26 -6.03 -4.82 2.89
C PHE A 26 -7.07 -5.87 2.52
N ASP A 27 -8.30 -5.67 2.99
CA ASP A 27 -9.39 -6.60 2.72
C ASP A 27 -9.99 -6.33 1.34
N MET A 28 -10.53 -5.13 1.17
CA MET A 28 -11.15 -4.74 -0.10
C MET A 28 -10.14 -4.86 -1.25
N PHE A 29 -8.86 -4.70 -0.92
CA PHE A 29 -7.79 -4.79 -1.91
C PHE A 29 -7.84 -6.14 -2.63
N ASP A 30 -7.40 -7.18 -1.93
CA ASP A 30 -7.37 -8.52 -2.49
C ASP A 30 -8.75 -8.94 -2.99
N ALA A 31 -8.84 -9.22 -4.28
CA ALA A 31 -10.09 -9.63 -4.90
C ALA A 31 -10.19 -11.15 -4.96
N ASP A 32 -9.12 -11.79 -5.42
CA ASP A 32 -9.09 -13.24 -5.52
C ASP A 32 -9.14 -13.90 -4.15
N GLY A 33 -8.80 -13.12 -3.12
CA GLY A 33 -8.82 -13.65 -1.77
C GLY A 33 -7.72 -13.07 -0.90
N GLY A 34 -6.52 -13.64 -1.01
CA GLY A 34 -5.39 -13.16 -0.23
C GLY A 34 -4.10 -13.18 -1.01
N GLY A 35 -4.07 -12.43 -2.11
CA GLY A 35 -2.87 -12.37 -2.94
C GLY A 35 -2.09 -11.08 -2.75
N ASP A 36 -2.08 -10.25 -3.78
CA ASP A 36 -1.37 -8.97 -3.74
C ASP A 36 -2.23 -7.85 -4.31
N ILE A 37 -1.62 -6.69 -4.50
CA ILE A 37 -2.33 -5.54 -5.04
C ILE A 37 -1.64 -5.00 -6.29
N SER A 38 -2.41 -4.81 -7.35
CA SER A 38 -1.89 -4.30 -8.62
C SER A 38 -2.44 -2.92 -8.91
N THR A 39 -2.32 -2.47 -10.15
CA THR A 39 -2.82 -1.16 -10.54
C THR A 39 -4.34 -1.09 -10.43
N LYS A 40 -4.99 -2.23 -10.56
CA LYS A 40 -6.45 -2.30 -10.48
C LYS A 40 -6.92 -2.31 -9.04
N GLU A 41 -6.34 -3.18 -8.23
CA GLU A 41 -6.70 -3.30 -6.82
C GLU A 41 -6.57 -1.96 -6.10
N LEU A 42 -5.74 -1.07 -6.64
CA LEU A 42 -5.53 0.25 -6.04
C LEU A 42 -6.63 1.22 -6.44
N GLY A 43 -7.00 1.21 -7.72
CA GLY A 43 -8.03 2.09 -8.20
C GLY A 43 -9.41 1.76 -7.64
N THR A 44 -9.51 0.62 -6.96
CA THR A 44 -10.77 0.19 -6.37
C THR A 44 -11.05 0.93 -5.07
N VAL A 45 -10.35 0.52 -4.02
CA VAL A 45 -10.51 1.10 -2.69
C VAL A 45 -10.25 2.61 -2.69
N MET A 46 -9.27 3.05 -3.46
CA MET A 46 -8.92 4.46 -3.51
C MET A 46 -10.02 5.29 -4.17
N ARG A 47 -10.75 4.69 -5.10
CA ARG A 47 -11.83 5.38 -5.79
C ARG A 47 -13.11 5.42 -4.95
N MET A 48 -13.29 4.38 -4.13
CA MET A 48 -14.47 4.30 -3.27
C MET A 48 -14.22 4.88 -1.89
N LEU A 49 -13.07 5.55 -1.73
CA LEU A 49 -12.73 6.15 -0.44
C LEU A 49 -12.60 7.67 -0.57
N GLY A 50 -12.02 8.13 -1.66
CA GLY A 50 -11.85 9.56 -1.87
C GLY A 50 -10.82 9.88 -2.93
N GLN A 51 -9.73 9.12 -2.94
CA GLN A 51 -8.66 9.33 -3.91
C GLN A 51 -9.12 8.99 -5.32
N ASN A 52 -8.43 9.50 -6.32
CA ASN A 52 -8.78 9.23 -7.71
C ASN A 52 -7.53 9.11 -8.59
N PRO A 53 -6.57 8.27 -8.18
CA PRO A 53 -5.33 8.07 -8.94
C PRO A 53 -5.55 7.24 -10.20
N THR A 54 -5.48 7.89 -11.35
CA THR A 54 -5.68 7.22 -12.63
C THR A 54 -4.73 6.05 -12.78
N LYS A 55 -4.78 5.39 -13.94
CA LYS A 55 -3.92 4.24 -14.22
C LYS A 55 -2.45 4.62 -14.08
N CYS A 56 -2.04 5.65 -14.82
CA CYS A 56 -0.66 6.12 -14.78
C CYS A 56 -0.27 6.54 -13.37
N GLU A 57 -1.23 7.04 -12.61
CA GLU A 57 -0.99 7.47 -11.24
C GLU A 57 -0.50 6.30 -10.38
N LEU A 58 -1.33 5.28 -10.25
CA LEU A 58 -0.98 4.10 -9.46
C LEU A 58 0.16 3.34 -10.12
N ASP A 59 0.20 3.36 -11.45
CA ASP A 59 1.24 2.67 -12.21
C ASP A 59 2.60 3.29 -11.93
N ALA A 60 2.60 4.58 -11.60
CA ALA A 60 3.85 5.27 -11.30
C ALA A 60 4.39 4.85 -9.94
N ILE A 61 3.50 4.52 -9.03
CA ILE A 61 3.88 4.08 -7.70
C ILE A 61 4.29 2.61 -7.72
N ILE A 62 3.37 1.74 -8.12
CA ILE A 62 3.63 0.31 -8.20
C ILE A 62 4.97 0.03 -8.86
N CYS A 63 5.28 0.79 -9.91
CA CYS A 63 6.53 0.63 -10.63
C CYS A 63 7.71 0.92 -9.72
N GLU A 64 7.58 1.95 -8.89
CA GLU A 64 8.63 2.33 -7.96
C GLU A 64 8.70 1.34 -6.80
N VAL A 65 7.54 0.90 -6.35
CA VAL A 65 7.46 -0.05 -5.24
C VAL A 65 8.06 -1.39 -5.64
N ASP A 66 7.48 -2.03 -6.64
CA ASP A 66 7.95 -3.32 -7.12
C ASP A 66 9.41 -3.24 -7.55
N GLU A 67 10.31 -3.54 -6.62
CA GLU A 67 11.74 -3.52 -6.90
C GLU A 67 12.14 -4.64 -7.85
N ASP A 68 11.39 -5.74 -7.79
CA ASP A 68 11.66 -6.89 -8.65
C ASP A 68 11.03 -6.70 -10.03
N GLY A 69 9.93 -5.95 -10.07
CA GLY A 69 9.25 -5.71 -11.33
C GLY A 69 8.20 -6.76 -11.62
N SER A 70 7.23 -6.89 -10.72
CA SER A 70 6.16 -7.86 -10.88
C SER A 70 4.81 -7.18 -11.02
N GLY A 71 4.67 -6.00 -10.39
CA GLY A 71 3.42 -5.28 -10.45
C GLY A 71 2.47 -5.66 -9.33
N THR A 72 2.83 -6.70 -8.58
CA THR A 72 2.00 -7.17 -7.47
C THR A 72 2.61 -6.75 -6.13
N ILE A 73 1.80 -6.12 -5.29
CA ILE A 73 2.25 -5.67 -3.98
C ILE A 73 2.03 -6.74 -2.92
N ASP A 74 3.11 -7.35 -2.47
CA ASP A 74 3.04 -8.40 -1.45
C ASP A 74 2.39 -7.88 -0.17
N PHE A 75 2.51 -8.65 0.91
CA PHE A 75 1.92 -8.27 2.19
C PHE A 75 2.57 -6.99 2.73
N GLU A 76 3.74 -7.14 3.34
CA GLU A 76 4.47 -6.00 3.90
C GLU A 76 4.81 -4.98 2.82
N GLU A 77 4.87 -5.44 1.57
CA GLU A 77 5.18 -4.56 0.46
C GLU A 77 4.29 -3.32 0.45
N PHE A 78 3.06 -3.47 0.95
CA PHE A 78 2.13 -2.36 1.02
C PHE A 78 2.61 -1.30 1.99
N LEU A 79 3.58 -1.66 2.84
CA LEU A 79 4.12 -0.72 3.81
C LEU A 79 5.35 -0.01 3.24
N VAL A 80 6.19 -0.75 2.53
CA VAL A 80 7.39 -0.18 1.93
C VAL A 80 7.03 0.77 0.79
N MET A 81 6.00 0.40 0.03
CA MET A 81 5.54 1.22 -1.08
C MET A 81 5.37 2.66 -0.64
N MET A 82 4.82 2.80 0.56
CA MET A 82 4.56 4.08 1.15
C MET A 82 5.86 4.72 1.67
N VAL A 83 6.80 3.87 2.08
CA VAL A 83 8.08 4.33 2.58
C VAL A 83 8.91 4.93 1.46
N ARG A 84 8.72 4.41 0.25
CA ARG A 84 9.46 4.89 -0.92
C ARG A 84 8.99 6.29 -1.32
N GLN A 85 7.78 6.65 -0.92
CA GLN A 85 7.22 7.97 -1.25
C GLN A 85 7.22 8.87 -0.02
N MET A 86 7.28 8.26 1.17
CA MET A 86 7.28 9.02 2.41
C MET A 86 8.64 9.67 2.65
N LYS A 87 9.70 8.94 2.36
CA LYS A 87 11.05 9.46 2.54
C LYS A 87 11.36 10.55 1.51
N GLU A 88 10.66 11.67 1.63
CA GLU A 88 10.85 12.80 0.72
C GLU A 88 12.17 13.51 1.02
N ASP A 89 12.22 14.21 2.15
CA ASP A 89 13.41 14.94 2.55
C ASP A 89 13.38 15.26 4.03
N ALA A 90 12.25 15.76 4.51
CA ALA A 90 12.09 16.11 5.92
C ALA A 90 10.81 15.51 6.49
N ARG B 1 0.59 10.51 -2.83
CA ARG B 1 1.52 9.36 -2.87
C ARG B 1 2.24 9.18 -1.54
N MET B 2 2.46 10.29 -0.84
CA MET B 2 3.14 10.25 0.46
C MET B 2 2.13 10.07 1.58
N SER B 3 1.31 11.09 1.80
CA SER B 3 0.30 11.05 2.85
C SER B 3 -0.90 10.21 2.43
N ALA B 4 -0.64 8.93 2.15
CA ALA B 4 -1.70 8.02 1.74
C ALA B 4 -2.46 7.49 2.95
N ASP B 5 -2.06 7.93 4.15
CA ASP B 5 -2.70 7.50 5.38
C ASP B 5 -4.22 7.64 5.29
N ALA B 6 -4.68 8.56 4.44
CA ALA B 6 -6.11 8.79 4.26
C ALA B 6 -6.83 7.49 3.92
N MET B 7 -6.58 6.97 2.72
CA MET B 7 -7.20 5.72 2.29
C MET B 7 -6.93 4.62 3.31
N LEU B 8 -5.77 4.70 3.95
CA LEU B 8 -5.39 3.72 4.95
C LEU B 8 -6.29 3.85 6.18
N ARG B 9 -6.61 5.09 6.55
CA ARG B 9 -7.46 5.35 7.70
C ARG B 9 -8.93 5.41 7.29
N ALA B 10 -9.22 5.01 6.05
CA ALA B 10 -10.58 5.01 5.54
C ALA B 10 -11.39 3.83 6.08
N LEU B 11 -11.05 2.64 5.62
CA LEU B 11 -11.74 1.43 6.04
C LEU B 11 -11.25 0.96 7.42
N LEU B 12 -10.12 1.52 7.87
CA LEU B 12 -9.56 1.17 9.17
C LEU B 12 -9.13 -0.30 9.21
N GLY B 13 -10.11 -1.18 9.33
CA GLY B 13 -9.81 -2.60 9.37
C GLY B 13 -9.97 -3.19 10.76
N SER B 14 -11.19 -3.58 11.11
CA SER B 14 -11.49 -4.14 12.42
C SER B 14 -12.72 -5.04 12.37
N LYS B 15 -12.50 -6.33 12.19
CA LYS B 15 -13.60 -7.30 12.13
C LYS B 15 -13.79 -7.99 13.46
N HIS B 16 -13.49 -7.28 14.55
CA HIS B 16 -13.64 -7.83 15.88
C HIS B 16 -12.75 -9.06 16.07
N LYS B 17 -11.60 -9.06 15.40
CA LYS B 17 -10.67 -10.17 15.50
C LYS B 17 -10.00 -10.21 16.86
CA CA C . 6.60 -7.06 -5.91
CA CA D . -5.55 -9.31 -4.75
N ALA A 1 10.17 -17.98 0.68
CA ALA A 1 11.13 -17.40 -0.29
C ALA A 1 11.17 -15.87 -0.17
N SER A 2 12.31 -15.36 0.28
CA SER A 2 12.48 -13.91 0.44
C SER A 2 12.95 -13.27 -0.86
N MET A 3 13.19 -11.97 -0.82
CA MET A 3 13.64 -11.24 -2.00
C MET A 3 14.15 -9.85 -1.61
N THR A 4 13.41 -9.18 -0.73
CA THR A 4 13.77 -7.85 -0.28
C THR A 4 13.17 -7.55 1.10
N ASP A 5 14.03 -7.26 2.06
CA ASP A 5 13.59 -6.97 3.43
C ASP A 5 13.01 -5.55 3.54
N GLN A 6 13.01 -4.81 2.44
CA GLN A 6 12.49 -3.44 2.43
C GLN A 6 11.06 -3.39 2.96
N GLN A 7 10.36 -4.53 2.88
CA GLN A 7 8.99 -4.61 3.34
C GLN A 7 8.94 -4.78 4.86
N ALA A 8 10.04 -5.26 5.43
CA ALA A 8 10.12 -5.47 6.87
C ALA A 8 10.43 -4.15 7.58
N GLU A 9 11.45 -3.45 7.11
CA GLU A 9 11.83 -2.17 7.69
C GLU A 9 10.64 -1.22 7.65
N ALA A 10 9.87 -1.30 6.58
CA ALA A 10 8.69 -0.46 6.39
C ALA A 10 7.84 -0.42 7.65
N ARG A 11 7.35 -1.59 8.08
CA ARG A 11 6.52 -1.69 9.27
C ARG A 11 7.20 -1.02 10.46
N ALA A 12 8.54 -0.97 10.43
CA ALA A 12 9.31 -0.34 11.49
C ALA A 12 9.57 1.13 11.19
N PHE A 13 9.49 1.50 9.92
CA PHE A 13 9.72 2.89 9.52
C PHE A 13 8.50 3.75 9.82
N LEU A 14 7.33 3.13 9.85
CA LEU A 14 6.09 3.84 10.13
C LEU A 14 5.58 3.53 11.54
N SER A 15 4.84 4.46 12.11
CA SER A 15 4.29 4.29 13.45
C SER A 15 3.17 3.25 13.43
N GLU A 16 2.85 2.71 14.61
CA GLU A 16 1.79 1.71 14.72
C GLU A 16 0.53 2.21 14.03
N GLU A 17 0.38 3.53 13.97
CA GLU A 17 -0.76 4.15 13.32
C GLU A 17 -0.83 3.78 11.85
N MET A 18 0.24 4.08 11.12
CA MET A 18 0.32 3.78 9.70
C MET A 18 0.05 2.29 9.43
N ILE A 19 0.26 1.46 10.45
CA ILE A 19 0.04 0.02 10.31
C ILE A 19 -1.43 -0.31 10.45
N ALA A 20 -2.00 -0.03 11.63
CA ALA A 20 -3.40 -0.30 11.89
C ALA A 20 -4.29 0.21 10.76
N GLU A 21 -3.81 1.23 10.05
CA GLU A 21 -4.55 1.81 8.94
C GLU A 21 -4.19 1.10 7.64
N PHE A 22 -2.95 0.62 7.56
CA PHE A 22 -2.48 -0.10 6.38
C PHE A 22 -3.33 -1.35 6.17
N LYS A 23 -3.77 -1.95 7.26
CA LYS A 23 -4.60 -3.15 7.21
C LYS A 23 -6.04 -2.79 6.81
N ALA A 24 -6.35 -1.50 6.84
CA ALA A 24 -7.68 -1.01 6.50
C ALA A 24 -8.22 -1.66 5.22
N ALA A 25 -7.78 -1.16 4.07
CA ALA A 25 -8.23 -1.69 2.79
C ALA A 25 -7.59 -3.04 2.45
N PHE A 26 -6.64 -3.47 3.28
CA PHE A 26 -5.96 -4.75 3.04
C PHE A 26 -6.95 -5.86 2.71
N ASP A 27 -8.16 -5.76 3.24
CA ASP A 27 -9.19 -6.75 3.00
C ASP A 27 -9.88 -6.51 1.66
N MET A 28 -10.48 -5.34 1.51
CA MET A 28 -11.19 -4.98 0.28
C MET A 28 -10.23 -5.00 -0.91
N PHE A 29 -8.94 -4.79 -0.64
CA PHE A 29 -7.94 -4.79 -1.69
C PHE A 29 -7.91 -6.12 -2.44
N ASP A 30 -7.42 -7.16 -1.76
CA ASP A 30 -7.35 -8.48 -2.35
C ASP A 30 -8.70 -8.94 -2.89
N ALA A 31 -8.77 -9.16 -4.20
CA ALA A 31 -10.00 -9.59 -4.84
C ALA A 31 -10.04 -11.11 -4.98
N ASP A 32 -8.94 -11.69 -5.45
CA ASP A 32 -8.84 -13.12 -5.63
C ASP A 32 -8.93 -13.86 -4.30
N GLY A 33 -8.69 -13.13 -3.21
CA GLY A 33 -8.76 -13.73 -1.90
C GLY A 33 -7.72 -13.17 -0.94
N GLY A 34 -6.44 -13.40 -1.24
CA GLY A 34 -5.38 -12.89 -0.40
C GLY A 34 -4.04 -12.87 -1.10
N GLY A 35 -4.06 -12.61 -2.41
CA GLY A 35 -2.83 -12.56 -3.18
C GLY A 35 -2.06 -11.27 -2.95
N ASP A 36 -2.08 -10.39 -3.93
CA ASP A 36 -1.40 -9.11 -3.83
C ASP A 36 -2.23 -7.98 -4.41
N ILE A 37 -1.68 -6.77 -4.38
CA ILE A 37 -2.37 -5.61 -4.90
C ILE A 37 -1.70 -5.08 -6.17
N SER A 38 -2.45 -5.08 -7.27
CA SER A 38 -1.93 -4.60 -8.55
C SER A 38 -2.46 -3.21 -8.85
N THR A 39 -2.38 -2.80 -10.12
CA THR A 39 -2.85 -1.48 -10.54
C THR A 39 -4.38 -1.39 -10.46
N LYS A 40 -5.04 -2.53 -10.64
CA LYS A 40 -6.50 -2.58 -10.60
C LYS A 40 -7.02 -2.69 -9.16
N GLU A 41 -6.21 -3.26 -8.28
CA GLU A 41 -6.60 -3.43 -6.89
C GLU A 41 -6.55 -2.10 -6.13
N LEU A 42 -5.79 -1.15 -6.65
CA LEU A 42 -5.66 0.17 -6.01
C LEU A 42 -6.86 1.04 -6.32
N GLY A 43 -7.07 1.33 -7.60
CA GLY A 43 -8.19 2.17 -8.01
C GLY A 43 -9.49 1.76 -7.35
N THR A 44 -9.59 0.48 -7.01
CA THR A 44 -10.79 -0.05 -6.36
C THR A 44 -11.08 0.69 -5.06
N VAL A 45 -10.32 0.36 -4.02
CA VAL A 45 -10.49 0.97 -2.72
C VAL A 45 -10.17 2.47 -2.73
N MET A 46 -9.34 2.88 -3.68
CA MET A 46 -8.96 4.29 -3.79
C MET A 46 -10.08 5.12 -4.40
N ARG A 47 -10.86 4.51 -5.28
CA ARG A 47 -11.97 5.21 -5.93
C ARG A 47 -13.22 5.21 -5.06
N MET A 48 -13.39 4.16 -4.26
CA MET A 48 -14.56 4.05 -3.39
C MET A 48 -14.28 4.67 -2.02
N LEU A 49 -13.17 5.37 -1.90
CA LEU A 49 -12.80 6.01 -0.64
C LEU A 49 -12.71 7.52 -0.79
N GLY A 50 -12.19 7.97 -1.93
CA GLY A 50 -12.05 9.39 -2.18
C GLY A 50 -10.96 9.71 -3.18
N GLN A 51 -9.90 8.92 -3.16
CA GLN A 51 -8.78 9.12 -4.07
C GLN A 51 -9.19 8.82 -5.50
N ASN A 52 -8.46 9.39 -6.46
CA ASN A 52 -8.75 9.18 -7.87
C ASN A 52 -7.47 9.12 -8.70
N PRO A 53 -6.49 8.30 -8.28
CA PRO A 53 -5.22 8.16 -9.00
C PRO A 53 -5.40 7.47 -10.35
N THR A 54 -5.27 8.26 -11.42
CA THR A 54 -5.42 7.72 -12.77
C THR A 54 -4.49 6.53 -13.00
N LYS A 55 -4.64 5.88 -14.15
CA LYS A 55 -3.83 4.72 -14.49
C LYS A 55 -2.34 5.06 -14.42
N CYS A 56 -2.00 6.34 -14.55
CA CYS A 56 -0.61 6.77 -14.49
C CYS A 56 -0.14 6.96 -13.05
N GLU A 57 -1.07 7.33 -12.18
CA GLU A 57 -0.75 7.54 -10.77
C GLU A 57 -0.35 6.24 -10.09
N LEU A 58 -1.21 5.23 -10.20
CA LEU A 58 -0.94 3.93 -9.60
C LEU A 58 0.16 3.18 -10.34
N ASP A 59 0.49 3.64 -11.54
CA ASP A 59 1.54 3.02 -12.34
C ASP A 59 2.91 3.54 -11.93
N ALA A 60 2.95 4.78 -11.46
CA ALA A 60 4.21 5.38 -11.03
C ALA A 60 4.65 4.80 -9.69
N ILE A 61 3.68 4.45 -8.86
CA ILE A 61 3.96 3.88 -7.55
C ILE A 61 4.32 2.40 -7.68
N ILE A 62 3.35 1.61 -8.14
CA ILE A 62 3.56 0.17 -8.32
C ILE A 62 4.89 -0.11 -9.01
N CYS A 63 5.30 0.80 -9.87
CA CYS A 63 6.57 0.65 -10.59
C CYS A 63 7.75 0.87 -9.65
N GLU A 64 7.62 1.89 -8.79
CA GLU A 64 8.67 2.20 -7.83
C GLU A 64 8.68 1.18 -6.69
N VAL A 65 7.49 0.81 -6.24
CA VAL A 65 7.36 -0.16 -5.16
C VAL A 65 7.91 -1.52 -5.58
N ASP A 66 7.46 -2.00 -6.73
CA ASP A 66 7.91 -3.28 -7.25
C ASP A 66 9.32 -3.19 -7.82
N GLU A 67 10.32 -3.23 -6.93
CA GLU A 67 11.71 -3.15 -7.36
C GLU A 67 12.07 -4.33 -8.26
N ASP A 68 11.42 -5.46 -8.03
CA ASP A 68 11.67 -6.66 -8.83
C ASP A 68 11.02 -6.55 -10.20
N GLY A 69 9.93 -5.81 -10.28
CA GLY A 69 9.23 -5.63 -11.55
C GLY A 69 8.17 -6.70 -11.77
N SER A 70 7.21 -6.78 -10.85
CA SER A 70 6.14 -7.76 -10.94
C SER A 70 4.79 -7.08 -11.09
N GLY A 71 4.65 -5.91 -10.50
CA GLY A 71 3.39 -5.18 -10.57
C GLY A 71 2.45 -5.53 -9.44
N THR A 72 2.80 -6.58 -8.69
CA THR A 72 1.97 -7.02 -7.57
C THR A 72 2.60 -6.61 -6.24
N ILE A 73 1.76 -6.16 -5.31
CA ILE A 73 2.24 -5.73 -4.00
C ILE A 73 2.06 -6.84 -2.96
N ASP A 74 3.17 -7.32 -2.43
CA ASP A 74 3.14 -8.38 -1.42
C ASP A 74 2.42 -7.93 -0.15
N PHE A 75 2.49 -8.75 0.89
CA PHE A 75 1.85 -8.45 2.16
C PHE A 75 2.44 -7.18 2.78
N GLU A 76 3.69 -7.26 3.21
CA GLU A 76 4.37 -6.13 3.83
C GLU A 76 4.69 -5.05 2.80
N GLU A 77 4.82 -5.47 1.54
CA GLU A 77 5.14 -4.55 0.45
C GLU A 77 4.18 -3.35 0.45
N PHE A 78 2.98 -3.54 0.99
CA PHE A 78 2.00 -2.47 1.05
C PHE A 78 2.45 -1.35 2.00
N LEU A 79 3.46 -1.64 2.81
CA LEU A 79 3.98 -0.65 3.74
C LEU A 79 5.20 0.06 3.13
N VAL A 80 6.09 -0.71 2.53
CA VAL A 80 7.28 -0.17 1.91
C VAL A 80 6.91 0.72 0.72
N MET A 81 5.79 0.41 0.07
CA MET A 81 5.33 1.19 -1.07
C MET A 81 5.22 2.66 -0.70
N MET A 82 4.69 2.90 0.50
CA MET A 82 4.53 4.27 1.00
C MET A 82 5.84 4.80 1.54
N VAL A 83 6.67 3.90 2.07
CA VAL A 83 7.96 4.28 2.63
C VAL A 83 8.85 4.91 1.56
N ARG A 84 8.85 4.30 0.37
CA ARG A 84 9.66 4.79 -0.75
C ARG A 84 9.20 6.19 -1.19
N GLN A 85 7.99 6.57 -0.80
CA GLN A 85 7.45 7.88 -1.17
C GLN A 85 7.40 8.81 0.03
N MET A 86 7.36 8.23 1.23
CA MET A 86 7.31 9.01 2.46
C MET A 86 8.68 9.62 2.77
N LYS A 87 9.74 8.85 2.53
CA LYS A 87 11.09 9.33 2.79
C LYS A 87 11.49 10.39 1.78
N GLU A 88 11.29 10.10 0.50
CA GLU A 88 11.63 11.04 -0.57
C GLU A 88 13.11 11.42 -0.52
N ASP A 89 13.93 10.67 -1.25
CA ASP A 89 15.36 10.92 -1.28
C ASP A 89 15.72 11.80 -2.47
N ALA A 90 14.98 11.67 -3.56
CA ALA A 90 15.21 12.45 -4.76
C ALA A 90 16.61 12.20 -5.30
N ARG B 1 0.69 9.85 -2.97
CA ARG B 1 1.74 9.05 -2.29
C ARG B 1 2.19 9.71 -0.99
N MET B 2 3.07 9.02 -0.25
CA MET B 2 3.57 9.54 1.02
C MET B 2 2.46 9.64 2.06
N SER B 3 1.55 10.59 1.85
CA SER B 3 0.44 10.79 2.77
C SER B 3 -0.78 9.96 2.35
N ALA B 4 -0.52 8.73 1.90
CA ALA B 4 -1.60 7.84 1.48
C ALA B 4 -2.41 7.38 2.68
N ASP B 5 -1.91 7.65 3.89
CA ASP B 5 -2.59 7.27 5.12
C ASP B 5 -4.09 7.54 5.05
N ALA B 6 -4.48 8.54 4.26
CA ALA B 6 -5.89 8.89 4.12
C ALA B 6 -6.72 7.66 3.77
N MET B 7 -6.42 7.03 2.65
CA MET B 7 -7.13 5.83 2.24
C MET B 7 -6.98 4.75 3.29
N LEU B 8 -5.81 4.73 3.94
CA LEU B 8 -5.54 3.77 4.99
C LEU B 8 -6.45 4.01 6.18
N ARG B 9 -6.72 5.28 6.47
CA ARG B 9 -7.59 5.66 7.57
C ARG B 9 -9.04 5.76 7.09
N ALA B 10 -9.30 5.28 5.88
CA ALA B 10 -10.63 5.33 5.30
C ALA B 10 -11.53 4.23 5.85
N LEU B 11 -11.21 3.00 5.50
CA LEU B 11 -11.99 1.85 5.93
C LEU B 11 -11.70 1.47 7.38
N LEU B 12 -10.56 1.91 7.89
CA LEU B 12 -10.19 1.62 9.27
C LEU B 12 -9.39 2.76 9.88
N GLY B 13 -9.93 3.36 10.94
CA GLY B 13 -9.25 4.46 11.60
C GLY B 13 -9.75 4.69 13.02
N SER B 14 -9.99 3.59 13.74
CA SER B 14 -10.47 3.68 15.11
C SER B 14 -9.38 3.26 16.10
N LYS B 15 -9.56 3.64 17.36
CA LYS B 15 -8.59 3.30 18.39
C LYS B 15 -9.30 2.93 19.70
N HIS B 16 -9.02 1.74 20.20
CA HIS B 16 -9.62 1.27 21.45
C HIS B 16 -9.14 2.10 22.64
N LYS B 17 -7.90 1.86 23.05
CA LYS B 17 -7.32 2.59 24.19
C LYS B 17 -6.61 3.85 23.71
CA CA C . 6.59 -7.03 -5.87
CA CA D . -5.17 -9.30 -4.47
N ALA A 1 21.05 -14.48 3.94
CA ALA A 1 20.36 -14.34 2.62
C ALA A 1 20.16 -12.87 2.28
N SER A 2 20.85 -12.40 1.24
CA SER A 2 20.74 -11.02 0.80
C SER A 2 19.59 -10.85 -0.19
N MET A 3 18.59 -10.07 0.20
CA MET A 3 17.43 -9.82 -0.64
C MET A 3 16.78 -8.48 -0.31
N THR A 4 15.62 -8.22 -0.90
CA THR A 4 14.89 -6.98 -0.66
C THR A 4 14.19 -7.02 0.69
N ASP A 5 14.71 -6.27 1.65
CA ASP A 5 14.13 -6.22 2.98
C ASP A 5 13.36 -4.91 3.21
N GLN A 6 13.31 -4.07 2.18
CA GLN A 6 12.61 -2.79 2.27
C GLN A 6 11.20 -2.96 2.85
N GLN A 7 10.61 -4.13 2.62
CA GLN A 7 9.27 -4.42 3.11
C GLN A 7 9.28 -4.57 4.63
N ALA A 8 10.42 -4.94 5.18
CA ALA A 8 10.55 -5.11 6.62
C ALA A 8 10.80 -3.78 7.31
N GLU A 9 11.76 -3.01 6.80
CA GLU A 9 12.07 -1.71 7.37
C GLU A 9 10.81 -0.84 7.40
N ALA A 10 10.00 -0.99 6.36
CA ALA A 10 8.75 -0.26 6.24
C ALA A 10 7.97 -0.28 7.54
N ARG A 11 7.66 -1.48 8.03
CA ARG A 11 6.93 -1.66 9.27
C ARG A 11 7.58 -0.87 10.40
N ALA A 12 8.89 -0.67 10.31
CA ALA A 12 9.63 0.07 11.32
C ALA A 12 9.76 1.54 10.94
N PHE A 13 9.58 1.84 9.65
CA PHE A 13 9.69 3.22 9.17
C PHE A 13 8.46 4.04 9.57
N LEU A 14 7.37 3.35 9.91
CA LEU A 14 6.14 4.03 10.30
C LEU A 14 5.71 3.63 11.71
N SER A 15 4.75 4.35 12.26
CA SER A 15 4.25 4.07 13.60
C SER A 15 3.13 3.04 13.55
N GLU A 16 2.84 2.44 14.70
CA GLU A 16 1.77 1.45 14.79
C GLU A 16 0.49 1.99 14.16
N GLU A 17 0.36 3.32 14.21
CA GLU A 17 -0.81 3.99 13.64
C GLU A 17 -0.93 3.70 12.15
N MET A 18 0.13 4.03 11.41
CA MET A 18 0.15 3.81 9.97
C MET A 18 -0.07 2.35 9.62
N ILE A 19 0.18 1.47 10.59
CA ILE A 19 -0.01 0.04 10.39
C ILE A 19 -1.48 -0.35 10.55
N ALA A 20 -2.03 -0.11 11.74
CA ALA A 20 -3.42 -0.44 12.02
C ALA A 20 -4.34 0.10 10.94
N GLU A 21 -3.91 1.16 10.27
CA GLU A 21 -4.68 1.76 9.19
C GLU A 21 -4.32 1.09 7.86
N PHE A 22 -3.07 0.65 7.76
CA PHE A 22 -2.60 -0.02 6.56
C PHE A 22 -3.42 -1.28 6.30
N LYS A 23 -3.84 -1.93 7.38
CA LYS A 23 -4.64 -3.14 7.28
C LYS A 23 -6.08 -2.82 6.92
N ALA A 24 -6.45 -1.54 7.05
CA ALA A 24 -7.81 -1.10 6.72
C ALA A 24 -8.31 -1.68 5.41
N ALA A 25 -7.81 -1.13 4.30
CA ALA A 25 -8.23 -1.58 2.97
C ALA A 25 -7.68 -2.96 2.61
N PHE A 26 -6.85 -3.52 3.50
CA PHE A 26 -6.26 -4.84 3.25
C PHE A 26 -7.31 -5.85 2.79
N ASP A 27 -8.56 -5.64 3.21
CA ASP A 27 -9.65 -6.54 2.84
C ASP A 27 -10.26 -6.13 1.50
N MET A 28 -10.72 -4.89 1.41
CA MET A 28 -11.34 -4.39 0.19
C MET A 28 -10.37 -4.49 -0.99
N PHE A 29 -9.08 -4.29 -0.72
CA PHE A 29 -8.05 -4.34 -1.76
C PHE A 29 -8.11 -5.68 -2.50
N ASP A 30 -7.63 -6.73 -1.85
CA ASP A 30 -7.63 -8.06 -2.45
C ASP A 30 -9.03 -8.50 -2.83
N ALA A 31 -9.24 -8.74 -4.12
CA ALA A 31 -10.54 -9.16 -4.62
C ALA A 31 -10.66 -10.68 -4.58
N ASP A 32 -9.66 -11.37 -5.14
CA ASP A 32 -9.66 -12.83 -5.17
C ASP A 32 -8.99 -13.38 -3.91
N GLY A 33 -8.05 -12.62 -3.37
CA GLY A 33 -7.35 -13.05 -2.16
C GLY A 33 -6.30 -14.11 -2.45
N GLY A 34 -5.40 -13.82 -3.38
CA GLY A 34 -4.36 -14.77 -3.73
C GLY A 34 -3.49 -14.29 -4.88
N GLY A 35 -3.21 -12.99 -4.89
CA GLY A 35 -2.38 -12.43 -5.96
C GLY A 35 -1.90 -11.03 -5.63
N ASP A 36 -1.76 -10.73 -4.35
CA ASP A 36 -1.30 -9.41 -3.92
C ASP A 36 -2.14 -8.31 -4.53
N ILE A 37 -1.74 -7.06 -4.31
CA ILE A 37 -2.46 -5.92 -4.84
C ILE A 37 -1.83 -5.43 -6.15
N SER A 38 -2.66 -5.31 -7.19
CA SER A 38 -2.19 -4.86 -8.49
C SER A 38 -2.65 -3.44 -8.77
N THR A 39 -2.58 -3.01 -10.02
CA THR A 39 -2.99 -1.67 -10.42
C THR A 39 -4.51 -1.50 -10.27
N LYS A 40 -5.25 -2.50 -10.69
CA LYS A 40 -6.71 -2.47 -10.60
C LYS A 40 -7.17 -2.50 -9.15
N GLU A 41 -6.53 -3.33 -8.34
CA GLU A 41 -6.88 -3.45 -6.93
C GLU A 41 -6.78 -2.11 -6.21
N LEU A 42 -5.98 -1.19 -6.77
CA LEU A 42 -5.80 0.13 -6.17
C LEU A 42 -6.95 1.06 -6.53
N GLY A 43 -7.13 1.30 -7.83
CA GLY A 43 -8.19 2.17 -8.29
C GLY A 43 -9.53 1.88 -7.63
N THR A 44 -9.72 0.64 -7.19
CA THR A 44 -10.96 0.24 -6.54
C THR A 44 -11.14 0.96 -5.20
N VAL A 45 -10.47 0.47 -4.18
CA VAL A 45 -10.55 1.04 -2.84
C VAL A 45 -10.16 2.52 -2.82
N MET A 46 -9.19 2.88 -3.63
CA MET A 46 -8.71 4.26 -3.68
C MET A 46 -9.77 5.21 -4.25
N ARG A 47 -10.59 4.72 -5.17
CA ARG A 47 -11.63 5.55 -5.79
C ARG A 47 -12.89 5.58 -4.94
N MET A 48 -13.13 4.51 -4.17
CA MET A 48 -14.31 4.44 -3.33
C MET A 48 -14.04 4.95 -1.92
N LEU A 49 -12.88 5.58 -1.72
CA LEU A 49 -12.52 6.12 -0.42
C LEU A 49 -12.30 7.62 -0.49
N GLY A 50 -11.67 8.09 -1.56
CA GLY A 50 -11.42 9.51 -1.72
C GLY A 50 -10.37 9.80 -2.77
N GLN A 51 -9.35 8.96 -2.84
CA GLN A 51 -8.27 9.14 -3.81
C GLN A 51 -8.78 8.89 -5.23
N ASN A 52 -8.05 9.38 -6.21
CA ASN A 52 -8.44 9.20 -7.61
C ASN A 52 -7.21 9.01 -8.51
N PRO A 53 -6.30 8.11 -8.12
CA PRO A 53 -5.09 7.83 -8.91
C PRO A 53 -5.39 6.98 -10.13
N THR A 54 -5.32 7.60 -11.31
CA THR A 54 -5.59 6.90 -12.56
C THR A 54 -4.58 5.77 -12.77
N LYS A 55 -4.66 5.12 -13.92
CA LYS A 55 -3.76 4.02 -14.25
C LYS A 55 -2.30 4.48 -14.22
N CYS A 56 -2.06 5.69 -14.71
CA CYS A 56 -0.71 6.24 -14.74
C CYS A 56 -0.24 6.59 -13.33
N GLU A 57 -1.16 7.07 -12.50
CA GLU A 57 -0.85 7.44 -11.13
C GLU A 57 -0.37 6.23 -10.34
N LEU A 58 -1.17 5.16 -10.35
CA LEU A 58 -0.83 3.95 -9.63
C LEU A 58 0.33 3.21 -10.31
N ASP A 59 0.45 3.40 -11.62
CA ASP A 59 1.52 2.75 -12.37
C ASP A 59 2.88 3.33 -11.99
N ALA A 60 2.88 4.57 -11.51
CA ALA A 60 4.11 5.23 -11.11
C ALA A 60 4.56 4.76 -9.74
N ILE A 61 3.59 4.39 -8.90
CA ILE A 61 3.88 3.90 -7.57
C ILE A 61 4.23 2.42 -7.60
N ILE A 62 3.29 1.59 -8.06
CA ILE A 62 3.49 0.16 -8.14
C ILE A 62 4.87 -0.17 -8.71
N CYS A 63 5.29 0.59 -9.71
CA CYS A 63 6.59 0.39 -10.33
C CYS A 63 7.70 0.57 -9.30
N GLU A 64 7.59 1.63 -8.51
CA GLU A 64 8.58 1.92 -7.47
C GLU A 64 8.39 0.97 -6.29
N VAL A 65 7.13 0.60 -6.04
CA VAL A 65 6.81 -0.32 -4.96
C VAL A 65 7.42 -1.69 -5.22
N ASP A 66 7.22 -2.20 -6.43
CA ASP A 66 7.75 -3.51 -6.81
C ASP A 66 9.24 -3.42 -7.12
N GLU A 67 10.04 -4.17 -6.36
CA GLU A 67 11.48 -4.18 -6.56
C GLU A 67 11.88 -5.27 -7.56
N ASP A 68 11.05 -6.31 -7.67
CA ASP A 68 11.33 -7.40 -8.58
C ASP A 68 10.53 -7.26 -9.87
N GLY A 69 10.07 -6.04 -10.15
CA GLY A 69 9.29 -5.80 -11.36
C GLY A 69 8.16 -6.79 -11.54
N SER A 70 7.32 -6.92 -10.51
CA SER A 70 6.20 -7.85 -10.55
C SER A 70 4.87 -7.10 -10.63
N GLY A 71 4.88 -5.82 -10.28
CA GLY A 71 3.67 -5.04 -10.31
C GLY A 71 2.66 -5.47 -9.26
N THR A 72 3.12 -6.32 -8.32
CA THR A 72 2.25 -6.81 -7.25
C THR A 72 2.76 -6.36 -5.89
N ILE A 73 1.83 -6.15 -4.97
CA ILE A 73 2.19 -5.71 -3.62
C ILE A 73 1.83 -6.76 -2.57
N ASP A 74 2.84 -7.39 -1.99
CA ASP A 74 2.61 -8.41 -0.97
C ASP A 74 2.16 -7.78 0.34
N PHE A 75 2.17 -8.56 1.42
CA PHE A 75 1.74 -8.07 2.73
C PHE A 75 2.53 -6.84 3.15
N GLU A 76 3.75 -7.06 3.65
CA GLU A 76 4.59 -5.96 4.11
C GLU A 76 4.82 -4.92 3.01
N GLU A 77 4.81 -5.37 1.76
CA GLU A 77 5.02 -4.47 0.63
C GLU A 77 4.05 -3.29 0.67
N PHE A 78 2.87 -3.51 1.24
CA PHE A 78 1.86 -2.46 1.33
C PHE A 78 2.34 -1.30 2.20
N LEU A 79 3.39 -1.53 2.98
CA LEU A 79 3.94 -0.49 3.84
C LEU A 79 5.10 0.21 3.16
N VAL A 80 5.99 -0.58 2.55
CA VAL A 80 7.14 -0.03 1.85
C VAL A 80 6.69 0.81 0.65
N MET A 81 5.58 0.42 0.04
CA MET A 81 5.04 1.13 -1.11
C MET A 81 4.92 2.62 -0.80
N MET A 82 4.45 2.92 0.40
CA MET A 82 4.28 4.29 0.84
C MET A 82 5.57 4.83 1.45
N VAL A 83 6.40 3.93 1.96
CA VAL A 83 7.67 4.33 2.55
C VAL A 83 8.59 4.94 1.50
N ARG A 84 8.58 4.35 0.30
CA ARG A 84 9.41 4.83 -0.79
C ARG A 84 8.92 6.18 -1.30
N GLN A 85 7.68 6.54 -0.93
CA GLN A 85 7.11 7.81 -1.36
C GLN A 85 7.13 8.81 -0.21
N MET A 86 7.02 8.29 1.01
CA MET A 86 7.04 9.13 2.21
C MET A 86 8.42 9.76 2.40
N LYS A 87 9.44 8.92 2.47
CA LYS A 87 10.81 9.39 2.65
C LYS A 87 11.34 10.01 1.37
N GLU A 88 11.13 9.31 0.25
CA GLU A 88 11.59 9.79 -1.06
C GLU A 88 13.12 9.88 -1.09
N ASP A 89 13.67 10.94 -0.53
CA ASP A 89 15.11 11.14 -0.49
C ASP A 89 15.68 10.84 0.88
N ALA A 90 16.01 9.57 1.11
CA ALA A 90 16.56 9.15 2.40
C ALA A 90 18.08 9.30 2.43
N ARG B 1 2.24 8.45 -3.31
CA ARG B 1 1.21 7.90 -2.39
C ARG B 1 1.50 8.28 -0.94
N MET B 2 2.19 9.40 -0.75
CA MET B 2 2.52 9.87 0.58
C MET B 2 1.28 10.41 1.30
N SER B 3 1.29 10.32 2.62
CA SER B 3 0.16 10.80 3.42
C SER B 3 -1.14 10.13 2.99
N ALA B 4 -1.06 8.84 2.68
CA ALA B 4 -2.23 8.08 2.27
C ALA B 4 -3.02 7.61 3.49
N ASP B 5 -2.58 8.04 4.68
CA ASP B 5 -3.24 7.67 5.92
C ASP B 5 -4.75 7.81 5.80
N ALA B 6 -5.19 8.72 4.95
CA ALA B 6 -6.62 8.94 4.73
C ALA B 6 -7.29 7.65 4.30
N MET B 7 -6.91 7.12 3.15
CA MET B 7 -7.47 5.87 2.65
C MET B 7 -7.26 4.76 3.67
N LEU B 8 -6.09 4.79 4.31
CA LEU B 8 -5.75 3.80 5.32
C LEU B 8 -6.68 3.92 6.52
N ARG B 9 -7.06 5.15 6.84
CA ARG B 9 -7.97 5.40 7.96
C ARG B 9 -9.41 5.41 7.49
N ALA B 10 -9.65 4.94 6.26
CA ALA B 10 -11.00 4.91 5.69
C ALA B 10 -11.76 3.66 6.11
N LEU B 11 -11.34 2.51 5.59
CA LEU B 11 -11.98 1.24 5.89
C LEU B 11 -11.55 0.68 7.24
N LEU B 12 -10.55 1.31 7.85
CA LEU B 12 -10.06 0.86 9.15
C LEU B 12 -11.19 0.74 10.16
N GLY B 13 -11.65 -0.50 10.39
CA GLY B 13 -12.73 -0.73 11.32
C GLY B 13 -14.02 -1.16 10.63
N SER B 14 -14.91 -1.77 11.39
CA SER B 14 -16.19 -2.24 10.84
C SER B 14 -17.22 -2.40 11.94
N LYS B 15 -18.49 -2.32 11.58
CA LYS B 15 -19.58 -2.46 12.55
C LYS B 15 -20.69 -3.34 11.99
N HIS B 16 -21.09 -4.34 12.76
CA HIS B 16 -22.14 -5.27 12.35
C HIS B 16 -23.25 -5.33 13.40
N LYS B 17 -24.40 -5.84 13.00
CA LYS B 17 -25.54 -5.96 13.90
C LYS B 17 -26.40 -7.18 13.54
CA CA C . 6.60 -7.16 -5.66
CA CA D . -5.78 -9.52 -5.00
N ALA A 1 15.90 -19.00 3.92
CA ALA A 1 14.88 -17.94 3.69
C ALA A 1 15.53 -16.58 3.55
N SER A 2 15.67 -16.11 2.31
CA SER A 2 16.28 -14.80 2.05
C SER A 2 15.79 -14.23 0.73
N MET A 3 15.75 -12.91 0.64
CA MET A 3 15.30 -12.23 -0.56
C MET A 3 15.49 -10.72 -0.44
N THR A 4 14.83 -10.13 0.55
CA THR A 4 14.92 -8.69 0.78
C THR A 4 14.15 -8.29 2.04
N ASP A 5 14.86 -7.72 3.01
CA ASP A 5 14.24 -7.29 4.25
C ASP A 5 13.59 -5.92 4.12
N GLN A 6 13.64 -5.35 2.91
CA GLN A 6 13.05 -4.03 2.68
C GLN A 6 11.60 -3.98 3.14
N GLN A 7 10.94 -5.13 3.19
CA GLN A 7 9.55 -5.21 3.62
C GLN A 7 9.43 -5.18 5.13
N ALA A 8 10.56 -5.27 5.81
CA ALA A 8 10.58 -5.25 7.27
C ALA A 8 10.73 -3.84 7.81
N GLU A 9 11.73 -3.12 7.30
CA GLU A 9 11.97 -1.75 7.73
C GLU A 9 10.72 -0.90 7.56
N ALA A 10 10.06 -1.09 6.43
CA ALA A 10 8.82 -0.37 6.11
C ALA A 10 7.89 -0.33 7.32
N ARG A 11 7.53 -1.51 7.83
CA ARG A 11 6.64 -1.61 8.98
C ARG A 11 7.18 -0.77 10.14
N ALA A 12 8.49 -0.56 10.16
CA ALA A 12 9.13 0.21 11.21
C ALA A 12 9.30 1.68 10.79
N PHE A 13 9.25 1.92 9.49
CA PHE A 13 9.42 3.28 8.97
C PHE A 13 8.21 4.16 9.32
N LEU A 14 7.13 3.52 9.78
CA LEU A 14 5.93 4.26 10.14
C LEU A 14 5.48 3.91 11.56
N SER A 15 4.55 4.69 12.10
CA SER A 15 4.04 4.46 13.44
C SER A 15 2.91 3.43 13.41
N GLU A 16 2.63 2.85 14.58
CA GLU A 16 1.56 1.85 14.68
C GLU A 16 0.28 2.39 14.04
N GLU A 17 0.15 3.72 14.05
CA GLU A 17 -1.01 4.37 13.47
C GLU A 17 -1.09 4.10 11.97
N MET A 18 -0.01 4.38 11.27
CA MET A 18 0.06 4.16 9.82
C MET A 18 -0.06 2.67 9.49
N ILE A 19 0.26 1.82 10.46
CA ILE A 19 0.19 0.37 10.26
C ILE A 19 -1.26 -0.11 10.35
N ALA A 20 -1.84 0.04 11.54
CA ALA A 20 -3.23 -0.37 11.77
C ALA A 20 -4.16 0.15 10.68
N GLU A 21 -3.77 1.27 10.08
CA GLU A 21 -4.56 1.88 9.02
C GLU A 21 -4.17 1.31 7.67
N PHE A 22 -2.89 0.96 7.54
CA PHE A 22 -2.37 0.39 6.30
C PHE A 22 -3.09 -0.92 5.98
N LYS A 23 -3.43 -1.65 7.02
CA LYS A 23 -4.13 -2.92 6.88
C LYS A 23 -5.62 -2.70 6.62
N ALA A 24 -6.08 -1.46 6.81
CA ALA A 24 -7.48 -1.10 6.61
C ALA A 24 -8.07 -1.74 5.36
N ALA A 25 -7.69 -1.20 4.20
CA ALA A 25 -8.20 -1.69 2.92
C ALA A 25 -7.62 -3.07 2.57
N PHE A 26 -6.67 -3.55 3.37
CA PHE A 26 -6.03 -4.84 3.13
C PHE A 26 -7.06 -5.92 2.76
N ASP A 27 -8.28 -5.77 3.27
CA ASP A 27 -9.35 -6.72 2.99
C ASP A 27 -10.03 -6.41 1.66
N MET A 28 -10.62 -5.22 1.56
CA MET A 28 -11.29 -4.81 0.35
C MET A 28 -10.35 -4.84 -0.85
N PHE A 29 -9.06 -4.65 -0.59
CA PHE A 29 -8.05 -4.65 -1.65
C PHE A 29 -8.06 -5.98 -2.40
N ASP A 30 -7.53 -7.01 -1.77
CA ASP A 30 -7.47 -8.34 -2.38
C ASP A 30 -8.85 -8.80 -2.83
N ALA A 31 -9.00 -9.03 -4.12
CA ALA A 31 -10.26 -9.48 -4.69
C ALA A 31 -10.33 -11.01 -4.72
N ASP A 32 -9.28 -11.63 -5.24
CA ASP A 32 -9.22 -13.09 -5.33
C ASP A 32 -8.72 -13.68 -4.01
N GLY A 33 -7.97 -12.88 -3.26
CA GLY A 33 -7.45 -13.35 -1.99
C GLY A 33 -6.18 -14.16 -2.14
N GLY A 34 -5.37 -13.82 -3.15
CA GLY A 34 -4.13 -14.53 -3.38
C GLY A 34 -3.41 -14.04 -4.63
N GLY A 35 -3.43 -12.73 -4.84
CA GLY A 35 -2.77 -12.15 -6.00
C GLY A 35 -2.18 -10.78 -5.72
N ASP A 36 -1.98 -10.47 -4.45
CA ASP A 36 -1.42 -9.19 -4.05
C ASP A 36 -2.23 -8.03 -4.62
N ILE A 37 -1.76 -6.81 -4.38
CA ILE A 37 -2.45 -5.62 -4.87
C ILE A 37 -1.82 -5.10 -6.16
N SER A 38 -2.58 -5.13 -7.24
CA SER A 38 -2.11 -4.67 -8.54
C SER A 38 -2.57 -3.23 -8.80
N THR A 39 -2.51 -2.81 -10.06
CA THR A 39 -2.91 -1.45 -10.43
C THR A 39 -4.42 -1.27 -10.25
N LYS A 40 -5.19 -2.29 -10.59
CA LYS A 40 -6.64 -2.24 -10.48
C LYS A 40 -7.09 -2.33 -9.03
N GLU A 41 -6.39 -3.16 -8.24
CA GLU A 41 -6.73 -3.34 -6.84
C GLU A 41 -6.64 -2.02 -6.07
N LEU A 42 -5.89 -1.06 -6.60
CA LEU A 42 -5.73 0.23 -5.96
C LEU A 42 -6.92 1.13 -6.25
N GLY A 43 -7.14 1.43 -7.54
CA GLY A 43 -8.25 2.28 -7.92
C GLY A 43 -9.55 1.89 -7.25
N THR A 44 -9.69 0.61 -6.94
CA THR A 44 -10.89 0.10 -6.29
C THR A 44 -11.14 0.82 -4.96
N VAL A 45 -10.40 0.42 -3.94
CA VAL A 45 -10.52 1.00 -2.61
C VAL A 45 -10.20 2.49 -2.60
N MET A 46 -9.37 2.92 -3.54
CA MET A 46 -8.97 4.32 -3.62
C MET A 46 -10.08 5.18 -4.21
N ARG A 47 -10.86 4.60 -5.12
CA ARG A 47 -11.96 5.34 -5.76
C ARG A 47 -13.23 5.29 -4.92
N MET A 48 -13.39 4.21 -4.15
CA MET A 48 -14.56 4.05 -3.31
C MET A 48 -14.34 4.61 -1.91
N LEU A 49 -13.23 5.34 -1.73
CA LEU A 49 -12.92 5.93 -0.43
C LEU A 49 -12.82 7.45 -0.53
N GLY A 50 -12.21 7.93 -1.61
CA GLY A 50 -12.06 9.35 -1.80
C GLY A 50 -11.00 9.71 -2.82
N GLN A 51 -9.93 8.92 -2.85
CA GLN A 51 -8.83 9.14 -3.79
C GLN A 51 -9.28 8.88 -5.23
N ASN A 52 -8.56 9.46 -6.18
CA ASN A 52 -8.89 9.28 -7.59
C ASN A 52 -7.63 9.22 -8.45
N PRO A 53 -6.66 8.36 -8.08
CA PRO A 53 -5.41 8.22 -8.83
C PRO A 53 -5.61 7.49 -10.15
N THR A 54 -5.40 8.21 -11.25
CA THR A 54 -5.56 7.62 -12.58
C THR A 54 -4.67 6.40 -12.75
N LYS A 55 -4.57 5.92 -13.99
CA LYS A 55 -3.75 4.75 -14.29
C LYS A 55 -2.26 5.06 -14.07
N CYS A 56 -1.79 6.11 -14.71
CA CYS A 56 -0.38 6.52 -14.59
C CYS A 56 -0.02 6.77 -13.13
N GLU A 57 -0.98 7.29 -12.37
CA GLU A 57 -0.75 7.59 -10.97
C GLU A 57 -0.39 6.32 -10.19
N LEU A 58 -1.29 5.35 -10.21
CA LEU A 58 -1.06 4.09 -9.52
C LEU A 58 0.08 3.31 -10.17
N ASP A 59 0.23 3.47 -11.48
CA ASP A 59 1.29 2.78 -12.22
C ASP A 59 2.66 3.37 -11.87
N ALA A 60 2.67 4.62 -11.44
CA ALA A 60 3.91 5.27 -11.07
C ALA A 60 4.40 4.79 -9.71
N ILE A 61 3.45 4.51 -8.82
CA ILE A 61 3.78 4.04 -7.49
C ILE A 61 4.19 2.56 -7.53
N ILE A 62 3.26 1.71 -7.98
CA ILE A 62 3.52 0.28 -8.08
C ILE A 62 4.90 0.00 -8.66
N CYS A 63 5.20 0.65 -9.79
CA CYS A 63 6.50 0.48 -10.44
C CYS A 63 7.63 0.76 -9.46
N GLU A 64 7.41 1.72 -8.57
CA GLU A 64 8.39 2.08 -7.56
C GLU A 64 8.30 1.11 -6.39
N VAL A 65 7.08 0.66 -6.10
CA VAL A 65 6.83 -0.28 -5.02
C VAL A 65 7.50 -1.62 -5.32
N ASP A 66 7.12 -2.21 -6.44
CA ASP A 66 7.67 -3.50 -6.87
C ASP A 66 9.16 -3.39 -7.14
N GLU A 67 9.95 -4.09 -6.33
CA GLU A 67 11.40 -4.09 -6.50
C GLU A 67 11.85 -5.19 -7.44
N ASP A 68 11.01 -6.22 -7.59
CA ASP A 68 11.32 -7.34 -8.46
C ASP A 68 10.53 -7.25 -9.77
N GLY A 69 10.04 -6.06 -10.09
CA GLY A 69 9.29 -5.87 -11.32
C GLY A 69 8.19 -6.88 -11.49
N SER A 70 7.29 -6.94 -10.51
CA SER A 70 6.18 -7.88 -10.54
C SER A 70 4.84 -7.16 -10.71
N GLY A 71 4.82 -5.86 -10.41
CA GLY A 71 3.60 -5.10 -10.53
C GLY A 71 2.58 -5.47 -9.47
N THR A 72 2.99 -6.28 -8.51
CA THR A 72 2.11 -6.71 -7.43
C THR A 72 2.68 -6.33 -6.08
N ILE A 73 1.79 -6.02 -5.13
CA ILE A 73 2.20 -5.62 -3.80
C ILE A 73 1.99 -6.75 -2.79
N ASP A 74 3.08 -7.20 -2.18
CA ASP A 74 3.02 -8.28 -1.20
C ASP A 74 2.37 -7.80 0.09
N PHE A 75 2.46 -8.63 1.13
CA PHE A 75 1.87 -8.30 2.42
C PHE A 75 2.49 -7.03 3.00
N GLU A 76 3.68 -7.16 3.59
CA GLU A 76 4.37 -6.01 4.17
C GLU A 76 4.69 -4.97 3.10
N GLU A 77 4.77 -5.40 1.86
CA GLU A 77 5.08 -4.50 0.75
C GLU A 77 4.11 -3.32 0.72
N PHE A 78 2.91 -3.52 1.29
CA PHE A 78 1.91 -2.46 1.33
C PHE A 78 2.39 -1.27 2.16
N LEU A 79 3.44 -1.49 2.95
CA LEU A 79 4.01 -0.43 3.77
C LEU A 79 5.18 0.21 3.04
N VAL A 80 5.97 -0.62 2.36
CA VAL A 80 7.12 -0.13 1.60
C VAL A 80 6.68 0.69 0.41
N MET A 81 5.58 0.29 -0.21
CA MET A 81 5.04 0.99 -1.37
C MET A 81 5.00 2.48 -1.11
N MET A 82 4.68 2.83 0.12
CA MET A 82 4.58 4.21 0.55
C MET A 82 5.90 4.69 1.15
N VAL A 83 6.67 3.77 1.71
CA VAL A 83 7.96 4.10 2.32
C VAL A 83 8.94 4.58 1.24
N ARG A 84 8.94 3.88 0.10
CA ARG A 84 9.83 4.23 -0.99
C ARG A 84 9.53 5.63 -1.53
N GLN A 85 8.29 6.07 -1.38
CA GLN A 85 7.89 7.39 -1.85
C GLN A 85 7.59 8.34 -0.68
N MET A 86 7.98 7.93 0.52
CA MET A 86 7.76 8.76 1.70
C MET A 86 9.06 9.43 2.14
N LYS A 87 10.14 8.65 2.20
CA LYS A 87 11.45 9.16 2.60
C LYS A 87 11.88 10.31 1.69
N GLU A 88 11.48 10.23 0.41
CA GLU A 88 11.83 11.27 -0.55
C GLU A 88 11.21 12.60 -0.17
N ASP A 89 10.04 12.56 0.45
CA ASP A 89 9.35 13.77 0.87
C ASP A 89 10.20 14.57 1.84
N ALA A 90 11.02 13.88 2.63
CA ALA A 90 11.89 14.52 3.60
C ALA A 90 12.84 15.50 2.92
N ARG B 1 -0.37 10.21 -2.75
CA ARG B 1 0.69 9.15 -2.75
C ARG B 1 1.49 9.18 -1.45
N MET B 2 1.59 10.35 -0.84
CA MET B 2 2.32 10.51 0.41
C MET B 2 1.39 10.38 1.61
N SER B 3 0.48 11.35 1.74
CA SER B 3 -0.47 11.34 2.83
C SER B 3 -1.65 10.44 2.52
N ALA B 4 -1.37 9.16 2.29
CA ALA B 4 -2.41 8.18 1.99
C ALA B 4 -3.14 7.76 3.25
N ASP B 5 -2.71 8.29 4.40
CA ASP B 5 -3.33 7.97 5.68
C ASP B 5 -4.86 8.01 5.57
N ALA B 6 -5.36 8.86 4.68
CA ALA B 6 -6.80 8.98 4.47
C ALA B 6 -7.41 7.63 4.12
N MET B 7 -7.06 7.12 2.94
CA MET B 7 -7.57 5.83 2.50
C MET B 7 -7.24 4.76 3.53
N LEU B 8 -6.08 4.91 4.16
CA LEU B 8 -5.63 3.98 5.17
C LEU B 8 -6.57 4.03 6.37
N ARG B 9 -6.99 5.23 6.74
CA ARG B 9 -7.90 5.42 7.87
C ARG B 9 -9.35 5.38 7.41
N ALA B 10 -9.59 4.95 6.18
CA ALA B 10 -10.93 4.87 5.62
C ALA B 10 -11.69 3.66 6.16
N LEU B 11 -11.32 2.49 5.67
CA LEU B 11 -11.96 1.25 6.08
C LEU B 11 -11.48 0.80 7.46
N LEU B 12 -10.32 1.31 7.87
CA LEU B 12 -9.75 0.95 9.16
C LEU B 12 -9.49 -0.54 9.25
N GLY B 13 -8.59 -0.93 10.15
CA GLY B 13 -8.27 -2.34 10.32
C GLY B 13 -8.62 -2.85 11.70
N SER B 14 -9.29 -4.00 11.75
CA SER B 14 -9.68 -4.59 13.02
C SER B 14 -9.14 -6.02 13.14
N LYS B 15 -7.99 -6.27 12.52
CA LYS B 15 -7.37 -7.58 12.55
C LYS B 15 -5.86 -7.47 12.62
N HIS B 16 -5.25 -8.17 13.58
CA HIS B 16 -3.80 -8.14 13.75
C HIS B 16 -3.31 -9.42 14.40
N LYS B 17 -1.98 -9.58 14.47
CA LYS B 17 -1.38 -10.76 15.08
C LYS B 17 -0.24 -10.36 16.01
CA CA C . 6.57 -7.11 -5.53
CA CA D . -5.77 -9.40 -4.79
N ALA A 1 20.71 -15.51 0.81
CA ALA A 1 19.48 -15.87 1.57
C ALA A 1 18.31 -14.96 1.21
N SER A 2 18.41 -13.70 1.61
CA SER A 2 17.36 -12.72 1.34
C SER A 2 17.70 -11.91 0.10
N MET A 3 16.75 -11.09 -0.34
CA MET A 3 16.95 -10.24 -1.51
C MET A 3 16.46 -8.82 -1.25
N THR A 4 15.27 -8.70 -0.67
CA THR A 4 14.70 -7.40 -0.37
C THR A 4 13.92 -7.44 0.94
N ASP A 5 14.47 -6.82 1.97
CA ASP A 5 13.83 -6.78 3.28
C ASP A 5 13.16 -5.44 3.54
N GLN A 6 13.22 -4.54 2.57
CA GLN A 6 12.61 -3.22 2.70
C GLN A 6 11.14 -3.33 3.09
N GLN A 7 10.53 -4.47 2.78
CA GLN A 7 9.13 -4.69 3.11
C GLN A 7 8.94 -4.83 4.62
N ALA A 8 10.01 -5.16 5.32
CA ALA A 8 9.96 -5.32 6.76
C ALA A 8 10.24 -4.00 7.47
N GLU A 9 11.31 -3.32 7.05
CA GLU A 9 11.68 -2.03 7.63
C GLU A 9 10.48 -1.09 7.58
N ALA A 10 9.70 -1.21 6.51
CA ALA A 10 8.50 -0.41 6.32
C ALA A 10 7.66 -0.35 7.59
N ARG A 11 7.21 -1.51 8.04
CA ARG A 11 6.40 -1.60 9.25
C ARG A 11 7.07 -0.88 10.42
N ALA A 12 8.39 -0.81 10.37
CA ALA A 12 9.17 -0.15 11.42
C ALA A 12 9.39 1.33 11.08
N PHE A 13 9.30 1.66 9.80
CA PHE A 13 9.50 3.03 9.36
C PHE A 13 8.29 3.90 9.69
N LEU A 14 7.13 3.27 9.82
CA LEU A 14 5.89 3.98 10.13
C LEU A 14 5.44 3.68 11.56
N SER A 15 4.61 4.56 12.10
CA SER A 15 4.10 4.38 13.46
C SER A 15 2.94 3.39 13.48
N GLU A 16 2.65 2.84 14.65
CA GLU A 16 1.55 1.88 14.79
C GLU A 16 0.29 2.44 14.15
N GLU A 17 0.20 3.77 14.12
CA GLU A 17 -0.96 4.45 13.54
C GLU A 17 -1.06 4.15 12.05
N MET A 18 0.01 4.43 11.31
CA MET A 18 0.04 4.19 9.87
C MET A 18 -0.21 2.72 9.56
N ILE A 19 0.02 1.85 10.54
CA ILE A 19 -0.18 0.42 10.36
C ILE A 19 -1.66 0.07 10.51
N ALA A 20 -2.19 0.29 11.70
CA ALA A 20 -3.60 0.01 11.99
C ALA A 20 -4.50 0.53 10.88
N GLU A 21 -4.05 1.59 10.21
CA GLU A 21 -4.79 2.18 9.11
C GLU A 21 -4.44 1.49 7.81
N PHE A 22 -3.19 1.05 7.70
CA PHE A 22 -2.72 0.36 6.50
C PHE A 22 -3.52 -0.92 6.30
N LYS A 23 -3.88 -1.55 7.41
CA LYS A 23 -4.67 -2.78 7.39
C LYS A 23 -6.10 -2.51 6.94
N ALA A 24 -6.51 -1.25 7.09
CA ALA A 24 -7.87 -0.82 6.71
C ALA A 24 -8.34 -1.47 5.41
N ALA A 25 -7.85 -0.96 4.28
CA ALA A 25 -8.25 -1.47 2.97
C ALA A 25 -7.56 -2.80 2.63
N PHE A 26 -6.71 -3.28 3.54
CA PHE A 26 -6.00 -4.54 3.31
C PHE A 26 -6.96 -5.67 2.95
N ASP A 27 -8.21 -5.54 3.39
CA ASP A 27 -9.22 -6.56 3.11
C ASP A 27 -9.84 -6.34 1.73
N MET A 28 -10.52 -5.22 1.56
CA MET A 28 -11.17 -4.90 0.30
C MET A 28 -10.16 -4.91 -0.85
N PHE A 29 -8.89 -4.67 -0.53
CA PHE A 29 -7.83 -4.65 -1.53
C PHE A 29 -7.80 -5.97 -2.31
N ASP A 30 -7.48 -7.05 -1.63
CA ASP A 30 -7.41 -8.37 -2.25
C ASP A 30 -8.76 -8.76 -2.84
N ALA A 31 -8.78 -8.98 -4.15
CA ALA A 31 -9.98 -9.37 -4.86
C ALA A 31 -10.17 -10.89 -4.86
N ASP A 32 -9.12 -11.59 -5.27
CA ASP A 32 -9.15 -13.04 -5.32
C ASP A 32 -8.73 -13.64 -3.98
N GLY A 33 -7.90 -12.91 -3.24
CA GLY A 33 -7.43 -13.39 -1.95
C GLY A 33 -6.23 -14.29 -2.06
N GLY A 34 -5.34 -13.99 -3.01
CA GLY A 34 -4.16 -14.79 -3.20
C GLY A 34 -3.36 -14.38 -4.43
N GLY A 35 -3.29 -13.07 -4.66
CA GLY A 35 -2.55 -12.57 -5.81
C GLY A 35 -2.02 -11.17 -5.59
N ASP A 36 -1.83 -10.79 -4.33
CA ASP A 36 -1.31 -9.47 -3.99
C ASP A 36 -2.20 -8.38 -4.58
N ILE A 37 -1.80 -7.12 -4.37
CA ILE A 37 -2.56 -5.99 -4.87
C ILE A 37 -1.98 -5.48 -6.19
N SER A 38 -2.79 -5.55 -7.24
CA SER A 38 -2.37 -5.10 -8.57
C SER A 38 -2.73 -3.62 -8.77
N THR A 39 -2.70 -3.19 -10.02
CA THR A 39 -3.02 -1.80 -10.35
C THR A 39 -4.49 -1.49 -10.06
N LYS A 40 -5.38 -2.28 -10.66
CA LYS A 40 -6.81 -2.09 -10.47
C LYS A 40 -7.20 -2.26 -9.01
N GLU A 41 -6.53 -3.19 -8.33
CA GLU A 41 -6.82 -3.46 -6.92
C GLU A 41 -6.66 -2.20 -6.07
N LEU A 42 -5.88 -1.25 -6.57
CA LEU A 42 -5.64 0.00 -5.84
C LEU A 42 -6.76 1.00 -6.10
N GLY A 43 -7.00 1.32 -7.38
CA GLY A 43 -8.05 2.26 -7.72
C GLY A 43 -9.37 1.94 -7.06
N THR A 44 -9.58 0.66 -6.75
CA THR A 44 -10.82 0.22 -6.10
C THR A 44 -11.06 0.99 -4.80
N VAL A 45 -10.36 0.60 -3.75
CA VAL A 45 -10.49 1.22 -2.44
C VAL A 45 -10.09 2.69 -2.47
N MET A 46 -9.22 3.04 -3.42
CA MET A 46 -8.75 4.42 -3.54
C MET A 46 -9.83 5.31 -4.16
N ARG A 47 -10.66 4.74 -5.03
CA ARG A 47 -11.71 5.50 -5.69
C ARG A 47 -12.99 5.51 -4.87
N MET A 48 -13.21 4.47 -4.07
CA MET A 48 -14.40 4.38 -3.24
C MET A 48 -14.18 4.98 -1.85
N LEU A 49 -13.04 5.65 -1.68
CA LEU A 49 -12.72 6.28 -0.40
C LEU A 49 -12.57 7.79 -0.54
N GLY A 50 -11.95 8.22 -1.64
CA GLY A 50 -11.75 9.63 -1.87
C GLY A 50 -10.67 9.91 -2.89
N GLN A 51 -9.63 9.08 -2.91
CA GLN A 51 -8.53 9.24 -3.84
C GLN A 51 -8.99 8.96 -5.28
N ASN A 52 -8.23 9.47 -6.24
CA ASN A 52 -8.58 9.27 -7.65
C ASN A 52 -7.32 9.10 -8.51
N PRO A 53 -6.41 8.20 -8.09
CA PRO A 53 -5.17 7.95 -8.83
C PRO A 53 -5.42 7.16 -10.12
N THR A 54 -5.31 7.83 -11.26
CA THR A 54 -5.52 7.19 -12.55
C THR A 54 -4.58 6.00 -12.74
N LYS A 55 -4.68 5.34 -13.88
CA LYS A 55 -3.84 4.18 -14.18
C LYS A 55 -2.37 4.55 -14.07
N CYS A 56 -2.00 5.66 -14.67
CA CYS A 56 -0.61 6.13 -14.64
C CYS A 56 -0.22 6.54 -13.22
N GLU A 57 -1.18 7.04 -12.47
CA GLU A 57 -0.94 7.48 -11.09
C GLU A 57 -0.44 6.31 -10.24
N LEU A 58 -1.21 5.23 -10.22
CA LEU A 58 -0.85 4.05 -9.45
C LEU A 58 0.30 3.29 -10.12
N ASP A 59 0.35 3.36 -11.45
CA ASP A 59 1.40 2.70 -12.21
C ASP A 59 2.76 3.29 -11.88
N ALA A 60 2.77 4.56 -11.48
CA ALA A 60 4.01 5.23 -11.14
C ALA A 60 4.51 4.78 -9.78
N ILE A 61 3.58 4.41 -8.90
CA ILE A 61 3.91 3.95 -7.56
C ILE A 61 4.28 2.48 -7.59
N ILE A 62 3.33 1.64 -8.00
CA ILE A 62 3.55 0.19 -8.08
C ILE A 62 4.92 -0.12 -8.69
N CYS A 63 5.26 0.59 -9.75
CA CYS A 63 6.55 0.39 -10.42
C CYS A 63 7.69 0.58 -9.43
N GLU A 64 7.60 1.63 -8.63
CA GLU A 64 8.61 1.91 -7.61
C GLU A 64 8.48 0.93 -6.46
N VAL A 65 7.25 0.52 -6.20
CA VAL A 65 6.97 -0.43 -5.12
C VAL A 65 7.60 -1.78 -5.43
N ASP A 66 7.39 -2.25 -6.66
CA ASP A 66 7.92 -3.53 -7.10
C ASP A 66 9.37 -3.40 -7.56
N GLU A 67 10.30 -3.76 -6.68
CA GLU A 67 11.72 -3.69 -7.00
C GLU A 67 12.11 -4.77 -8.00
N ASP A 68 11.36 -5.87 -7.99
CA ASP A 68 11.63 -6.99 -8.90
C ASP A 68 11.01 -6.74 -10.26
N GLY A 69 9.89 -6.00 -10.28
CA GLY A 69 9.21 -5.71 -11.53
C GLY A 69 8.09 -6.68 -11.81
N SER A 70 7.19 -6.85 -10.85
CA SER A 70 6.08 -7.77 -11.00
C SER A 70 4.75 -7.00 -11.10
N GLY A 71 4.72 -5.80 -10.52
CA GLY A 71 3.51 -5.00 -10.55
C GLY A 71 2.55 -5.35 -9.43
N THR A 72 2.87 -6.39 -8.66
CA THR A 72 2.03 -6.83 -7.56
C THR A 72 2.63 -6.42 -6.22
N ILE A 73 1.78 -6.15 -5.24
CA ILE A 73 2.23 -5.75 -3.91
C ILE A 73 2.08 -6.89 -2.91
N ASP A 74 3.21 -7.41 -2.43
CA ASP A 74 3.20 -8.50 -1.47
C ASP A 74 2.54 -8.07 -0.16
N PHE A 75 2.67 -8.91 0.87
CA PHE A 75 2.08 -8.62 2.17
C PHE A 75 2.62 -7.29 2.73
N GLU A 76 3.82 -7.33 3.30
CA GLU A 76 4.44 -6.14 3.86
C GLU A 76 4.80 -5.14 2.77
N GLU A 77 4.89 -5.63 1.53
CA GLU A 77 5.23 -4.78 0.40
C GLU A 77 4.33 -3.55 0.35
N PHE A 78 3.11 -3.68 0.87
CA PHE A 78 2.16 -2.58 0.88
C PHE A 78 2.58 -1.50 1.88
N LEU A 79 3.55 -1.82 2.73
CA LEU A 79 4.04 -0.87 3.72
C LEU A 79 5.27 -0.13 3.20
N VAL A 80 6.10 -0.82 2.44
CA VAL A 80 7.32 -0.22 1.88
C VAL A 80 6.97 0.72 0.73
N MET A 81 5.91 0.38 -0.01
CA MET A 81 5.46 1.19 -1.13
C MET A 81 5.31 2.63 -0.71
N MET A 82 4.78 2.80 0.48
CA MET A 82 4.53 4.10 1.06
C MET A 82 5.84 4.74 1.52
N VAL A 83 6.73 3.92 2.07
CA VAL A 83 8.01 4.39 2.55
C VAL A 83 8.85 4.95 1.41
N ARG A 84 8.77 4.31 0.24
CA ARG A 84 9.52 4.74 -0.92
C ARG A 84 9.09 6.14 -1.37
N GLN A 85 7.91 6.57 -0.93
CA GLN A 85 7.39 7.88 -1.29
C GLN A 85 7.38 8.81 -0.07
N MET A 86 7.31 8.21 1.11
CA MET A 86 7.28 8.96 2.35
C MET A 86 8.64 9.59 2.64
N LYS A 87 9.71 8.89 2.25
CA LYS A 87 11.06 9.39 2.46
C LYS A 87 11.35 10.59 1.58
N GLU A 88 10.65 10.67 0.43
CA GLU A 88 10.83 11.78 -0.50
C GLU A 88 12.24 11.78 -1.08
N ASP A 89 12.37 12.31 -2.29
CA ASP A 89 13.67 12.38 -2.96
C ASP A 89 14.50 13.54 -2.42
N ALA A 90 15.81 13.41 -2.52
CA ALA A 90 16.73 14.44 -2.05
C ALA A 90 16.54 14.70 -0.56
N ARG B 1 0.21 9.07 -4.00
CA ARG B 1 1.62 8.80 -3.58
C ARG B 1 1.95 9.52 -2.27
N MET B 2 2.45 8.75 -1.30
CA MET B 2 2.81 9.31 0.00
C MET B 2 1.60 9.94 0.66
N SER B 3 1.68 10.13 1.98
CA SER B 3 0.58 10.72 2.74
C SER B 3 -0.74 10.04 2.39
N ALA B 4 -0.65 8.76 2.05
CA ALA B 4 -1.83 7.98 1.69
C ALA B 4 -2.60 7.54 2.93
N ASP B 5 -2.12 7.95 4.11
CA ASP B 5 -2.77 7.60 5.37
C ASP B 5 -4.28 7.81 5.29
N ALA B 6 -4.71 8.74 4.44
CA ALA B 6 -6.13 9.01 4.26
C ALA B 6 -6.90 7.74 3.94
N MET B 7 -6.61 7.15 2.78
CA MET B 7 -7.27 5.92 2.38
C MET B 7 -7.08 4.84 3.44
N LEU B 8 -5.91 4.86 4.06
CA LEU B 8 -5.59 3.90 5.10
C LEU B 8 -6.49 4.12 6.32
N ARG B 9 -6.77 5.39 6.61
CA ARG B 9 -7.63 5.73 7.74
C ARG B 9 -9.10 5.80 7.33
N ALA B 10 -9.40 5.31 6.13
CA ALA B 10 -10.77 5.32 5.62
C ALA B 10 -11.59 4.17 6.21
N LEU B 11 -11.31 2.96 5.75
CA LEU B 11 -12.03 1.78 6.22
C LEU B 11 -11.56 1.37 7.61
N LEU B 12 -10.38 1.83 8.00
CA LEU B 12 -9.82 1.50 9.31
C LEU B 12 -9.63 0.00 9.46
N GLY B 13 -8.64 -0.38 10.26
CA GLY B 13 -8.35 -1.79 10.47
C GLY B 13 -8.41 -2.17 11.94
N SER B 14 -9.49 -1.81 12.61
CA SER B 14 -9.66 -2.11 14.02
C SER B 14 -10.50 -3.38 14.20
N LYS B 15 -9.85 -4.53 14.15
CA LYS B 15 -10.53 -5.81 14.30
C LYS B 15 -11.12 -5.94 15.70
N HIS B 16 -12.27 -5.33 15.91
CA HIS B 16 -12.94 -5.38 17.21
C HIS B 16 -14.34 -4.77 17.14
N LYS B 17 -15.12 -4.96 18.18
CA LYS B 17 -16.47 -4.42 18.24
C LYS B 17 -16.53 -3.17 19.11
CA CA C . 6.61 -6.87 -6.12
CA CA D . -5.82 -9.51 -4.62
N ALA A 1 12.38 -17.50 2.92
CA ALA A 1 12.09 -16.54 1.82
C ALA A 1 12.92 -15.26 1.99
N SER A 2 14.10 -15.23 1.35
CA SER A 2 14.98 -14.08 1.43
C SER A 2 15.14 -13.43 0.07
N MET A 3 15.06 -12.10 0.04
CA MET A 3 15.20 -11.35 -1.21
C MET A 3 15.51 -9.88 -0.93
N THR A 4 14.77 -9.30 0.02
CA THR A 4 14.97 -7.91 0.39
C THR A 4 14.26 -7.59 1.70
N ASP A 5 15.03 -7.13 2.68
CA ASP A 5 14.48 -6.79 3.98
C ASP A 5 13.75 -5.45 3.96
N GLN A 6 13.76 -4.77 2.81
CA GLN A 6 13.10 -3.48 2.68
C GLN A 6 11.65 -3.56 3.15
N GLN A 7 11.06 -4.74 3.03
CA GLN A 7 9.68 -4.96 3.45
C GLN A 7 9.57 -5.00 4.97
N ALA A 8 10.71 -5.11 5.65
CA ALA A 8 10.73 -5.17 7.10
C ALA A 8 10.85 -3.78 7.70
N GLU A 9 11.82 -3.01 7.20
CA GLU A 9 12.03 -1.64 7.69
C GLU A 9 10.75 -0.84 7.59
N ALA A 10 10.04 -1.02 6.47
CA ALA A 10 8.78 -0.34 6.23
C ALA A 10 7.89 -0.34 7.47
N ARG A 11 7.53 -1.53 7.93
CA ARG A 11 6.68 -1.68 9.11
C ARG A 11 7.25 -0.88 10.29
N ALA A 12 8.56 -0.68 10.27
CA ALA A 12 9.23 0.06 11.33
C ALA A 12 9.36 1.54 10.97
N PHE A 13 9.25 1.86 9.68
CA PHE A 13 9.35 3.24 9.22
C PHE A 13 8.16 4.05 9.71
N LEU A 14 7.01 3.40 9.82
CA LEU A 14 5.80 4.07 10.26
C LEU A 14 5.43 3.64 11.68
N SER A 15 4.54 4.40 12.30
CA SER A 15 4.10 4.10 13.67
C SER A 15 3.02 3.02 13.65
N GLU A 16 2.82 2.37 14.79
CA GLU A 16 1.81 1.32 14.90
C GLU A 16 0.48 1.82 14.34
N GLU A 17 0.29 3.14 14.42
CA GLU A 17 -0.93 3.77 13.92
C GLU A 17 -1.05 3.57 12.41
N MET A 18 -0.09 4.13 11.67
CA MET A 18 -0.09 4.03 10.22
C MET A 18 -0.19 2.57 9.76
N ILE A 19 0.22 1.66 10.63
CA ILE A 19 0.18 0.24 10.33
C ILE A 19 -1.25 -0.28 10.42
N ALA A 20 -1.85 -0.16 11.60
CA ALA A 20 -3.21 -0.61 11.83
C ALA A 20 -4.17 -0.03 10.80
N GLU A 21 -3.80 1.12 10.23
CA GLU A 21 -4.64 1.76 9.23
C GLU A 21 -4.32 1.21 7.84
N PHE A 22 -3.06 0.85 7.62
CA PHE A 22 -2.65 0.30 6.34
C PHE A 22 -3.36 -1.02 6.08
N LYS A 23 -3.61 -1.77 7.16
CA LYS A 23 -4.30 -3.04 7.05
C LYS A 23 -5.78 -2.81 6.72
N ALA A 24 -6.25 -1.59 6.96
CA ALA A 24 -7.64 -1.23 6.69
C ALA A 24 -8.09 -1.69 5.31
N ALA A 25 -7.57 -1.02 4.29
CA ALA A 25 -7.91 -1.34 2.91
C ALA A 25 -7.41 -2.72 2.48
N PHE A 26 -6.57 -3.33 3.32
CA PHE A 26 -6.03 -4.66 3.02
C PHE A 26 -7.14 -5.63 2.62
N ASP A 27 -8.34 -5.39 3.15
CA ASP A 27 -9.49 -6.25 2.83
C ASP A 27 -10.03 -5.94 1.45
N MET A 28 -10.47 -4.71 1.25
CA MET A 28 -11.02 -4.29 -0.04
C MET A 28 -9.97 -4.40 -1.14
N PHE A 29 -8.70 -4.25 -0.76
CA PHE A 29 -7.60 -4.34 -1.71
C PHE A 29 -7.64 -5.66 -2.47
N ASP A 30 -7.48 -6.76 -1.73
CA ASP A 30 -7.48 -8.09 -2.33
C ASP A 30 -8.88 -8.45 -2.83
N ALA A 31 -8.98 -8.69 -4.13
CA ALA A 31 -10.26 -9.05 -4.74
C ALA A 31 -10.47 -10.56 -4.71
N ASP A 32 -9.48 -11.30 -5.18
CA ASP A 32 -9.56 -12.76 -5.21
C ASP A 32 -9.06 -13.35 -3.90
N GLY A 33 -8.15 -12.63 -3.24
CA GLY A 33 -7.60 -13.11 -1.98
C GLY A 33 -6.71 -14.32 -2.15
N GLY A 34 -5.42 -14.08 -2.31
CA GLY A 34 -4.47 -15.16 -2.48
C GLY A 34 -3.19 -14.72 -3.14
N GLY A 35 -3.27 -13.65 -3.94
CA GLY A 35 -2.09 -13.15 -4.61
C GLY A 35 -1.56 -11.87 -3.98
N ASP A 36 -1.71 -10.76 -4.69
CA ASP A 36 -1.24 -9.46 -4.20
C ASP A 36 -2.12 -8.34 -4.74
N ILE A 37 -1.74 -7.11 -4.42
CA ILE A 37 -2.48 -5.94 -4.87
C ILE A 37 -1.94 -5.42 -6.20
N SER A 38 -2.80 -5.44 -7.22
CA SER A 38 -2.42 -4.97 -8.54
C SER A 38 -2.86 -3.52 -8.76
N THR A 39 -2.87 -3.09 -10.01
CA THR A 39 -3.26 -1.72 -10.35
C THR A 39 -4.75 -1.51 -10.09
N LYS A 40 -5.57 -2.45 -10.54
CA LYS A 40 -7.01 -2.36 -10.37
C LYS A 40 -7.40 -2.49 -8.90
N GLU A 41 -6.59 -3.22 -8.13
CA GLU A 41 -6.86 -3.42 -6.72
C GLU A 41 -6.65 -2.14 -5.93
N LEU A 42 -5.80 -1.25 -6.44
CA LEU A 42 -5.51 0.01 -5.78
C LEU A 42 -6.59 1.06 -6.10
N GLY A 43 -6.78 1.33 -7.38
CA GLY A 43 -7.78 2.30 -7.80
C GLY A 43 -9.14 2.02 -7.20
N THR A 44 -9.40 0.76 -6.89
CA THR A 44 -10.68 0.36 -6.31
C THR A 44 -10.95 1.12 -5.01
N VAL A 45 -10.33 0.65 -3.93
CA VAL A 45 -10.51 1.27 -2.62
C VAL A 45 -10.19 2.76 -2.63
N MET A 46 -9.33 3.17 -3.57
CA MET A 46 -8.95 4.57 -3.68
C MET A 46 -10.02 5.39 -4.39
N ARG A 47 -10.75 4.75 -5.29
CA ARG A 47 -11.80 5.43 -6.05
C ARG A 47 -13.13 5.41 -5.29
N MET A 48 -13.31 4.41 -4.44
CA MET A 48 -14.55 4.29 -3.67
C MET A 48 -14.45 5.03 -2.34
N LEU A 49 -13.24 5.43 -1.97
CA LEU A 49 -13.02 6.14 -0.71
C LEU A 49 -13.04 7.65 -0.92
N GLY A 50 -12.27 8.12 -1.90
CA GLY A 50 -12.21 9.55 -2.17
C GLY A 50 -11.09 9.91 -3.12
N GLN A 51 -10.01 9.15 -3.07
CA GLN A 51 -8.86 9.40 -3.92
C GLN A 51 -9.20 9.13 -5.39
N ASN A 52 -8.39 9.66 -6.29
CA ASN A 52 -8.63 9.46 -7.72
C ASN A 52 -7.32 9.33 -8.48
N PRO A 53 -6.46 8.38 -8.07
CA PRO A 53 -5.17 8.15 -8.73
C PRO A 53 -5.34 7.59 -10.14
N THR A 54 -5.07 8.42 -11.14
CA THR A 54 -5.20 8.01 -12.54
C THR A 54 -4.44 6.72 -12.82
N LYS A 55 -4.63 6.17 -14.00
CA LYS A 55 -3.97 4.94 -14.40
C LYS A 55 -2.46 5.06 -14.25
N CYS A 56 -1.87 6.06 -14.91
CA CYS A 56 -0.44 6.30 -14.84
C CYS A 56 0.00 6.54 -13.40
N GLU A 57 -0.90 7.13 -12.62
CA GLU A 57 -0.63 7.43 -11.21
C GLU A 57 -0.30 6.15 -10.46
N LEU A 58 -1.27 5.25 -10.37
CA LEU A 58 -1.09 3.99 -9.67
C LEU A 58 0.03 3.17 -10.31
N ASP A 59 0.22 3.34 -11.62
CA ASP A 59 1.27 2.64 -12.34
C ASP A 59 2.63 3.20 -11.98
N ALA A 60 2.67 4.47 -11.58
CA ALA A 60 3.90 5.12 -11.21
C ALA A 60 4.36 4.66 -9.83
N ILE A 61 3.39 4.32 -8.99
CA ILE A 61 3.67 3.86 -7.64
C ILE A 61 4.06 2.38 -7.65
N ILE A 62 3.14 1.54 -8.12
CA ILE A 62 3.40 0.10 -8.20
C ILE A 62 4.78 -0.19 -8.78
N CYS A 63 5.11 0.49 -9.87
CA CYS A 63 6.41 0.31 -10.51
C CYS A 63 7.53 0.52 -9.49
N GLU A 64 7.33 1.48 -8.59
CA GLU A 64 8.29 1.78 -7.56
C GLU A 64 8.12 0.82 -6.39
N VAL A 65 6.86 0.43 -6.14
CA VAL A 65 6.55 -0.50 -5.06
C VAL A 65 7.18 -1.85 -5.34
N ASP A 66 7.20 -2.25 -6.60
CA ASP A 66 7.77 -3.52 -7.01
C ASP A 66 9.24 -3.37 -7.38
N GLU A 67 10.12 -3.97 -6.58
CA GLU A 67 11.55 -3.92 -6.83
C GLU A 67 12.02 -5.19 -7.53
N ASP A 68 11.11 -5.83 -8.25
CA ASP A 68 11.44 -7.06 -8.97
C ASP A 68 10.62 -7.18 -10.25
N GLY A 69 10.12 -6.04 -10.74
CA GLY A 69 9.32 -6.05 -11.96
C GLY A 69 8.16 -7.04 -11.90
N SER A 70 7.37 -6.95 -10.83
CA SER A 70 6.24 -7.84 -10.66
C SER A 70 4.91 -7.07 -10.74
N GLY A 71 4.96 -5.78 -10.43
CA GLY A 71 3.76 -4.97 -10.47
C GLY A 71 2.72 -5.42 -9.45
N THR A 72 3.16 -6.22 -8.48
CA THR A 72 2.27 -6.72 -7.44
C THR A 72 2.81 -6.38 -6.06
N ILE A 73 1.91 -6.00 -5.15
CA ILE A 73 2.29 -5.65 -3.79
C ILE A 73 2.14 -6.84 -2.85
N ASP A 74 3.26 -7.30 -2.30
CA ASP A 74 3.26 -8.44 -1.39
C ASP A 74 2.58 -8.07 -0.07
N PHE A 75 2.77 -8.93 0.93
CA PHE A 75 2.17 -8.71 2.25
C PHE A 75 2.63 -7.37 2.84
N GLU A 76 3.79 -7.35 3.48
CA GLU A 76 4.32 -6.13 4.07
C GLU A 76 4.70 -5.11 3.00
N GLU A 77 4.78 -5.56 1.75
CA GLU A 77 5.13 -4.68 0.64
C GLU A 77 4.15 -3.50 0.56
N PHE A 78 2.97 -3.65 1.14
CA PHE A 78 1.96 -2.59 1.13
C PHE A 78 2.40 -1.41 1.99
N LEU A 79 3.48 -1.59 2.75
CA LEU A 79 4.01 -0.51 3.59
C LEU A 79 5.11 0.22 2.84
N VAL A 80 6.03 -0.55 2.26
CA VAL A 80 7.15 0.02 1.51
C VAL A 80 6.65 0.88 0.37
N MET A 81 5.54 0.46 -0.24
CA MET A 81 4.94 1.20 -1.34
C MET A 81 4.82 2.68 -0.99
N MET A 82 4.44 2.94 0.25
CA MET A 82 4.28 4.30 0.73
C MET A 82 5.56 4.80 1.39
N VAL A 83 6.35 3.87 1.95
CA VAL A 83 7.61 4.25 2.58
C VAL A 83 8.55 4.91 1.58
N ARG A 84 8.56 4.37 0.36
CA ARG A 84 9.39 4.91 -0.71
C ARG A 84 8.88 6.28 -1.17
N GLN A 85 7.60 6.52 -0.92
CA GLN A 85 6.98 7.80 -1.30
C GLN A 85 6.77 8.68 -0.07
N MET A 86 7.40 8.31 1.04
CA MET A 86 7.27 9.06 2.28
C MET A 86 8.61 9.69 2.66
N LYS A 87 9.68 8.91 2.54
CA LYS A 87 11.02 9.38 2.87
C LYS A 87 11.36 10.65 2.08
N GLU A 88 11.49 10.51 0.76
CA GLU A 88 11.81 11.63 -0.10
C GLU A 88 11.83 11.20 -1.56
N ASP A 89 11.96 12.17 -2.46
CA ASP A 89 11.99 11.90 -3.90
C ASP A 89 13.41 12.06 -4.45
N ALA A 90 14.41 11.79 -3.61
CA ALA A 90 15.80 11.91 -4.02
C ALA A 90 16.67 10.88 -3.29
N ARG B 1 0.03 9.32 -3.37
CA ARG B 1 1.25 8.56 -3.00
C ARG B 1 1.55 8.71 -1.51
N MET B 2 1.87 9.92 -1.10
CA MET B 2 2.18 10.19 0.31
C MET B 2 0.95 10.67 1.05
N SER B 3 1.00 10.59 2.38
CA SER B 3 -0.12 11.02 3.21
C SER B 3 -1.39 10.26 2.85
N ALA B 4 -1.23 8.99 2.49
CA ALA B 4 -2.36 8.14 2.13
C ALA B 4 -3.10 7.65 3.37
N ASP B 5 -2.60 8.04 4.55
CA ASP B 5 -3.22 7.62 5.81
C ASP B 5 -4.74 7.72 5.76
N ALA B 6 -5.24 8.64 4.95
CA ALA B 6 -6.69 8.82 4.80
C ALA B 6 -7.37 7.50 4.48
N MET B 7 -7.15 6.99 3.28
CA MET B 7 -7.74 5.73 2.86
C MET B 7 -7.43 4.64 3.88
N LEU B 8 -6.20 4.68 4.40
CA LEU B 8 -5.76 3.72 5.39
C LEU B 8 -6.64 3.84 6.64
N ARG B 9 -7.02 5.06 6.98
CA ARG B 9 -7.87 5.30 8.14
C ARG B 9 -9.35 5.28 7.73
N ALA B 10 -9.62 4.82 6.51
CA ALA B 10 -10.99 4.77 6.00
C ALA B 10 -11.70 3.49 6.42
N LEU B 11 -11.34 2.38 5.76
CA LEU B 11 -11.95 1.09 6.04
C LEU B 11 -11.47 0.52 7.37
N LEU B 12 -10.48 1.17 7.99
CA LEU B 12 -9.94 0.70 9.27
C LEU B 12 -11.06 0.46 10.27
N GLY B 13 -11.18 -0.79 10.73
CA GLY B 13 -12.22 -1.13 11.70
C GLY B 13 -13.57 -1.31 11.05
N SER B 14 -13.93 -2.56 10.76
CA SER B 14 -15.20 -2.87 10.14
C SER B 14 -16.04 -3.80 11.02
N LYS B 15 -17.12 -3.26 11.58
CA LYS B 15 -18.00 -4.05 12.44
C LYS B 15 -19.25 -3.26 12.79
N HIS B 16 -19.08 -1.98 13.09
CA HIS B 16 -20.20 -1.11 13.44
C HIS B 16 -20.45 -0.08 12.35
N LYS B 17 -21.46 0.77 12.56
CA LYS B 17 -21.80 1.80 11.60
C LYS B 17 -22.57 2.95 12.27
CA CA C . 6.75 -7.07 -5.67
CA CA D . -5.64 -9.58 -4.75
N ALA A 1 23.75 -13.25 1.36
CA ALA A 1 23.08 -12.83 0.09
C ALA A 1 21.77 -12.10 0.39
N SER A 2 21.74 -10.80 0.09
CA SER A 2 20.56 -9.99 0.32
C SER A 2 19.91 -9.58 -1.00
N MET A 3 18.70 -9.04 -0.92
CA MET A 3 17.97 -8.60 -2.11
C MET A 3 17.14 -7.37 -1.81
N THR A 4 16.38 -7.41 -0.72
CA THR A 4 15.54 -6.30 -0.32
C THR A 4 14.81 -6.61 0.98
N ASP A 5 15.08 -5.82 2.02
CA ASP A 5 14.44 -6.02 3.32
C ASP A 5 13.49 -4.86 3.66
N GLN A 6 13.35 -3.91 2.74
CA GLN A 6 12.46 -2.77 2.95
C GLN A 6 11.11 -3.19 3.51
N GLN A 7 10.65 -4.37 3.10
CA GLN A 7 9.37 -4.89 3.58
C GLN A 7 9.36 -4.96 5.10
N ALA A 8 10.52 -5.20 5.66
CA ALA A 8 10.67 -5.31 7.10
C ALA A 8 10.84 -3.94 7.72
N GLU A 9 11.78 -3.16 7.19
CA GLU A 9 12.04 -1.82 7.69
C GLU A 9 10.79 -0.96 7.59
N ALA A 10 10.08 -1.11 6.49
CA ALA A 10 8.84 -0.38 6.24
C ALA A 10 7.95 -0.35 7.49
N ARG A 11 7.61 -1.54 7.98
CA ARG A 11 6.77 -1.65 9.17
C ARG A 11 7.35 -0.84 10.33
N ALA A 12 8.66 -0.65 10.30
CA ALA A 12 9.33 0.11 11.35
C ALA A 12 9.50 1.58 10.94
N PHE A 13 9.44 1.84 9.63
CA PHE A 13 9.59 3.20 9.12
C PHE A 13 8.40 4.06 9.53
N LEU A 14 7.24 3.43 9.72
CA LEU A 14 6.03 4.13 10.11
C LEU A 14 5.62 3.76 11.53
N SER A 15 4.66 4.50 12.08
CA SER A 15 4.16 4.25 13.42
C SER A 15 3.09 3.16 13.40
N GLU A 16 2.83 2.57 14.56
CA GLU A 16 1.81 1.53 14.67
C GLU A 16 0.50 2.00 14.04
N GLU A 17 0.31 3.32 14.04
CA GLU A 17 -0.89 3.92 13.47
C GLU A 17 -1.00 3.59 11.98
N MET A 18 0.00 4.01 11.21
CA MET A 18 0.03 3.76 9.77
C MET A 18 -0.19 2.28 9.46
N ILE A 19 0.12 1.42 10.43
CA ILE A 19 -0.05 -0.02 10.26
C ILE A 19 -1.51 -0.41 10.44
N ALA A 20 -2.04 -0.13 11.63
CA ALA A 20 -3.42 -0.46 11.95
C ALA A 20 -4.39 0.14 10.92
N GLU A 21 -3.94 1.20 10.24
CA GLU A 21 -4.75 1.85 9.23
C GLU A 21 -4.49 1.20 7.88
N PHE A 22 -3.26 0.74 7.68
CA PHE A 22 -2.88 0.07 6.44
C PHE A 22 -3.71 -1.19 6.27
N LYS A 23 -4.05 -1.81 7.39
CA LYS A 23 -4.85 -3.03 7.39
C LYS A 23 -6.29 -2.71 6.99
N ALA A 24 -6.64 -1.42 7.06
CA ALA A 24 -7.98 -0.98 6.72
C ALA A 24 -8.42 -1.50 5.34
N ALA A 25 -7.77 -0.98 4.30
CA ALA A 25 -8.09 -1.38 2.92
C ALA A 25 -7.46 -2.73 2.56
N PHE A 26 -6.72 -3.33 3.49
CA PHE A 26 -6.07 -4.61 3.25
C PHE A 26 -7.01 -5.60 2.58
N ASP A 27 -8.15 -5.87 3.20
CA ASP A 27 -9.13 -6.81 2.65
C ASP A 27 -9.77 -6.27 1.38
N MET A 28 -10.28 -5.04 1.45
CA MET A 28 -10.92 -4.41 0.30
C MET A 28 -9.96 -4.34 -0.90
N PHE A 29 -8.67 -4.31 -0.61
CA PHE A 29 -7.66 -4.25 -1.67
C PHE A 29 -7.75 -5.47 -2.58
N ASP A 30 -7.28 -6.61 -2.09
CA ASP A 30 -7.30 -7.84 -2.86
C ASP A 30 -8.73 -8.21 -3.24
N ALA A 31 -8.97 -8.28 -4.55
CA ALA A 31 -10.30 -8.62 -5.06
C ALA A 31 -10.55 -10.12 -4.96
N ASP A 32 -9.65 -10.90 -5.53
CA ASP A 32 -9.77 -12.36 -5.50
C ASP A 32 -9.27 -12.92 -4.17
N GLY A 33 -8.30 -12.24 -3.58
CA GLY A 33 -7.74 -12.68 -2.31
C GLY A 33 -6.92 -13.94 -2.45
N GLY A 34 -5.60 -13.78 -2.44
CA GLY A 34 -4.71 -14.93 -2.56
C GLY A 34 -3.36 -14.55 -3.14
N GLY A 35 -3.33 -13.49 -3.94
CA GLY A 35 -2.09 -13.04 -4.55
C GLY A 35 -1.59 -11.73 -3.97
N ASP A 36 -1.66 -10.67 -4.75
CA ASP A 36 -1.21 -9.36 -4.31
C ASP A 36 -2.09 -8.26 -4.89
N ILE A 37 -1.77 -7.01 -4.57
CA ILE A 37 -2.52 -5.87 -5.05
C ILE A 37 -2.01 -5.39 -6.41
N SER A 38 -2.81 -5.60 -7.45
CA SER A 38 -2.44 -5.20 -8.80
C SER A 38 -2.67 -3.70 -9.00
N THR A 39 -2.69 -3.27 -10.25
CA THR A 39 -2.89 -1.85 -10.56
C THR A 39 -4.35 -1.46 -10.37
N LYS A 40 -5.26 -2.37 -10.69
CA LYS A 40 -6.69 -2.11 -10.55
C LYS A 40 -7.15 -2.28 -9.11
N GLU A 41 -6.52 -3.22 -8.40
CA GLU A 41 -6.86 -3.48 -7.01
C GLU A 41 -6.70 -2.23 -6.17
N LEU A 42 -5.68 -1.44 -6.46
CA LEU A 42 -5.41 -0.21 -5.72
C LEU A 42 -6.47 0.84 -6.02
N GLY A 43 -6.63 1.19 -7.29
CA GLY A 43 -7.62 2.17 -7.68
C GLY A 43 -9.00 1.89 -7.11
N THR A 44 -9.28 0.61 -6.88
CA THR A 44 -10.57 0.20 -6.34
C THR A 44 -10.86 0.91 -5.01
N VAL A 45 -10.21 0.44 -3.96
CA VAL A 45 -10.39 1.00 -2.62
C VAL A 45 -9.97 2.48 -2.59
N MET A 46 -9.08 2.87 -3.49
CA MET A 46 -8.61 4.25 -3.53
C MET A 46 -9.65 5.16 -4.17
N ARG A 47 -10.42 4.62 -5.12
CA ARG A 47 -11.44 5.40 -5.80
C ARG A 47 -12.76 5.40 -5.03
N MET A 48 -12.99 4.36 -4.23
CA MET A 48 -14.21 4.26 -3.45
C MET A 48 -14.02 4.81 -2.03
N LEU A 49 -12.90 5.48 -1.79
CA LEU A 49 -12.62 6.04 -0.47
C LEU A 49 -12.43 7.55 -0.55
N GLY A 50 -11.70 8.00 -1.57
CA GLY A 50 -11.45 9.42 -1.72
C GLY A 50 -10.42 9.72 -2.79
N GLN A 51 -9.36 8.91 -2.84
CA GLN A 51 -8.31 9.11 -3.83
C GLN A 51 -8.83 8.81 -5.24
N ASN A 52 -8.10 9.28 -6.24
CA ASN A 52 -8.51 9.06 -7.62
C ASN A 52 -7.30 8.86 -8.54
N PRO A 53 -6.36 7.97 -8.15
CA PRO A 53 -5.16 7.71 -8.93
C PRO A 53 -5.47 6.81 -10.15
N THR A 54 -5.44 7.41 -11.33
CA THR A 54 -5.71 6.67 -12.56
C THR A 54 -4.72 5.53 -12.75
N LYS A 55 -4.83 4.85 -13.88
CA LYS A 55 -3.93 3.74 -14.19
C LYS A 55 -2.48 4.19 -14.20
N CYS A 56 -2.25 5.41 -14.63
CA CYS A 56 -0.90 5.97 -14.69
C CYS A 56 -0.43 6.42 -13.32
N GLU A 57 -1.36 6.99 -12.54
CA GLU A 57 -1.04 7.45 -11.20
C GLU A 57 -0.50 6.32 -10.34
N LEU A 58 -1.20 5.19 -10.34
CA LEU A 58 -0.80 4.03 -9.56
C LEU A 58 0.43 3.37 -10.18
N ASP A 59 0.63 3.58 -11.47
CA ASP A 59 1.78 3.01 -12.18
C ASP A 59 3.07 3.64 -11.70
N ALA A 60 2.98 4.90 -11.27
CA ALA A 60 4.15 5.61 -10.79
C ALA A 60 4.55 5.11 -9.39
N ILE A 61 3.57 4.57 -8.68
CA ILE A 61 3.80 4.05 -7.34
C ILE A 61 4.23 2.58 -7.40
N ILE A 62 3.41 1.75 -8.03
CA ILE A 62 3.70 0.33 -8.15
C ILE A 62 5.12 0.12 -8.68
N CYS A 63 5.52 0.93 -9.66
CA CYS A 63 6.85 0.83 -10.24
C CYS A 63 7.92 0.85 -9.14
N GLU A 64 7.60 1.52 -8.03
CA GLU A 64 8.51 1.61 -6.90
C GLU A 64 8.15 0.56 -5.86
N VAL A 65 6.87 0.28 -5.74
CA VAL A 65 6.37 -0.72 -4.78
C VAL A 65 6.88 -2.11 -5.16
N ASP A 66 6.74 -2.45 -6.44
CA ASP A 66 7.15 -3.74 -6.95
C ASP A 66 8.57 -4.10 -6.52
N GLU A 67 9.50 -3.15 -6.64
CA GLU A 67 10.89 -3.37 -6.27
C GLU A 67 11.41 -4.70 -6.82
N ASP A 68 10.85 -5.14 -7.94
CA ASP A 68 11.26 -6.39 -8.57
C ASP A 68 10.74 -6.48 -10.00
N GLY A 69 9.45 -6.17 -10.18
CA GLY A 69 8.85 -6.23 -11.51
C GLY A 69 7.81 -7.32 -11.62
N SER A 70 6.81 -7.26 -10.76
CA SER A 70 5.73 -8.26 -10.75
C SER A 70 4.39 -7.63 -11.12
N GLY A 71 4.27 -6.32 -10.91
CA GLY A 71 3.02 -5.64 -11.21
C GLY A 71 2.05 -5.65 -10.04
N THR A 72 2.34 -6.47 -9.04
CA THR A 72 1.48 -6.57 -7.86
C THR A 72 2.23 -6.11 -6.62
N ILE A 73 1.51 -6.05 -5.49
CA ILE A 73 2.10 -5.61 -4.23
C ILE A 73 2.03 -6.71 -3.17
N ASP A 74 3.21 -7.17 -2.74
CA ASP A 74 3.30 -8.22 -1.73
C ASP A 74 2.63 -7.80 -0.43
N PHE A 75 2.82 -8.58 0.62
CA PHE A 75 2.24 -8.30 1.92
C PHE A 75 2.88 -7.05 2.55
N GLU A 76 4.03 -7.24 3.20
CA GLU A 76 4.73 -6.12 3.83
C GLU A 76 4.95 -4.98 2.83
N GLU A 77 4.96 -5.31 1.55
CA GLU A 77 5.17 -4.32 0.50
C GLU A 77 4.17 -3.17 0.63
N PHE A 78 2.97 -3.48 1.13
CA PHE A 78 1.92 -2.47 1.30
C PHE A 78 2.41 -1.32 2.18
N LEU A 79 3.48 -1.56 2.94
CA LEU A 79 4.04 -0.53 3.80
C LEU A 79 5.19 0.19 3.08
N VAL A 80 6.02 -0.59 2.39
CA VAL A 80 7.15 -0.04 1.65
C VAL A 80 6.67 0.83 0.51
N MET A 81 5.56 0.44 -0.10
CA MET A 81 4.98 1.18 -1.22
C MET A 81 4.92 2.65 -0.89
N MET A 82 4.57 2.93 0.36
CA MET A 82 4.43 4.28 0.85
C MET A 82 5.72 4.77 1.51
N VAL A 83 6.54 3.83 1.98
CA VAL A 83 7.81 4.18 2.60
C VAL A 83 8.78 4.75 1.57
N ARG A 84 8.62 4.30 0.32
CA ARG A 84 9.49 4.76 -0.76
C ARG A 84 9.06 6.14 -1.26
N GLN A 85 7.85 6.56 -0.91
CA GLN A 85 7.33 7.87 -1.31
C GLN A 85 7.30 8.81 -0.12
N MET A 86 7.09 8.26 1.07
CA MET A 86 7.04 9.03 2.29
C MET A 86 8.40 9.63 2.62
N LYS A 87 9.38 8.75 2.86
CA LYS A 87 10.73 9.19 3.18
C LYS A 87 11.30 10.08 2.09
N GLU A 88 10.82 9.88 0.86
CA GLU A 88 11.28 10.68 -0.27
C GLU A 88 12.77 10.51 -0.50
N ASP A 89 13.24 10.90 -1.68
CA ASP A 89 14.66 10.80 -2.01
C ASP A 89 15.35 12.14 -1.86
N ALA A 90 14.62 13.22 -2.13
CA ALA A 90 15.16 14.56 -2.03
C ALA A 90 16.34 14.75 -2.98
N ARG B 1 0.02 10.20 -2.70
CA ARG B 1 1.06 9.15 -2.71
C ARG B 1 1.75 9.04 -1.37
N MET B 2 2.01 10.19 -0.74
CA MET B 2 2.66 10.22 0.56
C MET B 2 1.65 10.11 1.69
N SER B 3 0.80 11.12 1.83
CA SER B 3 -0.22 11.13 2.87
C SER B 3 -1.44 10.33 2.45
N ALA B 4 -1.22 9.05 2.17
CA ALA B 4 -2.31 8.16 1.77
C ALA B 4 -3.08 7.66 2.99
N ASP B 5 -2.63 8.06 4.19
CA ASP B 5 -3.28 7.65 5.43
C ASP B 5 -4.79 7.78 5.33
N ALA B 6 -5.25 8.72 4.51
CA ALA B 6 -6.68 8.93 4.32
C ALA B 6 -7.39 7.62 3.98
N MET B 7 -6.97 6.99 2.88
CA MET B 7 -7.55 5.72 2.47
C MET B 7 -7.35 4.68 3.54
N LEU B 8 -6.22 4.78 4.25
CA LEU B 8 -5.91 3.84 5.31
C LEU B 8 -6.84 4.05 6.50
N ARG B 9 -7.21 5.30 6.75
CA ARG B 9 -8.12 5.63 7.85
C ARG B 9 -9.58 5.62 7.38
N ALA B 10 -9.81 5.09 6.18
CA ALA B 10 -11.14 5.03 5.60
C ALA B 10 -11.93 3.82 6.12
N LEU B 11 -11.59 2.65 5.60
CA LEU B 11 -12.25 1.41 5.98
C LEU B 11 -11.87 0.98 7.40
N LEU B 12 -10.82 1.59 7.95
CA LEU B 12 -10.36 1.26 9.29
C LEU B 12 -11.50 1.37 10.31
N GLY B 13 -11.98 2.60 10.51
CA GLY B 13 -13.07 2.81 11.45
C GLY B 13 -12.57 3.02 12.87
N SER B 14 -12.67 4.25 13.36
CA SER B 14 -12.23 4.58 14.71
C SER B 14 -10.74 4.30 14.88
N LYS B 15 -10.23 4.51 16.08
CA LYS B 15 -8.82 4.30 16.38
C LYS B 15 -8.62 3.03 17.20
N HIS B 16 -9.28 2.97 18.36
CA HIS B 16 -9.19 1.81 19.23
C HIS B 16 -10.56 1.34 19.68
N LYS B 17 -11.36 2.27 20.19
CA LYS B 17 -12.71 1.95 20.66
C LYS B 17 -13.54 3.21 20.81
CA CA C . 6.10 -6.38 -6.07
CA CA D . -5.71 -9.29 -5.39
N ALA A 1 14.94 -17.97 0.23
CA ALA A 1 14.26 -17.64 1.51
C ALA A 1 14.05 -16.13 1.64
N SER A 2 15.13 -15.38 1.53
CA SER A 2 15.07 -13.92 1.64
C SER A 2 15.25 -13.27 0.27
N MET A 3 15.43 -11.95 0.27
CA MET A 3 15.63 -11.21 -0.97
C MET A 3 15.88 -9.73 -0.67
N THR A 4 14.89 -9.07 -0.07
CA THR A 4 15.00 -7.66 0.27
C THR A 4 14.29 -7.36 1.58
N ASP A 5 15.05 -6.83 2.55
CA ASP A 5 14.49 -6.51 3.86
C ASP A 5 13.72 -5.18 3.82
N GLN A 6 13.66 -4.54 2.66
CA GLN A 6 12.95 -3.28 2.52
C GLN A 6 11.53 -3.39 3.05
N GLN A 7 10.93 -4.56 2.87
CA GLN A 7 9.56 -4.80 3.33
C GLN A 7 9.52 -4.92 4.85
N ALA A 8 10.69 -5.05 5.47
CA ALA A 8 10.77 -5.17 6.92
C ALA A 8 10.92 -3.80 7.59
N GLU A 9 11.88 -3.02 7.11
CA GLU A 9 12.13 -1.69 7.66
C GLU A 9 10.87 -0.83 7.56
N ALA A 10 10.21 -0.91 6.41
CA ALA A 10 8.98 -0.15 6.16
C ALA A 10 8.05 -0.19 7.37
N ARG A 11 7.64 -1.39 7.76
CA ARG A 11 6.75 -1.56 8.90
C ARG A 11 7.29 -0.84 10.13
N ALA A 12 8.61 -0.67 10.17
CA ALA A 12 9.26 0.02 11.29
C ALA A 12 9.44 1.50 10.99
N PHE A 13 9.45 1.85 9.70
CA PHE A 13 9.62 3.24 9.28
C PHE A 13 8.41 4.08 9.70
N LEU A 14 7.27 3.42 9.88
CA LEU A 14 6.04 4.11 10.27
C LEU A 14 5.61 3.70 11.67
N SER A 15 4.58 4.36 12.18
CA SER A 15 4.06 4.08 13.51
C SER A 15 2.97 3.02 13.43
N GLU A 16 2.65 2.41 14.58
CA GLU A 16 1.60 1.39 14.63
C GLU A 16 0.34 1.92 13.95
N GLU A 17 0.17 3.23 13.98
CA GLU A 17 -0.97 3.88 13.36
C GLU A 17 -1.02 3.59 11.87
N MET A 18 0.06 3.94 11.17
CA MET A 18 0.15 3.73 9.73
C MET A 18 0.01 2.25 9.39
N ILE A 19 0.26 1.38 10.37
CA ILE A 19 0.16 -0.06 10.17
C ILE A 19 -1.28 -0.52 10.31
N ALA A 20 -1.83 -0.38 11.51
CA ALA A 20 -3.21 -0.78 11.78
C ALA A 20 -4.16 -0.24 10.72
N GLU A 21 -3.76 0.86 10.09
CA GLU A 21 -4.55 1.48 9.03
C GLU A 21 -4.19 0.89 7.68
N PHE A 22 -2.93 0.48 7.53
CA PHE A 22 -2.46 -0.12 6.29
C PHE A 22 -3.25 -1.39 6.00
N LYS A 23 -3.63 -2.08 7.06
CA LYS A 23 -4.39 -3.32 6.95
C LYS A 23 -5.85 -3.03 6.64
N ALA A 24 -6.25 -1.76 6.78
CA ALA A 24 -7.63 -1.34 6.53
C ALA A 24 -8.19 -1.94 5.24
N ALA A 25 -7.80 -1.36 4.11
CA ALA A 25 -8.28 -1.82 2.80
C ALA A 25 -7.69 -3.18 2.42
N PHE A 26 -6.73 -3.67 3.22
CA PHE A 26 -6.09 -4.95 2.94
C PHE A 26 -7.12 -6.02 2.57
N ASP A 27 -8.33 -5.88 3.09
CA ASP A 27 -9.40 -6.85 2.82
C ASP A 27 -10.08 -6.53 1.49
N MET A 28 -10.66 -5.33 1.39
CA MET A 28 -11.35 -4.91 0.18
C MET A 28 -10.40 -4.93 -1.02
N PHE A 29 -9.12 -4.72 -0.75
CA PHE A 29 -8.10 -4.71 -1.81
C PHE A 29 -8.13 -6.01 -2.60
N ASP A 30 -7.66 -7.09 -1.97
CA ASP A 30 -7.64 -8.40 -2.61
C ASP A 30 -9.02 -8.81 -3.08
N ALA A 31 -9.16 -9.01 -4.38
CA ALA A 31 -10.43 -9.42 -4.96
C ALA A 31 -10.50 -10.94 -5.12
N ASP A 32 -9.43 -11.51 -5.66
CA ASP A 32 -9.36 -12.96 -5.87
C ASP A 32 -9.13 -13.68 -4.55
N GLY A 33 -8.65 -12.95 -3.54
CA GLY A 33 -8.41 -13.54 -2.24
C GLY A 33 -7.06 -13.15 -1.66
N GLY A 34 -6.00 -13.79 -2.14
CA GLY A 34 -4.68 -13.49 -1.65
C GLY A 34 -3.65 -13.43 -2.76
N GLY A 35 -3.94 -12.65 -3.79
CA GLY A 35 -3.02 -12.52 -4.92
C GLY A 35 -2.36 -11.16 -4.96
N ASP A 36 -2.04 -10.62 -3.79
CA ASP A 36 -1.40 -9.31 -3.70
C ASP A 36 -2.27 -8.23 -4.34
N ILE A 37 -1.75 -7.01 -4.37
CA ILE A 37 -2.48 -5.89 -4.95
C ILE A 37 -1.82 -5.42 -6.25
N SER A 38 -2.63 -5.31 -7.30
CA SER A 38 -2.16 -4.87 -8.60
C SER A 38 -2.51 -3.40 -8.83
N THR A 39 -2.45 -2.96 -10.08
CA THR A 39 -2.76 -1.58 -10.42
C THR A 39 -4.27 -1.33 -10.35
N LYS A 40 -5.06 -2.31 -10.78
CA LYS A 40 -6.50 -2.20 -10.76
C LYS A 40 -7.05 -2.30 -9.35
N GLU A 41 -6.34 -3.05 -8.51
CA GLU A 41 -6.76 -3.24 -7.11
C GLU A 41 -6.72 -1.92 -6.34
N LEU A 42 -5.86 -1.01 -6.79
CA LEU A 42 -5.73 0.29 -6.13
C LEU A 42 -6.88 1.21 -6.52
N GLY A 43 -7.15 1.29 -7.82
CA GLY A 43 -8.23 2.14 -8.29
C GLY A 43 -9.57 1.80 -7.67
N THR A 44 -9.66 0.63 -7.05
CA THR A 44 -10.89 0.19 -6.41
C THR A 44 -11.14 0.93 -5.10
N VAL A 45 -10.42 0.52 -4.06
CA VAL A 45 -10.55 1.10 -2.73
C VAL A 45 -10.23 2.59 -2.72
N MET A 46 -9.16 2.98 -3.39
CA MET A 46 -8.74 4.38 -3.42
C MET A 46 -9.81 5.28 -4.05
N ARG A 47 -10.63 4.70 -4.93
CA ARG A 47 -11.69 5.47 -5.58
C ARG A 47 -12.90 5.64 -4.67
N MET A 48 -13.29 4.57 -3.99
CA MET A 48 -14.44 4.60 -3.10
C MET A 48 -14.08 5.16 -1.72
N LEU A 49 -12.86 5.65 -1.56
CA LEU A 49 -12.42 6.21 -0.29
C LEU A 49 -12.19 7.71 -0.39
N GLY A 50 -11.88 8.17 -1.60
CA GLY A 50 -11.63 9.60 -1.80
C GLY A 50 -10.55 9.86 -2.83
N GLN A 51 -9.50 9.04 -2.82
CA GLN A 51 -8.41 9.20 -3.76
C GLN A 51 -8.85 8.90 -5.18
N ASN A 52 -8.11 9.42 -6.15
CA ASN A 52 -8.44 9.22 -7.56
C ASN A 52 -7.19 9.08 -8.41
N PRO A 53 -6.27 8.18 -8.03
CA PRO A 53 -5.03 7.96 -8.76
C PRO A 53 -5.26 7.26 -10.10
N THR A 54 -5.08 8.00 -11.19
CA THR A 54 -5.28 7.45 -12.53
C THR A 54 -4.43 6.20 -12.73
N LYS A 55 -4.55 5.60 -13.92
CA LYS A 55 -3.79 4.39 -14.24
C LYS A 55 -2.29 4.62 -14.06
N CYS A 56 -1.76 5.62 -14.75
CA CYS A 56 -0.34 5.94 -14.66
C CYS A 56 0.03 6.32 -13.23
N GLU A 57 -0.93 6.88 -12.50
CA GLU A 57 -0.70 7.28 -11.12
C GLU A 57 -0.25 6.09 -10.27
N LEU A 58 -1.11 5.08 -10.18
CA LEU A 58 -0.80 3.88 -9.40
C LEU A 58 0.33 3.09 -10.04
N ASP A 59 0.44 3.19 -11.37
CA ASP A 59 1.48 2.48 -12.11
C ASP A 59 2.85 3.08 -11.80
N ALA A 60 2.87 4.35 -11.44
CA ALA A 60 4.12 5.02 -11.13
C ALA A 60 4.61 4.63 -9.74
N ILE A 61 3.67 4.32 -8.84
CA ILE A 61 4.00 3.93 -7.49
C ILE A 61 4.37 2.45 -7.45
N ILE A 62 3.43 1.59 -7.85
CA ILE A 62 3.65 0.14 -7.87
C ILE A 62 5.03 -0.20 -8.45
N CYS A 63 5.34 0.39 -9.60
CA CYS A 63 6.62 0.16 -10.26
C CYS A 63 7.77 0.32 -9.25
N GLU A 64 7.55 1.18 -8.26
CA GLU A 64 8.56 1.42 -7.23
C GLU A 64 8.34 0.48 -6.05
N VAL A 65 7.07 0.16 -5.79
CA VAL A 65 6.71 -0.73 -4.69
C VAL A 65 7.26 -2.13 -4.93
N ASP A 66 7.06 -2.61 -6.15
CA ASP A 66 7.53 -3.95 -6.53
C ASP A 66 9.03 -4.08 -6.35
N GLU A 67 9.78 -3.12 -6.90
CA GLU A 67 11.23 -3.14 -6.80
C GLU A 67 11.80 -4.42 -7.38
N ASP A 68 11.08 -5.00 -8.35
CA ASP A 68 11.51 -6.23 -8.99
C ASP A 68 10.89 -6.35 -10.39
N GLY A 69 9.60 -6.07 -10.49
CA GLY A 69 8.91 -6.16 -11.76
C GLY A 69 7.88 -7.26 -11.79
N SER A 70 6.96 -7.23 -10.82
CA SER A 70 5.92 -8.25 -10.72
C SER A 70 4.53 -7.62 -10.88
N GLY A 71 4.41 -6.34 -10.52
CA GLY A 71 3.13 -5.66 -10.62
C GLY A 71 2.20 -6.04 -9.48
N THR A 72 2.68 -6.88 -8.57
CA THR A 72 1.89 -7.32 -7.42
C THR A 72 2.52 -6.83 -6.11
N ILE A 73 1.67 -6.39 -5.20
CA ILE A 73 2.13 -5.89 -3.90
C ILE A 73 1.98 -6.95 -2.82
N ASP A 74 3.09 -7.28 -2.16
CA ASP A 74 3.09 -8.28 -1.10
C ASP A 74 2.36 -7.76 0.13
N PHE A 75 2.52 -8.46 1.24
CA PHE A 75 1.87 -8.06 2.49
C PHE A 75 2.45 -6.75 3.02
N GLU A 76 3.71 -6.78 3.45
CA GLU A 76 4.38 -5.60 3.96
C GLU A 76 4.69 -4.61 2.85
N GLU A 77 4.73 -5.09 1.61
CA GLU A 77 5.03 -4.24 0.46
C GLU A 77 4.08 -3.05 0.40
N PHE A 78 2.91 -3.17 1.01
CA PHE A 78 1.94 -2.09 1.03
C PHE A 78 2.39 -0.95 1.94
N LEU A 79 3.45 -1.20 2.71
CA LEU A 79 4.00 -0.17 3.59
C LEU A 79 5.15 0.53 2.90
N VAL A 80 6.02 -0.25 2.26
CA VAL A 80 7.18 0.28 1.56
C VAL A 80 6.74 1.21 0.43
N MET A 81 5.59 0.91 -0.16
CA MET A 81 5.05 1.71 -1.24
C MET A 81 4.98 3.17 -0.83
N MET A 82 4.57 3.38 0.42
CA MET A 82 4.46 4.72 0.97
C MET A 82 5.80 5.21 1.49
N VAL A 83 6.62 4.27 1.98
CA VAL A 83 7.94 4.62 2.50
C VAL A 83 8.77 5.29 1.43
N ARG A 84 8.56 4.90 0.17
CA ARG A 84 9.30 5.47 -0.95
C ARG A 84 8.70 6.82 -1.36
N GLN A 85 7.53 7.14 -0.82
CA GLN A 85 6.86 8.41 -1.12
C GLN A 85 6.95 9.34 0.07
N MET A 86 7.04 8.76 1.26
CA MET A 86 7.14 9.53 2.50
C MET A 86 8.54 10.11 2.66
N LYS A 87 9.54 9.25 2.59
CA LYS A 87 10.93 9.68 2.72
C LYS A 87 11.70 9.41 1.44
N GLU A 88 11.59 10.31 0.48
CA GLU A 88 12.28 10.17 -0.80
C GLU A 88 13.80 10.04 -0.60
N ASP A 89 14.37 9.01 -1.20
CA ASP A 89 15.81 8.77 -1.09
C ASP A 89 16.53 9.19 -2.36
N ALA A 90 17.86 9.20 -2.31
CA ALA A 90 18.67 9.59 -3.45
C ALA A 90 18.76 8.46 -4.47
N ARG B 1 0.73 10.54 -3.77
CA ARG B 1 1.41 9.29 -3.33
C ARG B 1 1.66 9.29 -1.82
N MET B 2 2.34 10.33 -1.34
CA MET B 2 2.63 10.44 0.08
C MET B 2 1.38 10.81 0.87
N SER B 3 1.42 10.59 2.18
CA SER B 3 0.29 10.90 3.04
C SER B 3 -0.93 10.08 2.62
N ALA B 4 -0.69 8.85 2.18
CA ALA B 4 -1.76 7.97 1.76
C ALA B 4 -2.51 7.37 2.97
N ASP B 5 -2.05 7.73 4.17
CA ASP B 5 -2.67 7.24 5.40
C ASP B 5 -4.19 7.41 5.37
N ALA B 6 -4.66 8.38 4.59
CA ALA B 6 -6.09 8.63 4.46
C ALA B 6 -6.84 7.35 4.10
N MET B 7 -6.52 6.81 2.93
CA MET B 7 -7.15 5.58 2.47
C MET B 7 -6.90 4.46 3.49
N LEU B 8 -5.75 4.53 4.15
CA LEU B 8 -5.39 3.56 5.16
C LEU B 8 -6.33 3.66 6.35
N ARG B 9 -6.62 4.90 6.76
CA ARG B 9 -7.51 5.14 7.89
C ARG B 9 -8.97 5.25 7.43
N ALA B 10 -9.25 4.81 6.21
CA ALA B 10 -10.60 4.88 5.66
C ALA B 10 -11.45 3.71 6.15
N LEU B 11 -11.15 2.53 5.64
CA LEU B 11 -11.89 1.32 6.01
C LEU B 11 -11.46 0.80 7.38
N LEU B 12 -10.27 1.19 7.81
CA LEU B 12 -9.75 0.76 9.11
C LEU B 12 -9.63 -0.76 9.17
N GLY B 13 -8.81 -1.25 10.09
CA GLY B 13 -8.63 -2.69 10.23
C GLY B 13 -9.57 -3.29 11.25
N SER B 14 -10.47 -4.15 10.78
CA SER B 14 -11.43 -4.81 11.65
C SER B 14 -12.30 -3.79 12.39
N LYS B 15 -13.30 -4.28 13.11
CA LYS B 15 -14.20 -3.40 13.87
C LYS B 15 -14.08 -3.67 15.36
N HIS B 16 -14.26 -4.93 15.75
CA HIS B 16 -14.17 -5.31 17.16
C HIS B 16 -12.96 -6.21 17.41
N LYS B 17 -12.39 -6.09 18.60
CA LYS B 17 -11.22 -6.89 18.97
C LYS B 17 -10.88 -6.72 20.44
CA CA C . 6.54 -7.00 -5.75
CA CA D . -5.97 -9.12 -4.88
N ALA A 1 20.44 -16.65 3.15
CA ALA A 1 20.66 -15.71 2.04
C ALA A 1 19.79 -14.47 2.20
N SER A 2 20.09 -13.43 1.41
CA SER A 2 19.32 -12.19 1.46
C SER A 2 18.82 -11.80 0.08
N MET A 3 18.01 -10.75 0.03
CA MET A 3 17.46 -10.28 -1.24
C MET A 3 16.93 -8.85 -1.10
N THR A 4 16.12 -8.62 -0.07
CA THR A 4 15.56 -7.31 0.19
C THR A 4 14.77 -7.29 1.49
N ASP A 5 15.26 -6.52 2.47
CA ASP A 5 14.59 -6.43 3.76
C ASP A 5 13.77 -5.15 3.86
N GLN A 6 13.74 -4.36 2.79
CA GLN A 6 12.98 -3.11 2.78
C GLN A 6 11.54 -3.34 3.20
N GLN A 7 11.05 -4.56 2.98
CA GLN A 7 9.67 -4.91 3.34
C GLN A 7 9.51 -4.99 4.86
N ALA A 8 10.62 -5.15 5.56
CA ALA A 8 10.60 -5.23 7.01
C ALA A 8 10.77 -3.86 7.64
N GLU A 9 11.78 -3.13 7.19
CA GLU A 9 12.05 -1.78 7.70
C GLU A 9 10.80 -0.92 7.61
N ALA A 10 10.10 -1.05 6.48
CA ALA A 10 8.87 -0.30 6.24
C ALA A 10 7.98 -0.26 7.48
N ARG A 11 7.59 -1.44 7.96
CA ARG A 11 6.75 -1.55 9.13
C ARG A 11 7.36 -0.78 10.31
N ALA A 12 8.68 -0.68 10.31
CA ALA A 12 9.39 0.02 11.37
C ALA A 12 9.61 1.48 11.01
N PHE A 13 9.51 1.81 9.72
CA PHE A 13 9.71 3.18 9.26
C PHE A 13 8.54 4.08 9.66
N LEU A 14 7.47 3.46 10.16
CA LEU A 14 6.29 4.22 10.57
C LEU A 14 5.81 3.78 11.95
N SER A 15 4.84 4.51 12.49
CA SER A 15 4.29 4.20 13.81
C SER A 15 3.22 3.11 13.70
N GLU A 16 2.93 2.47 14.83
CA GLU A 16 1.90 1.43 14.87
C GLU A 16 0.60 1.93 14.25
N GLU A 17 0.41 3.25 14.31
CA GLU A 17 -0.78 3.88 13.75
C GLU A 17 -0.88 3.59 12.25
N MET A 18 0.16 3.95 11.52
CA MET A 18 0.20 3.74 10.08
C MET A 18 -0.05 2.27 9.74
N ILE A 19 0.27 1.39 10.67
CA ILE A 19 0.08 -0.04 10.47
C ILE A 19 -1.39 -0.43 10.58
N ALA A 20 -1.96 -0.18 11.76
CA ALA A 20 -3.36 -0.49 12.00
C ALA A 20 -4.26 0.06 10.89
N GLU A 21 -3.78 1.12 10.23
CA GLU A 21 -4.52 1.73 9.13
C GLU A 21 -4.15 1.06 7.82
N PHE A 22 -2.91 0.57 7.74
CA PHE A 22 -2.42 -0.12 6.55
C PHE A 22 -3.29 -1.34 6.27
N LYS A 23 -3.71 -2.00 7.34
CA LYS A 23 -4.55 -3.19 7.24
C LYS A 23 -6.00 -2.81 6.96
N ALA A 24 -6.31 -1.53 7.04
CA ALA A 24 -7.67 -1.04 6.80
C ALA A 24 -8.30 -1.65 5.55
N ALA A 25 -7.80 -1.24 4.38
CA ALA A 25 -8.33 -1.72 3.11
C ALA A 25 -7.68 -3.05 2.69
N PHE A 26 -6.75 -3.56 3.50
CA PHE A 26 -6.06 -4.81 3.21
C PHE A 26 -7.01 -5.86 2.64
N ASP A 27 -8.27 -5.82 3.07
CA ASP A 27 -9.27 -6.77 2.61
C ASP A 27 -9.76 -6.43 1.21
N MET A 28 -10.43 -5.29 1.08
CA MET A 28 -10.95 -4.85 -0.20
C MET A 28 -9.84 -4.70 -1.24
N PHE A 29 -8.64 -4.38 -0.77
CA PHE A 29 -7.50 -4.20 -1.66
C PHE A 29 -7.24 -5.46 -2.49
N ASP A 30 -6.97 -6.56 -1.81
CA ASP A 30 -6.69 -7.83 -2.49
C ASP A 30 -7.89 -8.28 -3.34
N ALA A 31 -9.05 -7.72 -3.04
CA ALA A 31 -10.27 -8.06 -3.76
C ALA A 31 -10.65 -9.53 -3.56
N ASP A 32 -9.85 -10.42 -4.13
CA ASP A 32 -10.09 -11.84 -4.02
C ASP A 32 -9.23 -12.47 -2.92
N GLY A 33 -8.10 -11.83 -2.64
CA GLY A 33 -7.20 -12.35 -1.62
C GLY A 33 -6.43 -13.57 -2.07
N GLY A 34 -6.09 -13.61 -3.36
CA GLY A 34 -5.35 -14.74 -3.89
C GLY A 34 -3.87 -14.42 -4.05
N GLY A 35 -3.57 -13.38 -4.82
CA GLY A 35 -2.19 -13.00 -5.03
C GLY A 35 -1.82 -11.71 -4.31
N ASP A 36 -1.55 -10.67 -5.08
CA ASP A 36 -1.19 -9.37 -4.51
C ASP A 36 -2.02 -8.25 -5.13
N ILE A 37 -1.70 -7.01 -4.75
CA ILE A 37 -2.42 -5.86 -5.26
C ILE A 37 -1.89 -5.42 -6.62
N SER A 38 -2.72 -5.56 -7.65
CA SER A 38 -2.35 -5.17 -9.01
C SER A 38 -2.69 -3.71 -9.25
N THR A 39 -2.72 -3.32 -10.52
CA THR A 39 -3.03 -1.94 -10.89
C THR A 39 -4.52 -1.65 -10.72
N LYS A 40 -5.33 -2.69 -10.78
CA LYS A 40 -6.79 -2.54 -10.64
C LYS A 40 -7.21 -2.62 -9.18
N GLU A 41 -6.52 -3.47 -8.41
CA GLU A 41 -6.84 -3.64 -7.00
C GLU A 41 -6.67 -2.34 -6.23
N LEU A 42 -5.80 -1.47 -6.73
CA LEU A 42 -5.54 -0.19 -6.09
C LEU A 42 -6.68 0.80 -6.35
N GLY A 43 -6.90 1.11 -7.63
CA GLY A 43 -7.95 2.04 -7.99
C GLY A 43 -9.27 1.71 -7.34
N THR A 44 -9.51 0.42 -7.08
CA THR A 44 -10.76 -0.02 -6.46
C THR A 44 -10.99 0.72 -5.14
N VAL A 45 -10.29 0.28 -4.11
CA VAL A 45 -10.42 0.86 -2.78
C VAL A 45 -10.08 2.35 -2.77
N MET A 46 -9.19 2.76 -3.66
CA MET A 46 -8.78 4.16 -3.73
C MET A 46 -9.86 5.03 -4.37
N ARG A 47 -10.56 4.49 -5.35
CA ARG A 47 -11.62 5.22 -6.04
C ARG A 47 -12.94 5.16 -5.27
N MET A 48 -13.11 4.10 -4.48
CA MET A 48 -14.34 3.92 -3.71
C MET A 48 -14.21 4.50 -2.31
N LEU A 49 -13.14 5.25 -2.06
CA LEU A 49 -12.91 5.84 -0.75
C LEU A 49 -12.80 7.35 -0.85
N GLY A 50 -12.06 7.82 -1.86
CA GLY A 50 -11.88 9.26 -2.04
C GLY A 50 -10.78 9.58 -3.03
N GLN A 51 -9.72 8.79 -3.01
CA GLN A 51 -8.60 9.00 -3.91
C GLN A 51 -9.00 8.72 -5.36
N ASN A 52 -8.25 9.27 -6.30
CA ASN A 52 -8.53 9.08 -7.71
C ASN A 52 -7.25 8.99 -8.53
N PRO A 53 -6.35 8.07 -8.17
CA PRO A 53 -5.07 7.89 -8.86
C PRO A 53 -5.28 7.33 -10.27
N THR A 54 -5.07 8.18 -11.27
CA THR A 54 -5.23 7.78 -12.67
C THR A 54 -4.33 6.59 -13.00
N LYS A 55 -4.38 6.17 -14.26
CA LYS A 55 -3.57 5.04 -14.72
C LYS A 55 -2.09 5.26 -14.40
N CYS A 56 -1.54 6.37 -14.89
CA CYS A 56 -0.14 6.69 -14.66
C CYS A 56 0.13 6.84 -13.17
N GLU A 57 -0.88 7.28 -12.43
CA GLU A 57 -0.75 7.46 -10.99
C GLU A 57 -0.40 6.14 -10.31
N LEU A 58 -1.31 5.18 -10.37
CA LEU A 58 -1.09 3.87 -9.77
C LEU A 58 0.12 3.18 -10.40
N ASP A 59 0.24 3.30 -11.72
CA ASP A 59 1.35 2.70 -12.44
C ASP A 59 2.67 3.34 -12.04
N ALA A 60 2.60 4.59 -11.56
CA ALA A 60 3.79 5.30 -11.15
C ALA A 60 4.25 4.84 -9.76
N ILE A 61 3.29 4.43 -8.94
CA ILE A 61 3.59 3.96 -7.60
C ILE A 61 4.01 2.50 -7.63
N ILE A 62 3.13 1.63 -8.14
CA ILE A 62 3.41 0.20 -8.23
C ILE A 62 4.82 -0.04 -8.77
N CYS A 63 5.21 0.73 -9.78
CA CYS A 63 6.53 0.60 -10.39
C CYS A 63 7.60 0.83 -9.33
N GLU A 64 7.35 1.77 -8.43
CA GLU A 64 8.30 2.08 -7.36
C GLU A 64 8.11 1.11 -6.19
N VAL A 65 6.87 0.68 -5.99
CA VAL A 65 6.56 -0.26 -4.92
C VAL A 65 7.17 -1.63 -5.21
N ASP A 66 7.02 -2.08 -6.45
CA ASP A 66 7.54 -3.38 -6.87
C ASP A 66 9.05 -3.30 -7.12
N GLU A 67 9.79 -4.20 -6.48
CA GLU A 67 11.24 -4.25 -6.64
C GLU A 67 11.67 -5.56 -7.26
N ASP A 68 10.77 -6.18 -8.03
CA ASP A 68 11.06 -7.45 -8.68
C ASP A 68 10.30 -7.58 -10.00
N GLY A 69 9.91 -6.44 -10.57
CA GLY A 69 9.18 -6.45 -11.83
C GLY A 69 7.98 -7.37 -11.79
N SER A 70 7.15 -7.22 -10.75
CA SER A 70 5.96 -8.05 -10.61
C SER A 70 4.69 -7.23 -10.82
N GLY A 71 4.78 -5.93 -10.54
CA GLY A 71 3.62 -5.06 -10.71
C GLY A 71 2.56 -5.30 -9.65
N THR A 72 2.89 -6.11 -8.64
CA THR A 72 1.95 -6.42 -7.58
C THR A 72 2.53 -6.02 -6.22
N ILE A 73 1.67 -5.96 -5.21
CA ILE A 73 2.09 -5.58 -3.86
C ILE A 73 1.91 -6.72 -2.87
N ASP A 74 3.01 -7.13 -2.23
CA ASP A 74 2.97 -8.21 -1.25
C ASP A 74 2.31 -7.75 0.04
N PHE A 75 2.43 -8.56 1.09
CA PHE A 75 1.85 -8.23 2.38
C PHE A 75 2.45 -6.95 2.95
N GLU A 76 3.62 -7.06 3.57
CA GLU A 76 4.29 -5.91 4.16
C GLU A 76 4.59 -4.86 3.09
N GLU A 77 4.67 -5.30 1.84
CA GLU A 77 4.95 -4.39 0.73
C GLU A 77 3.97 -3.22 0.71
N PHE A 78 2.78 -3.45 1.27
CA PHE A 78 1.75 -2.41 1.33
C PHE A 78 2.22 -1.23 2.19
N LEU A 79 3.27 -1.45 2.97
CA LEU A 79 3.81 -0.40 3.82
C LEU A 79 4.97 0.28 3.10
N VAL A 80 5.76 -0.52 2.40
CA VAL A 80 6.90 0.00 1.65
C VAL A 80 6.43 0.89 0.51
N MET A 81 5.30 0.52 -0.08
CA MET A 81 4.74 1.29 -1.18
C MET A 81 4.67 2.75 -0.82
N MET A 82 4.30 3.01 0.44
CA MET A 82 4.21 4.36 0.94
C MET A 82 5.55 4.84 1.48
N VAL A 83 6.32 3.91 2.06
CA VAL A 83 7.63 4.24 2.60
C VAL A 83 8.54 4.79 1.51
N ARG A 84 8.37 4.29 0.29
CA ARG A 84 9.16 4.74 -0.84
C ARG A 84 8.76 6.13 -1.29
N GLN A 85 7.57 6.56 -0.89
CA GLN A 85 7.06 7.88 -1.24
C GLN A 85 7.04 8.81 -0.03
N MET A 86 7.20 8.23 1.15
CA MET A 86 7.19 9.00 2.39
C MET A 86 8.59 9.52 2.71
N LYS A 87 9.60 8.69 2.50
CA LYS A 87 10.98 9.07 2.76
C LYS A 87 11.45 10.12 1.75
N GLU A 88 10.87 11.32 1.84
CA GLU A 88 11.23 12.41 0.95
C GLU A 88 11.38 13.72 1.73
N ASP A 89 12.61 14.06 2.08
CA ASP A 89 12.89 15.29 2.82
C ASP A 89 12.63 16.51 1.95
N ALA A 90 12.59 17.68 2.59
CA ALA A 90 12.35 18.93 1.88
C ALA A 90 13.50 19.25 0.93
N ARG B 1 0.23 9.87 -2.66
CA ARG B 1 1.34 9.13 -2.01
C ARG B 1 1.76 9.78 -0.69
N MET B 2 2.64 9.10 0.04
CA MET B 2 3.12 9.61 1.33
C MET B 2 1.98 9.70 2.34
N SER B 3 1.16 10.74 2.21
CA SER B 3 0.04 10.94 3.12
C SER B 3 -1.20 10.19 2.65
N ALA B 4 -1.04 8.90 2.38
CA ALA B 4 -2.13 8.06 1.95
C ALA B 4 -2.98 7.61 3.14
N ASP B 5 -2.56 8.02 4.35
CA ASP B 5 -3.28 7.68 5.57
C ASP B 5 -4.78 7.83 5.41
N ALA B 6 -5.20 8.74 4.54
CA ALA B 6 -6.62 8.97 4.30
C ALA B 6 -7.34 7.66 4.01
N MET B 7 -7.08 7.09 2.83
CA MET B 7 -7.69 5.83 2.46
C MET B 7 -7.44 4.78 3.53
N LEU B 8 -6.29 4.89 4.19
CA LEU B 8 -5.91 3.97 5.24
C LEU B 8 -6.88 4.11 6.43
N ARG B 9 -7.30 5.34 6.69
CA ARG B 9 -8.24 5.60 7.79
C ARG B 9 -9.68 5.53 7.30
N ALA B 10 -9.88 5.09 6.05
CA ALA B 10 -11.22 4.98 5.48
C ALA B 10 -11.95 3.74 5.99
N LEU B 11 -11.57 2.59 5.46
CA LEU B 11 -12.20 1.33 5.85
C LEU B 11 -11.69 0.83 7.20
N LEU B 12 -10.69 1.53 7.75
CA LEU B 12 -10.12 1.15 9.04
C LEU B 12 -11.22 0.91 10.08
N GLY B 13 -11.26 -0.30 10.62
CA GLY B 13 -12.26 -0.62 11.63
C GLY B 13 -11.79 -1.69 12.60
N SER B 14 -11.27 -1.25 13.74
CA SER B 14 -10.77 -2.17 14.76
C SER B 14 -10.83 -1.53 16.14
N LYS B 15 -10.00 -0.51 16.35
CA LYS B 15 -9.95 0.18 17.63
C LYS B 15 -11.16 1.09 17.80
N HIS B 16 -11.59 1.27 19.05
CA HIS B 16 -12.75 2.12 19.34
C HIS B 16 -12.50 3.55 18.86
N LYS B 17 -13.58 4.34 18.81
CA LYS B 17 -13.48 5.73 18.38
C LYS B 17 -13.51 6.68 19.57
CA CA C . 6.30 -6.82 -5.67
CA CA D . -5.40 -9.84 -5.76
N ALA A 1 18.40 -17.81 2.63
CA ALA A 1 17.38 -16.88 3.18
C ALA A 1 17.75 -15.44 2.92
N SER A 2 16.93 -14.52 3.41
CA SER A 2 17.18 -13.09 3.23
C SER A 2 17.14 -12.72 1.75
N MET A 3 16.69 -11.50 1.46
CA MET A 3 16.60 -11.02 0.09
C MET A 3 16.56 -9.50 0.05
N THR A 4 15.74 -8.91 0.90
CA THR A 4 15.61 -7.46 0.97
C THR A 4 14.84 -7.04 2.22
N ASP A 5 15.47 -6.23 3.05
CA ASP A 5 14.85 -5.75 4.28
C ASP A 5 13.96 -4.53 4.02
N GLN A 6 13.86 -4.12 2.76
CA GLN A 6 13.06 -2.97 2.38
C GLN A 6 11.62 -3.10 2.89
N GLN A 7 11.19 -4.34 3.10
CA GLN A 7 9.83 -4.60 3.60
C GLN A 7 9.82 -4.71 5.11
N ALA A 8 10.98 -4.89 5.70
CA ALA A 8 11.08 -5.02 7.15
C ALA A 8 11.24 -3.66 7.81
N GLU A 9 12.17 -2.85 7.30
CA GLU A 9 12.40 -1.52 7.83
C GLU A 9 11.13 -0.68 7.72
N ALA A 10 10.46 -0.80 6.58
CA ALA A 10 9.22 -0.07 6.32
C ALA A 10 8.28 -0.15 7.52
N ARG A 11 7.95 -1.37 7.93
CA ARG A 11 7.06 -1.57 9.06
C ARG A 11 7.57 -0.82 10.29
N ALA A 12 8.87 -0.59 10.34
CA ALA A 12 9.48 0.13 11.45
C ALA A 12 9.61 1.62 11.15
N PHE A 13 9.58 1.96 9.87
CA PHE A 13 9.69 3.36 9.45
C PHE A 13 8.42 4.13 9.78
N LEU A 14 7.31 3.41 9.89
CA LEU A 14 6.02 4.03 10.19
C LEU A 14 5.52 3.60 11.57
N SER A 15 4.58 4.38 12.11
CA SER A 15 4.02 4.09 13.42
C SER A 15 2.95 3.00 13.32
N GLU A 16 2.65 2.36 14.45
CA GLU A 16 1.63 1.32 14.48
C GLU A 16 0.34 1.82 13.81
N GLU A 17 0.15 3.13 13.86
CA GLU A 17 -1.02 3.76 13.25
C GLU A 17 -1.04 3.51 11.75
N MET A 18 0.05 3.89 11.07
CA MET A 18 0.15 3.72 9.63
C MET A 18 0.01 2.24 9.24
N ILE A 19 0.25 1.34 10.20
CA ILE A 19 0.14 -0.08 9.94
C ILE A 19 -1.31 -0.57 10.08
N ALA A 20 -1.84 -0.47 11.30
CA ALA A 20 -3.21 -0.88 11.57
C ALA A 20 -4.17 -0.28 10.55
N GLU A 21 -3.78 0.86 9.99
CA GLU A 21 -4.60 1.54 8.98
C GLU A 21 -4.31 0.96 7.60
N PHE A 22 -3.07 0.53 7.40
CA PHE A 22 -2.66 -0.05 6.12
C PHE A 22 -3.48 -1.31 5.85
N LYS A 23 -3.82 -2.02 6.92
CA LYS A 23 -4.60 -3.24 6.82
C LYS A 23 -6.08 -2.92 6.55
N ALA A 24 -6.45 -1.66 6.76
CA ALA A 24 -7.82 -1.22 6.56
C ALA A 24 -8.40 -1.72 5.24
N ALA A 25 -7.94 -1.14 4.13
CA ALA A 25 -8.42 -1.52 2.81
C ALA A 25 -7.91 -2.90 2.38
N PHE A 26 -7.06 -3.52 3.21
CA PHE A 26 -6.52 -4.84 2.90
C PHE A 26 -7.63 -5.81 2.46
N ASP A 27 -8.83 -5.59 2.98
CA ASP A 27 -9.97 -6.44 2.63
C ASP A 27 -10.45 -6.15 1.21
N MET A 28 -10.98 -4.94 1.01
CA MET A 28 -11.47 -4.54 -0.30
C MET A 28 -10.36 -4.61 -1.34
N PHE A 29 -9.13 -4.44 -0.89
CA PHE A 29 -7.97 -4.48 -1.79
C PHE A 29 -7.93 -5.79 -2.55
N ASP A 30 -7.65 -6.88 -1.85
CA ASP A 30 -7.57 -8.20 -2.46
C ASP A 30 -8.88 -8.56 -3.15
N ALA A 31 -8.80 -8.80 -4.45
CA ALA A 31 -9.96 -9.16 -5.24
C ALA A 31 -10.12 -10.68 -5.32
N ASP A 32 -9.02 -11.36 -5.65
CA ASP A 32 -9.02 -12.81 -5.77
C ASP A 32 -8.49 -13.45 -4.48
N GLY A 33 -7.60 -12.74 -3.80
CA GLY A 33 -7.03 -13.25 -2.57
C GLY A 33 -5.94 -14.28 -2.81
N GLY A 34 -5.15 -14.06 -3.87
CA GLY A 34 -4.08 -14.98 -4.20
C GLY A 34 -3.13 -14.41 -5.22
N GLY A 35 -2.97 -13.09 -5.22
CA GLY A 35 -2.07 -12.45 -6.17
C GLY A 35 -1.71 -11.04 -5.76
N ASP A 36 -1.74 -10.77 -4.46
CA ASP A 36 -1.41 -9.45 -3.94
C ASP A 36 -2.28 -8.37 -4.58
N ILE A 37 -1.99 -7.12 -4.25
CA ILE A 37 -2.75 -6.00 -4.79
C ILE A 37 -2.19 -5.55 -6.14
N SER A 38 -3.05 -5.51 -7.15
CA SER A 38 -2.64 -5.08 -8.49
C SER A 38 -2.95 -3.61 -8.70
N THR A 39 -2.95 -3.17 -9.95
CA THR A 39 -3.23 -1.78 -10.28
C THR A 39 -4.71 -1.44 -10.04
N LYS A 40 -5.59 -2.21 -10.66
CA LYS A 40 -7.02 -1.98 -10.51
C LYS A 40 -7.46 -2.14 -9.06
N GLU A 41 -6.81 -3.06 -8.35
CA GLU A 41 -7.14 -3.31 -6.95
C GLU A 41 -7.00 -2.05 -6.11
N LEU A 42 -6.10 -1.16 -6.54
CA LEU A 42 -5.87 0.08 -5.81
C LEU A 42 -6.97 1.10 -6.10
N GLY A 43 -7.15 1.43 -7.38
CA GLY A 43 -8.17 2.40 -7.77
C GLY A 43 -9.52 2.11 -7.13
N THR A 44 -9.77 0.84 -6.84
CA THR A 44 -11.03 0.43 -6.22
C THR A 44 -11.27 1.18 -4.91
N VAL A 45 -10.59 0.74 -3.86
CA VAL A 45 -10.72 1.33 -2.54
C VAL A 45 -10.29 2.79 -2.53
N MET A 46 -9.37 3.15 -3.44
CA MET A 46 -8.88 4.51 -3.52
C MET A 46 -9.92 5.45 -4.12
N ARG A 47 -10.76 4.91 -5.01
CA ARG A 47 -11.78 5.71 -5.66
C ARG A 47 -13.08 5.74 -4.85
N MET A 48 -13.30 4.71 -4.04
CA MET A 48 -14.51 4.64 -3.23
C MET A 48 -14.28 5.20 -1.82
N LEU A 49 -13.12 5.85 -1.64
CA LEU A 49 -12.79 6.42 -0.34
C LEU A 49 -12.58 7.93 -0.45
N GLY A 50 -11.91 8.36 -1.51
CA GLY A 50 -11.66 9.78 -1.72
C GLY A 50 -10.58 10.05 -2.74
N GLN A 51 -9.56 9.19 -2.77
CA GLN A 51 -8.47 9.34 -3.72
C GLN A 51 -8.94 9.11 -5.14
N ASN A 52 -8.15 9.59 -6.10
CA ASN A 52 -8.49 9.43 -7.51
C ASN A 52 -7.24 9.22 -8.37
N PRO A 53 -6.39 8.25 -7.98
CA PRO A 53 -5.16 7.95 -8.71
C PRO A 53 -5.44 7.21 -10.02
N THR A 54 -5.27 7.91 -11.14
CA THR A 54 -5.51 7.32 -12.46
C THR A 54 -4.67 6.06 -12.65
N LYS A 55 -4.78 5.46 -13.83
CA LYS A 55 -4.02 4.25 -14.15
C LYS A 55 -2.53 4.48 -14.00
N CYS A 56 -2.03 5.50 -14.70
CA CYS A 56 -0.61 5.84 -14.64
C CYS A 56 -0.20 6.24 -13.23
N GLU A 57 -1.13 6.81 -12.48
CA GLU A 57 -0.87 7.25 -11.12
C GLU A 57 -0.43 6.07 -10.25
N LEU A 58 -1.26 5.02 -10.22
CA LEU A 58 -0.95 3.84 -9.44
C LEU A 58 0.14 3.01 -10.11
N ASP A 59 0.15 3.00 -11.43
CA ASP A 59 1.15 2.26 -12.19
C ASP A 59 2.54 2.84 -11.98
N ALA A 60 2.60 4.13 -11.63
CA ALA A 60 3.87 4.79 -11.40
C ALA A 60 4.43 4.44 -10.02
N ILE A 61 3.53 4.21 -9.08
CA ILE A 61 3.93 3.87 -7.72
C ILE A 61 4.25 2.38 -7.62
N ILE A 62 3.28 1.53 -7.99
CA ILE A 62 3.47 0.08 -7.95
C ILE A 62 4.80 -0.31 -8.57
N CYS A 63 5.10 0.26 -9.72
CA CYS A 63 6.36 -0.02 -10.42
C CYS A 63 7.55 0.22 -9.50
N GLU A 64 7.36 1.07 -8.50
CA GLU A 64 8.42 1.39 -7.55
C GLU A 64 8.30 0.53 -6.30
N VAL A 65 7.07 0.21 -5.91
CA VAL A 65 6.84 -0.60 -4.71
C VAL A 65 7.29 -2.04 -4.97
N ASP A 66 7.17 -2.48 -6.21
CA ASP A 66 7.56 -3.84 -6.59
C ASP A 66 9.05 -3.91 -6.89
N GLU A 67 9.79 -4.59 -6.01
CA GLU A 67 11.23 -4.73 -6.18
C GLU A 67 11.56 -5.83 -7.19
N ASP A 68 10.66 -6.80 -7.33
CA ASP A 68 10.84 -7.91 -8.25
C ASP A 68 10.10 -7.67 -9.56
N GLY A 69 9.68 -6.43 -9.79
CA GLY A 69 8.96 -6.10 -11.02
C GLY A 69 7.81 -7.06 -11.29
N SER A 70 6.89 -7.15 -10.34
CA SER A 70 5.74 -8.03 -10.48
C SER A 70 4.44 -7.24 -10.65
N GLY A 71 4.45 -6.00 -10.21
CA GLY A 71 3.27 -5.17 -10.33
C GLY A 71 2.27 -5.41 -9.21
N THR A 72 2.60 -6.36 -8.32
CA THR A 72 1.72 -6.68 -7.20
C THR A 72 2.33 -6.20 -5.88
N ILE A 73 1.48 -6.03 -4.88
CA ILE A 73 1.92 -5.56 -3.57
C ILE A 73 1.76 -6.64 -2.50
N ASP A 74 2.88 -7.03 -1.89
CA ASP A 74 2.86 -8.04 -0.84
C ASP A 74 2.37 -7.46 0.48
N PHE A 75 2.52 -8.23 1.56
CA PHE A 75 2.08 -7.79 2.88
C PHE A 75 2.85 -6.55 3.32
N GLU A 76 4.14 -6.72 3.61
CA GLU A 76 4.98 -5.61 4.04
C GLU A 76 5.19 -4.61 2.91
N GLU A 77 5.15 -5.10 1.67
CA GLU A 77 5.33 -4.25 0.50
C GLU A 77 4.37 -3.06 0.53
N PHE A 78 3.17 -3.27 1.07
CA PHE A 78 2.18 -2.21 1.15
C PHE A 78 2.68 -1.07 2.03
N LEU A 79 3.72 -1.33 2.81
CA LEU A 79 4.29 -0.30 3.67
C LEU A 79 5.43 0.40 2.94
N VAL A 80 6.26 -0.37 2.25
CA VAL A 80 7.37 0.17 1.49
C VAL A 80 6.88 1.09 0.39
N MET A 81 5.79 0.68 -0.25
CA MET A 81 5.20 1.46 -1.33
C MET A 81 5.09 2.92 -0.93
N MET A 82 4.69 3.14 0.32
CA MET A 82 4.54 4.48 0.86
C MET A 82 5.87 4.97 1.44
N VAL A 83 6.66 4.05 1.97
CA VAL A 83 7.95 4.39 2.56
C VAL A 83 8.87 5.01 1.51
N ARG A 84 8.76 4.53 0.28
CA ARG A 84 9.57 5.03 -0.82
C ARG A 84 9.14 6.42 -1.26
N GLN A 85 7.94 6.82 -0.85
CA GLN A 85 7.41 8.14 -1.21
C GLN A 85 7.37 9.05 0.02
N MET A 86 7.36 8.44 1.20
CA MET A 86 7.32 9.20 2.44
C MET A 86 8.70 9.75 2.79
N LYS A 87 9.68 8.87 2.86
CA LYS A 87 11.05 9.27 3.18
C LYS A 87 11.67 10.06 2.03
N GLU A 88 11.31 9.70 0.80
CA GLU A 88 11.83 10.38 -0.38
C GLU A 88 10.82 11.39 -0.91
N ASP A 89 11.27 12.22 -1.85
CA ASP A 89 10.40 13.24 -2.44
C ASP A 89 10.57 13.29 -3.95
N ALA A 90 9.49 13.62 -4.66
CA ALA A 90 9.53 13.71 -6.12
C ALA A 90 9.57 15.16 -6.58
N ARG B 1 2.05 6.48 -3.02
CA ARG B 1 1.11 7.57 -2.65
C ARG B 1 1.35 8.04 -1.22
N MET B 2 2.27 9.01 -1.07
CA MET B 2 2.60 9.55 0.24
C MET B 2 1.36 10.14 0.90
N SER B 3 1.38 10.19 2.24
CA SER B 3 0.25 10.74 3.00
C SER B 3 -1.03 9.99 2.65
N ALA B 4 -0.88 8.73 2.25
CA ALA B 4 -2.03 7.90 1.90
C ALA B 4 -2.74 7.39 3.14
N ASP B 5 -2.23 7.74 4.33
CA ASP B 5 -2.82 7.32 5.59
C ASP B 5 -4.34 7.51 5.58
N ALA B 6 -4.81 8.48 4.81
CA ALA B 6 -6.25 8.75 4.71
C ALA B 6 -7.01 7.49 4.34
N MET B 7 -6.76 6.98 3.13
CA MET B 7 -7.42 5.76 2.67
C MET B 7 -7.15 4.63 3.65
N LEU B 8 -5.95 4.64 4.24
CA LEU B 8 -5.56 3.64 5.21
C LEU B 8 -6.45 3.73 6.45
N ARG B 9 -6.78 4.95 6.85
CA ARG B 9 -7.63 5.17 8.01
C ARG B 9 -9.11 5.23 7.61
N ALA B 10 -9.37 5.20 6.30
CA ALA B 10 -10.74 5.26 5.79
C ALA B 10 -11.59 4.11 6.34
N LEU B 11 -11.42 2.93 5.76
CA LEU B 11 -12.18 1.76 6.17
C LEU B 11 -11.73 1.26 7.54
N LEU B 12 -10.48 1.55 7.90
CA LEU B 12 -9.93 1.13 9.18
C LEU B 12 -10.08 -0.37 9.38
N GLY B 13 -9.53 -0.88 10.48
CA GLY B 13 -9.62 -2.30 10.76
C GLY B 13 -8.30 -2.88 11.21
N SER B 14 -8.28 -4.19 11.46
CA SER B 14 -7.07 -4.87 11.90
C SER B 14 -7.30 -6.38 12.01
N LYS B 15 -6.29 -7.10 12.48
CA LYS B 15 -6.38 -8.54 12.61
C LYS B 15 -5.97 -8.97 14.02
N HIS B 16 -6.33 -10.20 14.38
CA HIS B 16 -6.01 -10.74 15.70
C HIS B 16 -5.19 -12.01 15.57
N LYS B 17 -3.88 -11.90 15.84
CA LYS B 17 -2.99 -13.05 15.76
C LYS B 17 -3.28 -14.06 16.87
CA CA C . 6.08 -7.18 -5.57
CA CA D . -5.79 -9.47 -4.70
N ALA A 1 14.04 -18.11 0.85
CA ALA A 1 13.61 -17.30 -0.31
C ALA A 1 13.84 -15.82 -0.06
N SER A 2 14.88 -15.51 0.70
CA SER A 2 15.22 -14.13 1.02
C SER A 2 15.57 -13.35 -0.25
N MET A 3 15.66 -12.02 -0.12
CA MET A 3 16.00 -11.16 -1.24
C MET A 3 16.18 -9.72 -0.79
N THR A 4 15.29 -9.28 0.09
CA THR A 4 15.35 -7.91 0.60
C THR A 4 14.46 -7.76 1.84
N ASP A 5 15.06 -7.33 2.94
CA ASP A 5 14.33 -7.14 4.19
C ASP A 5 13.62 -5.79 4.23
N GLN A 6 13.72 -5.03 3.13
CA GLN A 6 13.09 -3.71 3.05
C GLN A 6 11.62 -3.77 3.45
N GLN A 7 10.99 -4.93 3.27
CA GLN A 7 9.59 -5.10 3.61
C GLN A 7 9.39 -5.14 5.13
N ALA A 8 10.49 -5.34 5.85
CA ALA A 8 10.44 -5.41 7.31
C ALA A 8 10.62 -4.03 7.93
N GLU A 9 11.64 -3.31 7.47
CA GLU A 9 11.92 -1.98 7.99
C GLU A 9 10.70 -1.07 7.79
N ALA A 10 10.06 -1.22 6.63
CA ALA A 10 8.87 -0.44 6.29
C ALA A 10 7.90 -0.39 7.46
N ARG A 11 7.53 -1.56 7.98
CA ARG A 11 6.61 -1.65 9.11
C ARG A 11 7.11 -0.81 10.28
N ALA A 12 8.42 -0.64 10.36
CA ALA A 12 9.03 0.15 11.41
C ALA A 12 9.29 1.59 10.97
N PHE A 13 9.31 1.81 9.67
CA PHE A 13 9.55 3.14 9.13
C PHE A 13 8.35 4.05 9.38
N LEU A 14 7.23 3.47 9.79
CA LEU A 14 6.02 4.25 10.06
C LEU A 14 5.49 3.96 11.46
N SER A 15 4.62 4.84 11.94
CA SER A 15 4.03 4.69 13.27
C SER A 15 2.99 3.57 13.27
N GLU A 16 2.77 2.97 14.44
CA GLU A 16 1.79 1.90 14.56
C GLU A 16 0.46 2.35 13.95
N GLU A 17 0.23 3.65 13.97
CA GLU A 17 -0.98 4.23 13.41
C GLU A 17 -1.07 3.97 11.91
N MET A 18 0.03 4.24 11.21
CA MET A 18 0.08 4.02 9.76
C MET A 18 -0.03 2.54 9.42
N ILE A 19 0.19 1.68 10.41
CA ILE A 19 0.12 0.23 10.21
C ILE A 19 -1.32 -0.26 10.31
N ALA A 20 -1.91 -0.10 11.49
CA ALA A 20 -3.28 -0.53 11.74
C ALA A 20 -4.23 0.03 10.69
N GLU A 21 -3.84 1.15 10.08
CA GLU A 21 -4.64 1.78 9.05
C GLU A 21 -4.32 1.19 7.68
N PHE A 22 -3.06 0.81 7.50
CA PHE A 22 -2.62 0.21 6.25
C PHE A 22 -3.38 -1.09 6.00
N LYS A 23 -3.69 -1.79 7.08
CA LYS A 23 -4.42 -3.04 7.00
C LYS A 23 -5.90 -2.79 6.71
N ALA A 24 -6.31 -1.53 6.84
CA ALA A 24 -7.70 -1.13 6.61
C ALA A 24 -8.28 -1.78 5.34
N ALA A 25 -7.92 -1.22 4.19
CA ALA A 25 -8.41 -1.72 2.90
C ALA A 25 -7.77 -3.05 2.52
N PHE A 26 -6.79 -3.50 3.30
CA PHE A 26 -6.10 -4.76 3.01
C PHE A 26 -7.10 -5.88 2.70
N ASP A 27 -8.30 -5.79 3.26
CA ASP A 27 -9.33 -6.80 3.02
C ASP A 27 -10.03 -6.55 1.69
N MET A 28 -10.66 -5.38 1.57
CA MET A 28 -11.38 -5.03 0.35
C MET A 28 -10.44 -5.02 -0.85
N PHE A 29 -9.16 -4.78 -0.60
CA PHE A 29 -8.16 -4.75 -1.66
C PHE A 29 -8.15 -6.06 -2.44
N ASP A 30 -7.61 -7.11 -1.81
CA ASP A 30 -7.53 -8.42 -2.44
C ASP A 30 -8.89 -8.84 -3.01
N ALA A 31 -8.92 -9.05 -4.32
CA ALA A 31 -10.14 -9.46 -5.00
C ALA A 31 -10.30 -10.97 -4.98
N ASP A 32 -9.25 -11.67 -5.42
CA ASP A 32 -9.27 -13.14 -5.45
C ASP A 32 -8.98 -13.71 -4.07
N GLY A 33 -8.27 -12.95 -3.25
CA GLY A 33 -7.95 -13.40 -1.91
C GLY A 33 -6.82 -14.42 -1.90
N GLY A 34 -5.90 -14.29 -2.85
CA GLY A 34 -4.78 -15.22 -2.93
C GLY A 34 -3.67 -14.71 -3.83
N GLY A 35 -3.53 -13.39 -3.91
CA GLY A 35 -2.50 -12.81 -4.76
C GLY A 35 -1.86 -11.60 -4.12
N ASP A 36 -2.10 -10.43 -4.71
CA ASP A 36 -1.54 -9.18 -4.20
C ASP A 36 -2.31 -7.98 -4.73
N ILE A 37 -1.82 -6.79 -4.41
CA ILE A 37 -2.46 -5.55 -4.86
C ILE A 37 -1.76 -4.99 -6.09
N SER A 38 -2.55 -4.73 -7.14
CA SER A 38 -2.02 -4.18 -8.38
C SER A 38 -2.65 -2.82 -8.69
N THR A 39 -2.50 -2.37 -9.92
CA THR A 39 -3.05 -1.08 -10.34
C THR A 39 -4.57 -1.09 -10.29
N LYS A 40 -5.17 -2.28 -10.40
CA LYS A 40 -6.62 -2.40 -10.35
C LYS A 40 -7.14 -2.48 -8.92
N GLU A 41 -6.41 -3.19 -8.07
CA GLU A 41 -6.79 -3.34 -6.67
C GLU A 41 -6.65 -2.03 -5.91
N LEU A 42 -5.88 -1.08 -6.46
CA LEU A 42 -5.68 0.21 -5.82
C LEU A 42 -6.83 1.16 -6.11
N GLY A 43 -7.03 1.47 -7.39
CA GLY A 43 -8.11 2.37 -7.78
C GLY A 43 -9.43 2.02 -7.13
N THR A 44 -9.62 0.73 -6.82
CA THR A 44 -10.84 0.26 -6.19
C THR A 44 -11.10 1.01 -4.88
N VAL A 45 -10.36 0.63 -3.84
CA VAL A 45 -10.52 1.23 -2.52
C VAL A 45 -10.14 2.71 -2.53
N MET A 46 -9.30 3.10 -3.48
CA MET A 46 -8.88 4.50 -3.59
C MET A 46 -9.96 5.37 -4.20
N ARG A 47 -10.74 4.80 -5.11
CA ARG A 47 -11.82 5.54 -5.77
C ARG A 47 -13.09 5.53 -4.94
N MET A 48 -13.28 4.48 -4.15
CA MET A 48 -14.48 4.36 -3.32
C MET A 48 -14.25 4.95 -1.93
N LEU A 49 -13.13 5.64 -1.74
CA LEU A 49 -12.81 6.25 -0.46
C LEU A 49 -12.68 7.77 -0.58
N GLY A 50 -12.04 8.21 -1.66
CA GLY A 50 -11.85 9.63 -1.88
C GLY A 50 -10.76 9.93 -2.89
N GLN A 51 -9.73 9.09 -2.90
CA GLN A 51 -8.62 9.26 -3.83
C GLN A 51 -9.07 9.00 -5.26
N ASN A 52 -8.30 9.51 -6.23
CA ASN A 52 -8.63 9.34 -7.64
C ASN A 52 -7.39 9.16 -8.49
N PRO A 53 -6.49 8.24 -8.11
CA PRO A 53 -5.26 7.97 -8.85
C PRO A 53 -5.52 7.22 -10.16
N THR A 54 -5.37 7.92 -11.27
CA THR A 54 -5.60 7.33 -12.58
C THR A 54 -4.67 6.14 -12.81
N LYS A 55 -4.74 5.55 -13.99
CA LYS A 55 -3.90 4.40 -14.34
C LYS A 55 -2.43 4.76 -14.18
N CYS A 56 -2.01 5.84 -14.84
CA CYS A 56 -0.62 6.28 -14.77
C CYS A 56 -0.24 6.63 -13.34
N GLU A 57 -1.21 7.11 -12.56
CA GLU A 57 -0.98 7.47 -11.17
C GLU A 57 -0.51 6.26 -10.37
N LEU A 58 -1.35 5.23 -10.32
CA LEU A 58 -1.03 4.01 -9.58
C LEU A 58 0.13 3.27 -10.26
N ASP A 59 0.22 3.39 -11.58
CA ASP A 59 1.27 2.74 -12.34
C ASP A 59 2.63 3.33 -11.99
N ALA A 60 2.63 4.60 -11.57
CA ALA A 60 3.86 5.26 -11.20
C ALA A 60 4.35 4.78 -9.85
N ILE A 61 3.41 4.42 -8.98
CA ILE A 61 3.74 3.93 -7.65
C ILE A 61 4.15 2.47 -7.71
N ILE A 62 3.26 1.62 -8.20
CA ILE A 62 3.52 0.18 -8.32
C ILE A 62 4.91 -0.06 -8.91
N CYS A 63 5.22 0.64 -10.00
CA CYS A 63 6.52 0.50 -10.65
C CYS A 63 7.64 0.78 -9.65
N GLU A 64 7.39 1.70 -8.73
CA GLU A 64 8.37 2.05 -7.71
C GLU A 64 8.29 1.06 -6.55
N VAL A 65 7.07 0.61 -6.26
CA VAL A 65 6.84 -0.35 -5.18
C VAL A 65 7.50 -1.68 -5.51
N ASP A 66 7.28 -2.15 -6.73
CA ASP A 66 7.84 -3.41 -7.18
C ASP A 66 9.30 -3.26 -7.60
N GLU A 67 10.21 -3.60 -6.69
CA GLU A 67 11.63 -3.50 -6.95
C GLU A 67 12.09 -4.66 -7.86
N ASP A 68 11.35 -5.76 -7.81
CA ASP A 68 11.68 -6.93 -8.62
C ASP A 68 11.09 -6.81 -10.02
N GLY A 69 9.96 -6.11 -10.12
CA GLY A 69 9.31 -5.93 -11.41
C GLY A 69 8.18 -6.93 -11.62
N SER A 70 7.30 -7.02 -10.63
CA SER A 70 6.16 -7.94 -10.70
C SER A 70 4.84 -7.18 -10.87
N GLY A 71 4.85 -5.91 -10.48
CA GLY A 71 3.64 -5.10 -10.58
C GLY A 71 2.61 -5.46 -9.52
N THR A 72 2.99 -6.34 -8.60
CA THR A 72 2.10 -6.76 -7.53
C THR A 72 2.68 -6.41 -6.17
N ILE A 73 1.82 -5.98 -5.25
CA ILE A 73 2.24 -5.61 -3.91
C ILE A 73 2.00 -6.75 -2.92
N ASP A 74 3.08 -7.22 -2.31
CA ASP A 74 3.00 -8.31 -1.34
C ASP A 74 2.38 -7.82 -0.03
N PHE A 75 2.46 -8.64 1.01
CA PHE A 75 1.91 -8.30 2.31
C PHE A 75 2.57 -7.03 2.87
N GLU A 76 3.77 -7.19 3.39
CA GLU A 76 4.51 -6.05 3.96
C GLU A 76 4.81 -5.01 2.90
N GLU A 77 4.95 -5.47 1.65
CA GLU A 77 5.25 -4.57 0.54
C GLU A 77 4.29 -3.39 0.51
N PHE A 78 3.09 -3.58 1.05
CA PHE A 78 2.07 -2.53 1.09
C PHE A 78 2.55 -1.36 1.96
N LEU A 79 3.59 -1.58 2.74
CA LEU A 79 4.15 -0.53 3.59
C LEU A 79 5.31 0.16 2.87
N VAL A 80 6.18 -0.64 2.28
CA VAL A 80 7.33 -0.12 1.55
C VAL A 80 6.88 0.76 0.38
N MET A 81 5.77 0.36 -0.24
CA MET A 81 5.22 1.12 -1.36
C MET A 81 5.15 2.59 -1.03
N MET A 82 4.77 2.88 0.20
CA MET A 82 4.65 4.24 0.68
C MET A 82 5.94 4.70 1.36
N VAL A 83 6.63 3.77 2.02
CA VAL A 83 7.88 4.09 2.70
C VAL A 83 8.89 4.70 1.72
N ARG A 84 8.80 4.28 0.46
CA ARG A 84 9.70 4.79 -0.57
C ARG A 84 9.26 6.17 -1.03
N GLN A 85 7.96 6.45 -0.91
CA GLN A 85 7.41 7.75 -1.31
C GLN A 85 7.16 8.62 -0.08
N MET A 86 7.70 8.21 1.06
CA MET A 86 7.53 8.95 2.30
C MET A 86 8.88 9.47 2.80
N LYS A 87 9.89 8.60 2.77
CA LYS A 87 11.23 8.98 3.23
C LYS A 87 12.29 8.45 2.27
N GLU A 88 12.23 8.91 1.02
CA GLU A 88 13.20 8.49 0.01
C GLU A 88 14.55 9.16 0.22
N ASP A 89 15.56 8.64 -0.45
CA ASP A 89 16.91 9.20 -0.34
C ASP A 89 17.41 9.12 1.10
N ALA A 90 18.73 9.18 1.28
CA ALA A 90 19.32 9.11 2.60
C ALA A 90 20.56 10.01 2.69
N ARG B 1 1.03 10.30 -2.91
CA ARG B 1 1.96 9.16 -2.66
C ARG B 1 2.45 9.17 -1.21
N MET B 2 2.87 10.33 -0.73
CA MET B 2 3.35 10.46 0.64
C MET B 2 2.25 10.16 1.64
N SER B 3 1.21 10.99 1.65
CA SER B 3 0.09 10.81 2.56
C SER B 3 -0.55 9.44 2.37
N ALA B 4 -1.66 9.37 1.65
CA ALA B 4 -2.35 8.10 1.41
C ALA B 4 -2.97 7.55 2.69
N ASP B 5 -2.41 7.93 3.85
CA ASP B 5 -2.92 7.47 5.13
C ASP B 5 -4.43 7.65 5.19
N ALA B 6 -4.93 8.65 4.47
CA ALA B 6 -6.36 8.91 4.43
C ALA B 6 -7.12 7.65 4.05
N MET B 7 -6.71 7.03 2.94
CA MET B 7 -7.34 5.79 2.50
C MET B 7 -7.11 4.69 3.53
N LEU B 8 -5.94 4.75 4.15
CA LEU B 8 -5.57 3.76 5.16
C LEU B 8 -6.50 3.90 6.37
N ARG B 9 -6.81 5.14 6.73
CA ARG B 9 -7.69 5.40 7.86
C ARG B 9 -9.16 5.48 7.43
N ALA B 10 -9.43 5.07 6.18
CA ALA B 10 -10.78 5.10 5.65
C ALA B 10 -11.62 3.95 6.20
N LEU B 11 -11.37 2.75 5.71
CA LEU B 11 -12.10 1.57 6.14
C LEU B 11 -11.63 1.11 7.52
N LEU B 12 -10.40 1.48 7.89
CA LEU B 12 -9.85 1.11 9.18
C LEU B 12 -9.83 -0.41 9.35
N GLY B 13 -9.31 -0.87 10.49
CA GLY B 13 -9.25 -2.29 10.77
C GLY B 13 -8.61 -2.59 12.11
N SER B 14 -8.83 -3.81 12.59
CA SER B 14 -8.27 -4.23 13.88
C SER B 14 -7.99 -5.73 13.88
N LYS B 15 -6.80 -6.11 13.45
CA LYS B 15 -6.41 -7.51 13.40
C LYS B 15 -4.92 -7.65 13.14
N HIS B 16 -4.20 -8.26 14.09
CA HIS B 16 -2.77 -8.46 13.95
C HIS B 16 -2.41 -9.93 14.12
N LYS B 17 -2.13 -10.60 13.00
CA LYS B 17 -1.77 -12.01 13.02
C LYS B 17 -0.32 -12.21 12.60
CA CA C . 6.62 -7.18 -5.67
CA CA D . -5.58 -9.65 -4.81
N ALA A 1 15.07 -16.80 2.96
CA ALA A 1 14.89 -16.42 1.55
C ALA A 1 15.96 -15.44 1.10
N SER A 2 16.05 -14.30 1.79
CA SER A 2 17.04 -13.28 1.46
C SER A 2 16.84 -12.77 0.04
N MET A 3 16.28 -11.57 -0.07
CA MET A 3 16.04 -10.96 -1.37
C MET A 3 15.74 -9.48 -1.23
N THR A 4 14.90 -9.14 -0.26
CA THR A 4 14.54 -7.75 -0.02
C THR A 4 13.88 -7.59 1.35
N ASP A 5 14.47 -6.74 2.20
CA ASP A 5 13.95 -6.51 3.53
C ASP A 5 13.31 -5.12 3.65
N GLN A 6 13.31 -4.37 2.56
CA GLN A 6 12.75 -3.02 2.56
C GLN A 6 11.29 -3.05 3.03
N GLN A 7 10.64 -4.20 2.86
CA GLN A 7 9.25 -4.37 3.27
C GLN A 7 9.14 -4.59 4.78
N ALA A 8 10.24 -5.00 5.39
CA ALA A 8 10.27 -5.25 6.83
C ALA A 8 10.51 -3.96 7.59
N GLU A 9 11.53 -3.21 7.19
CA GLU A 9 11.85 -1.95 7.84
C GLU A 9 10.64 -1.02 7.81
N ALA A 10 9.93 -1.05 6.68
CA ALA A 10 8.73 -0.25 6.50
C ALA A 10 7.85 -0.27 7.74
N ARG A 11 7.42 -1.47 8.13
CA ARG A 11 6.56 -1.63 9.30
C ARG A 11 7.18 -0.96 10.53
N ALA A 12 8.50 -0.82 10.52
CA ALA A 12 9.22 -0.20 11.63
C ALA A 12 9.51 1.28 11.34
N PHE A 13 9.45 1.65 10.06
CA PHE A 13 9.72 3.03 9.67
C PHE A 13 8.51 3.93 9.93
N LEU A 14 7.33 3.32 9.97
CA LEU A 14 6.09 4.05 10.21
C LEU A 14 5.57 3.78 11.62
N SER A 15 4.68 4.66 12.09
CA SER A 15 4.09 4.51 13.41
C SER A 15 2.96 3.48 13.39
N GLU A 16 2.59 2.98 14.57
CA GLU A 16 1.52 2.00 14.67
C GLU A 16 0.29 2.49 13.91
N GLU A 17 0.16 3.81 13.81
CA GLU A 17 -0.95 4.43 13.11
C GLU A 17 -0.95 4.02 11.64
N MET A 18 0.17 4.27 10.96
CA MET A 18 0.30 3.93 9.55
C MET A 18 0.12 2.43 9.33
N ILE A 19 0.30 1.64 10.39
CA ILE A 19 0.14 0.19 10.29
C ILE A 19 -1.31 -0.22 10.48
N ALA A 20 -1.85 0.04 11.67
CA ALA A 20 -3.24 -0.30 11.98
C ALA A 20 -4.17 0.19 10.88
N GLU A 21 -3.75 1.24 10.17
CA GLU A 21 -4.52 1.81 9.09
C GLU A 21 -4.18 1.12 7.78
N PHE A 22 -2.93 0.66 7.67
CA PHE A 22 -2.47 -0.04 6.48
C PHE A 22 -3.29 -1.30 6.27
N LYS A 23 -3.69 -1.92 7.38
CA LYS A 23 -4.50 -3.13 7.33
C LYS A 23 -5.93 -2.81 6.92
N ALA A 24 -6.31 -1.54 7.03
CA ALA A 24 -7.65 -1.09 6.67
C ALA A 24 -8.14 -1.68 5.36
N ALA A 25 -7.65 -1.13 4.24
CA ALA A 25 -8.05 -1.58 2.92
C ALA A 25 -7.42 -2.92 2.55
N PHE A 26 -6.57 -3.45 3.43
CA PHE A 26 -5.90 -4.73 3.18
C PHE A 26 -6.91 -5.81 2.79
N ASP A 27 -8.15 -5.65 3.23
CA ASP A 27 -9.21 -6.61 2.94
C ASP A 27 -9.85 -6.31 1.58
N MET A 28 -10.45 -5.13 1.46
CA MET A 28 -11.09 -4.72 0.23
C MET A 28 -10.11 -4.74 -0.94
N PHE A 29 -8.83 -4.57 -0.63
CA PHE A 29 -7.79 -4.56 -1.66
C PHE A 29 -7.83 -5.85 -2.49
N ASP A 30 -7.50 -6.98 -1.84
CA ASP A 30 -7.50 -8.26 -2.51
C ASP A 30 -8.86 -8.59 -3.10
N ALA A 31 -8.89 -8.77 -4.42
CA ALA A 31 -10.13 -9.08 -5.12
C ALA A 31 -10.30 -10.59 -5.28
N ASP A 32 -9.24 -11.24 -5.73
CA ASP A 32 -9.26 -12.68 -5.93
C ASP A 32 -8.73 -13.41 -4.69
N GLY A 33 -7.92 -12.72 -3.91
CA GLY A 33 -7.37 -13.31 -2.70
C GLY A 33 -6.42 -14.45 -3.00
N GLY A 34 -5.31 -14.14 -3.67
CA GLY A 34 -4.33 -15.15 -4.01
C GLY A 34 -2.99 -14.56 -4.37
N GLY A 35 -3.00 -13.49 -5.15
CA GLY A 35 -1.77 -12.85 -5.56
C GLY A 35 -1.42 -11.66 -4.68
N ASP A 36 -1.62 -10.46 -5.21
CA ASP A 36 -1.32 -9.24 -4.47
C ASP A 36 -2.10 -8.06 -5.03
N ILE A 37 -1.83 -6.87 -4.51
CA ILE A 37 -2.50 -5.66 -4.95
C ILE A 37 -1.84 -5.10 -6.21
N SER A 38 -2.59 -5.08 -7.31
CA SER A 38 -2.09 -4.56 -8.57
C SER A 38 -2.54 -3.12 -8.79
N THR A 39 -2.42 -2.64 -10.02
CA THR A 39 -2.81 -1.27 -10.35
C THR A 39 -4.32 -1.10 -10.25
N LYS A 40 -5.06 -2.17 -10.48
CA LYS A 40 -6.52 -2.14 -10.42
C LYS A 40 -7.01 -2.25 -8.98
N GLU A 41 -6.40 -3.18 -8.23
CA GLU A 41 -6.79 -3.40 -6.84
C GLU A 41 -6.65 -2.11 -6.02
N LEU A 42 -5.83 -1.18 -6.50
CA LEU A 42 -5.63 0.08 -5.80
C LEU A 42 -6.77 1.06 -6.08
N GLY A 43 -6.96 1.37 -7.36
CA GLY A 43 -8.03 2.30 -7.74
C GLY A 43 -9.36 1.94 -7.13
N THR A 44 -9.55 0.65 -6.83
CA THR A 44 -10.79 0.17 -6.24
C THR A 44 -11.08 0.89 -4.92
N VAL A 45 -10.37 0.49 -3.87
CA VAL A 45 -10.56 1.08 -2.55
C VAL A 45 -10.23 2.57 -2.53
N MET A 46 -9.34 2.98 -3.43
CA MET A 46 -8.93 4.38 -3.50
C MET A 46 -10.03 5.24 -4.11
N ARG A 47 -10.83 4.65 -5.00
CA ARG A 47 -11.91 5.37 -5.66
C ARG A 47 -13.20 5.34 -4.83
N MET A 48 -13.38 4.28 -4.05
CA MET A 48 -14.56 4.14 -3.21
C MET A 48 -14.34 4.73 -1.83
N LEU A 49 -13.23 5.45 -1.66
CA LEU A 49 -12.90 6.06 -0.37
C LEU A 49 -12.81 7.58 -0.51
N GLY A 50 -12.23 8.04 -1.61
CA GLY A 50 -12.08 9.47 -1.83
C GLY A 50 -11.00 9.80 -2.84
N GLN A 51 -9.94 9.01 -2.84
CA GLN A 51 -8.83 9.22 -3.76
C GLN A 51 -9.25 8.93 -5.20
N ASN A 52 -8.49 9.46 -6.15
CA ASN A 52 -8.80 9.25 -7.57
C ASN A 52 -7.50 9.13 -8.38
N PRO A 53 -6.58 8.26 -7.96
CA PRO A 53 -5.31 8.05 -8.67
C PRO A 53 -5.51 7.33 -10.00
N THR A 54 -5.25 8.04 -11.09
CA THR A 54 -5.39 7.47 -12.43
C THR A 54 -4.55 6.21 -12.59
N LYS A 55 -4.69 5.55 -13.73
CA LYS A 55 -3.94 4.33 -14.01
C LYS A 55 -2.44 4.58 -13.93
N CYS A 56 -1.98 5.64 -14.60
CA CYS A 56 -0.57 5.98 -14.60
C CYS A 56 -0.09 6.29 -13.19
N GLU A 57 -0.95 6.93 -12.40
CA GLU A 57 -0.61 7.28 -11.02
C GLU A 57 -0.23 6.05 -10.22
N LEU A 58 -1.17 5.10 -10.12
CA LEU A 58 -0.94 3.87 -9.38
C LEU A 58 0.15 3.04 -10.05
N ASP A 59 0.22 3.13 -11.37
CA ASP A 59 1.22 2.39 -12.14
C ASP A 59 2.61 2.98 -11.92
N ALA A 60 2.66 4.26 -11.56
CA ALA A 60 3.93 4.92 -11.33
C ALA A 60 4.49 4.53 -9.96
N ILE A 61 3.59 4.25 -9.01
CA ILE A 61 3.98 3.86 -7.67
C ILE A 61 4.38 2.38 -7.65
N ILE A 62 3.42 1.52 -8.00
CA ILE A 62 3.66 0.08 -8.03
C ILE A 62 4.99 -0.25 -8.71
N CYS A 63 5.25 0.43 -9.83
CA CYS A 63 6.49 0.22 -10.56
C CYS A 63 7.70 0.49 -9.68
N GLU A 64 7.55 1.44 -8.76
CA GLU A 64 8.62 1.78 -7.84
C GLU A 64 8.56 0.87 -6.61
N VAL A 65 7.35 0.52 -6.19
CA VAL A 65 7.16 -0.35 -5.05
C VAL A 65 7.72 -1.74 -5.35
N ASP A 66 7.32 -2.30 -6.49
CA ASP A 66 7.76 -3.62 -6.90
C ASP A 66 9.24 -3.61 -7.28
N GLU A 67 10.07 -4.26 -6.46
CA GLU A 67 11.50 -4.33 -6.71
C GLU A 67 11.88 -5.68 -7.31
N ASP A 68 10.95 -6.25 -8.07
CA ASP A 68 11.18 -7.55 -8.70
C ASP A 68 10.64 -7.56 -10.13
N GLY A 69 9.42 -7.04 -10.30
CA GLY A 69 8.81 -7.00 -11.61
C GLY A 69 7.51 -7.79 -11.66
N SER A 70 6.69 -7.62 -10.63
CA SER A 70 5.41 -8.31 -10.55
C SER A 70 4.24 -7.34 -10.72
N GLY A 71 4.48 -6.07 -10.41
CA GLY A 71 3.43 -5.08 -10.53
C GLY A 71 2.37 -5.23 -9.45
N THR A 72 2.65 -6.07 -8.46
CA THR A 72 1.72 -6.31 -7.37
C THR A 72 2.35 -5.95 -6.04
N ILE A 73 1.53 -5.89 -4.99
CA ILE A 73 2.01 -5.54 -3.66
C ILE A 73 1.75 -6.66 -2.64
N ASP A 74 2.83 -7.16 -2.05
CA ASP A 74 2.72 -8.22 -1.05
C ASP A 74 2.09 -7.71 0.24
N PHE A 75 2.20 -8.49 1.30
CA PHE A 75 1.63 -8.11 2.60
C PHE A 75 2.27 -6.83 3.12
N GLU A 76 3.52 -6.93 3.58
CA GLU A 76 4.23 -5.77 4.11
C GLU A 76 4.60 -4.80 2.99
N GLU A 77 4.66 -5.31 1.77
CA GLU A 77 5.02 -4.48 0.61
C GLU A 77 4.12 -3.24 0.54
N PHE A 78 2.91 -3.34 1.08
CA PHE A 78 1.99 -2.21 1.06
C PHE A 78 2.46 -1.11 2.00
N LEU A 79 3.45 -1.40 2.82
CA LEU A 79 3.99 -0.42 3.76
C LEU A 79 5.21 0.26 3.14
N VAL A 80 6.08 -0.53 2.54
CA VAL A 80 7.29 0.00 1.90
C VAL A 80 6.93 0.91 0.73
N MET A 81 5.83 0.59 0.06
CA MET A 81 5.38 1.38 -1.09
C MET A 81 5.32 2.86 -0.72
N MET A 82 4.83 3.12 0.48
CA MET A 82 4.70 4.48 0.98
C MET A 82 6.06 5.01 1.43
N VAL A 83 6.86 4.14 2.04
CA VAL A 83 8.18 4.52 2.52
C VAL A 83 9.03 5.09 1.39
N ARG A 84 8.84 4.55 0.19
CA ARG A 84 9.58 5.01 -0.99
C ARG A 84 9.11 6.38 -1.44
N GLN A 85 7.94 6.80 -0.96
CA GLN A 85 7.38 8.10 -1.32
C GLN A 85 7.43 9.06 -0.14
N MET A 86 7.41 8.50 1.07
CA MET A 86 7.45 9.30 2.29
C MET A 86 8.85 9.88 2.51
N LYS A 87 9.85 9.01 2.52
CA LYS A 87 11.23 9.43 2.71
C LYS A 87 11.72 10.24 1.52
N GLU A 88 11.18 9.93 0.34
CA GLU A 88 11.57 10.63 -0.88
C GLU A 88 10.44 10.61 -1.91
N ASP A 89 9.89 11.79 -2.21
CA ASP A 89 8.81 11.89 -3.17
C ASP A 89 9.28 12.60 -4.44
N ALA A 90 8.35 12.78 -5.39
CA ALA A 90 8.67 13.43 -6.65
C ALA A 90 9.75 12.67 -7.41
N ARG B 1 0.81 10.48 -3.65
CA ARG B 1 1.73 9.54 -2.94
C ARG B 1 2.12 10.08 -1.57
N MET B 2 3.15 9.48 -0.98
CA MET B 2 3.61 9.88 0.34
C MET B 2 2.53 9.65 1.41
N SER B 3 1.55 10.55 1.46
CA SER B 3 0.47 10.44 2.42
C SER B 3 -0.13 9.04 2.40
N ALA B 4 -1.17 8.82 1.60
CA ALA B 4 -1.82 7.53 1.50
C ALA B 4 -2.57 7.18 2.78
N ASP B 5 -1.97 7.51 3.92
CA ASP B 5 -2.59 7.23 5.23
C ASP B 5 -4.08 7.52 5.22
N ALA B 6 -4.49 8.49 4.39
CA ALA B 6 -5.91 8.84 4.29
C ALA B 6 -6.74 7.60 3.98
N MET B 7 -6.48 6.98 2.84
CA MET B 7 -7.21 5.77 2.46
C MET B 7 -6.95 4.69 3.50
N LEU B 8 -5.77 4.74 4.10
CA LEU B 8 -5.40 3.77 5.13
C LEU B 8 -6.32 3.92 6.33
N ARG B 9 -6.61 5.17 6.70
CA ARG B 9 -7.49 5.46 7.83
C ARG B 9 -8.95 5.57 7.39
N ALA B 10 -9.22 5.15 6.15
CA ALA B 10 -10.57 5.21 5.61
C ALA B 10 -11.44 4.09 6.16
N LEU B 11 -11.17 2.87 5.71
CA LEU B 11 -11.95 1.71 6.13
C LEU B 11 -11.60 1.29 7.56
N LEU B 12 -10.37 1.58 7.98
CA LEU B 12 -9.94 1.22 9.33
C LEU B 12 -8.75 2.06 9.77
N GLY B 13 -8.62 2.25 11.08
CA GLY B 13 -7.52 3.03 11.61
C GLY B 13 -7.71 3.40 13.07
N SER B 14 -6.86 4.28 13.57
CA SER B 14 -6.95 4.71 14.96
C SER B 14 -7.65 6.06 15.08
N LYS B 15 -8.70 6.09 15.89
CA LYS B 15 -9.47 7.32 16.10
C LYS B 15 -8.59 8.43 16.64
N HIS B 16 -8.74 9.62 16.07
CA HIS B 16 -7.94 10.78 16.49
C HIS B 16 -8.84 11.99 16.73
N LYS B 17 -9.75 12.25 15.79
CA LYS B 17 -10.67 13.37 15.90
C LYS B 17 -11.97 12.94 16.56
CA CA C . 6.09 -6.93 -5.80
CA CA D . -5.30 -9.49 -5.12
N ALA A 1 21.49 -15.74 2.30
CA ALA A 1 20.33 -15.69 1.37
C ALA A 1 19.43 -14.50 1.70
N SER A 2 19.00 -13.78 0.66
CA SER A 2 18.13 -12.63 0.83
C SER A 2 17.51 -12.20 -0.50
N MET A 3 16.62 -11.22 -0.45
CA MET A 3 15.96 -10.72 -1.64
C MET A 3 15.54 -9.27 -1.46
N THR A 4 14.88 -8.98 -0.34
CA THR A 4 14.42 -7.62 -0.05
C THR A 4 13.77 -7.57 1.33
N ASP A 5 14.34 -6.74 2.21
CA ASP A 5 13.82 -6.58 3.57
C ASP A 5 13.19 -5.20 3.77
N GLN A 6 13.19 -4.39 2.71
CA GLN A 6 12.62 -3.05 2.78
C GLN A 6 11.19 -3.08 3.31
N GLN A 7 10.48 -4.18 3.04
CA GLN A 7 9.10 -4.33 3.50
C GLN A 7 9.06 -4.57 5.00
N ALA A 8 10.17 -5.08 5.55
CA ALA A 8 10.26 -5.35 6.98
C ALA A 8 10.52 -4.07 7.76
N GLU A 9 11.53 -3.31 7.34
CA GLU A 9 11.85 -2.05 7.99
C GLU A 9 10.64 -1.13 7.98
N ALA A 10 9.95 -1.09 6.84
CA ALA A 10 8.77 -0.27 6.66
C ALA A 10 7.85 -0.36 7.88
N ARG A 11 7.40 -1.58 8.18
CA ARG A 11 6.51 -1.81 9.32
C ARG A 11 7.13 -1.24 10.60
N ALA A 12 8.46 -1.17 10.63
CA ALA A 12 9.18 -0.64 11.78
C ALA A 12 9.49 0.84 11.62
N PHE A 13 9.43 1.32 10.38
CA PHE A 13 9.71 2.72 10.10
C PHE A 13 8.50 3.60 10.40
N LEU A 14 7.31 3.08 10.08
CA LEU A 14 6.08 3.83 10.33
C LEU A 14 5.54 3.53 11.72
N SER A 15 4.74 4.45 12.24
CA SER A 15 4.15 4.29 13.58
C SER A 15 3.01 3.27 13.54
N GLU A 16 2.73 2.65 14.69
CA GLU A 16 1.66 1.67 14.78
C GLU A 16 0.37 2.25 14.19
N GLU A 17 0.25 3.57 14.25
CA GLU A 17 -0.91 4.26 13.71
C GLU A 17 -1.03 4.03 12.20
N MET A 18 0.09 4.18 11.50
CA MET A 18 0.11 3.99 10.06
C MET A 18 -0.14 2.52 9.70
N ILE A 19 0.24 1.63 10.60
CA ILE A 19 0.06 0.19 10.39
C ILE A 19 -1.42 -0.18 10.48
N ALA A 20 -2.01 0.07 11.65
CA ALA A 20 -3.42 -0.22 11.87
C ALA A 20 -4.28 0.31 10.74
N GLU A 21 -3.80 1.38 10.11
CA GLU A 21 -4.51 1.99 8.99
C GLU A 21 -4.11 1.31 7.68
N PHE A 22 -2.86 0.85 7.63
CA PHE A 22 -2.33 0.17 6.45
C PHE A 22 -3.19 -1.06 6.14
N LYS A 23 -3.67 -1.70 7.21
CA LYS A 23 -4.48 -2.90 7.07
C LYS A 23 -5.93 -2.55 6.72
N ALA A 24 -6.28 -1.26 6.85
CA ALA A 24 -7.63 -0.80 6.56
C ALA A 24 -8.17 -1.37 5.25
N ALA A 25 -7.63 -0.90 4.13
CA ALA A 25 -8.06 -1.35 2.82
C ALA A 25 -7.48 -2.72 2.46
N PHE A 26 -6.66 -3.27 3.34
CA PHE A 26 -6.05 -4.59 3.11
C PHE A 26 -7.10 -5.63 2.71
N ASP A 27 -8.34 -5.42 3.16
CA ASP A 27 -9.42 -6.34 2.85
C ASP A 27 -10.05 -6.01 1.49
N MET A 28 -10.29 -4.73 1.25
CA MET A 28 -10.89 -4.29 -0.01
C MET A 28 -9.93 -4.49 -1.17
N PHE A 29 -8.62 -4.39 -0.89
CA PHE A 29 -7.60 -4.56 -1.92
C PHE A 29 -7.70 -5.94 -2.57
N ASP A 30 -7.25 -6.96 -1.85
CA ASP A 30 -7.28 -8.33 -2.36
C ASP A 30 -8.69 -8.73 -2.78
N ALA A 31 -8.84 -9.06 -4.05
CA ALA A 31 -10.12 -9.47 -4.60
C ALA A 31 -10.25 -10.99 -4.58
N ASP A 32 -9.19 -11.67 -5.05
CA ASP A 32 -9.18 -13.13 -5.09
C ASP A 32 -8.41 -13.69 -3.90
N GLY A 33 -7.45 -12.91 -3.41
CA GLY A 33 -6.66 -13.36 -2.28
C GLY A 33 -5.60 -14.38 -2.66
N GLY A 34 -4.91 -14.13 -3.76
CA GLY A 34 -3.88 -15.04 -4.22
C GLY A 34 -2.94 -14.42 -5.23
N GLY A 35 -2.78 -13.10 -5.15
CA GLY A 35 -1.90 -12.41 -6.07
C GLY A 35 -1.56 -11.00 -5.61
N ASP A 36 -1.57 -10.79 -4.30
CA ASP A 36 -1.27 -9.48 -3.73
C ASP A 36 -2.13 -8.39 -4.37
N ILE A 37 -1.72 -7.14 -4.19
CA ILE A 37 -2.44 -6.00 -4.74
C ILE A 37 -1.92 -5.62 -6.12
N SER A 38 -2.83 -5.48 -7.07
CA SER A 38 -2.48 -5.11 -8.44
C SER A 38 -2.85 -3.66 -8.71
N THR A 39 -2.89 -3.29 -9.99
CA THR A 39 -3.21 -1.92 -10.38
C THR A 39 -4.69 -1.63 -10.15
N LYS A 40 -5.54 -2.61 -10.46
CA LYS A 40 -6.98 -2.45 -10.29
C LYS A 40 -7.37 -2.49 -8.82
N GLU A 41 -6.70 -3.34 -8.06
CA GLU A 41 -6.99 -3.48 -6.64
C GLU A 41 -6.79 -2.16 -5.91
N LEU A 42 -5.95 -1.28 -6.47
CA LEU A 42 -5.68 0.01 -5.86
C LEU A 42 -6.80 1.01 -6.17
N GLY A 43 -7.02 1.27 -7.45
CA GLY A 43 -8.06 2.21 -7.85
C GLY A 43 -9.39 1.93 -7.18
N THR A 44 -9.64 0.66 -6.87
CA THR A 44 -10.87 0.26 -6.23
C THR A 44 -11.08 0.99 -4.91
N VAL A 45 -10.33 0.57 -3.89
CA VAL A 45 -10.43 1.18 -2.57
C VAL A 45 -10.03 2.65 -2.58
N MET A 46 -9.19 3.03 -3.52
CA MET A 46 -8.73 4.41 -3.62
C MET A 46 -9.81 5.31 -4.24
N ARG A 47 -10.61 4.74 -5.13
CA ARG A 47 -11.67 5.51 -5.79
C ARG A 47 -12.96 5.49 -4.96
N MET A 48 -13.15 4.43 -4.17
CA MET A 48 -14.33 4.32 -3.35
C MET A 48 -14.10 4.89 -1.94
N LEU A 49 -12.98 5.58 -1.76
CA LEU A 49 -12.66 6.17 -0.47
C LEU A 49 -12.53 7.68 -0.57
N GLY A 50 -11.90 8.14 -1.65
CA GLY A 50 -11.72 9.58 -1.86
C GLY A 50 -10.66 9.89 -2.88
N GLN A 51 -9.60 9.09 -2.90
CA GLN A 51 -8.51 9.29 -3.85
C GLN A 51 -8.96 9.01 -5.27
N ASN A 52 -8.21 9.52 -6.24
CA ASN A 52 -8.54 9.31 -7.65
C ASN A 52 -7.29 9.16 -8.50
N PRO A 53 -6.46 8.15 -8.19
CA PRO A 53 -5.21 7.90 -8.93
C PRO A 53 -5.48 7.27 -10.28
N THR A 54 -5.28 8.04 -11.35
CA THR A 54 -5.49 7.56 -12.70
C THR A 54 -4.66 6.31 -12.98
N LYS A 55 -4.79 5.77 -14.19
CA LYS A 55 -4.05 4.58 -14.58
C LYS A 55 -2.55 4.80 -14.43
N CYS A 56 -2.08 5.97 -14.86
CA CYS A 56 -0.67 6.31 -14.78
C CYS A 56 -0.27 6.59 -13.33
N GLU A 57 -1.21 7.10 -12.55
CA GLU A 57 -0.97 7.43 -11.15
C GLU A 57 -0.49 6.20 -10.39
N LEU A 58 -1.31 5.15 -10.38
CA LEU A 58 -0.97 3.91 -9.69
C LEU A 58 0.17 3.19 -10.40
N ASP A 59 0.22 3.34 -11.72
CA ASP A 59 1.28 2.71 -12.51
C ASP A 59 2.64 3.31 -12.20
N ALA A 60 2.65 4.52 -11.66
CA ALA A 60 3.89 5.18 -11.31
C ALA A 60 4.39 4.73 -9.95
N ILE A 61 3.45 4.40 -9.06
CA ILE A 61 3.79 3.94 -7.72
C ILE A 61 4.12 2.45 -7.73
N ILE A 62 3.18 1.63 -8.19
CA ILE A 62 3.37 0.19 -8.27
C ILE A 62 4.73 -0.16 -8.86
N CYS A 63 5.10 0.54 -9.94
CA CYS A 63 6.38 0.30 -10.59
C CYS A 63 7.53 0.55 -9.62
N GLU A 64 7.38 1.60 -8.81
CA GLU A 64 8.40 1.94 -7.82
C GLU A 64 8.31 1.00 -6.62
N VAL A 65 7.09 0.57 -6.31
CA VAL A 65 6.87 -0.34 -5.20
C VAL A 65 7.49 -1.71 -5.49
N ASP A 66 7.09 -2.29 -6.61
CA ASP A 66 7.60 -3.60 -7.01
C ASP A 66 9.07 -3.52 -7.37
N GLU A 67 9.89 -4.28 -6.64
CA GLU A 67 11.33 -4.31 -6.88
C GLU A 67 11.74 -5.58 -7.61
N ASP A 68 10.82 -6.11 -8.41
CA ASP A 68 11.09 -7.32 -9.17
C ASP A 68 10.19 -7.41 -10.41
N GLY A 69 9.74 -6.25 -10.90
CA GLY A 69 8.87 -6.23 -12.07
C GLY A 69 7.73 -7.22 -11.97
N SER A 70 6.96 -7.12 -10.90
CA SER A 70 5.82 -8.03 -10.69
C SER A 70 4.51 -7.26 -10.67
N GLY A 71 4.56 -5.99 -10.32
CA GLY A 71 3.35 -5.18 -10.26
C GLY A 71 2.44 -5.61 -9.13
N THR A 72 2.95 -6.46 -8.24
CA THR A 72 2.17 -6.96 -7.12
C THR A 72 2.73 -6.41 -5.79
N ILE A 73 1.82 -6.05 -4.89
CA ILE A 73 2.22 -5.51 -3.60
C ILE A 73 2.01 -6.54 -2.48
N ASP A 74 3.09 -7.24 -2.12
CA ASP A 74 3.03 -8.24 -1.06
C ASP A 74 2.43 -7.65 0.22
N PHE A 75 2.34 -8.48 1.26
CA PHE A 75 1.78 -8.03 2.53
C PHE A 75 2.45 -6.75 3.01
N GLU A 76 3.66 -6.89 3.55
CA GLU A 76 4.41 -5.73 4.04
C GLU A 76 4.69 -4.75 2.91
N GLU A 77 4.77 -5.25 1.69
CA GLU A 77 5.04 -4.42 0.53
C GLU A 77 4.08 -3.24 0.45
N PHE A 78 2.91 -3.38 1.06
CA PHE A 78 1.90 -2.32 1.04
C PHE A 78 2.32 -1.15 1.94
N LEU A 79 3.30 -1.38 2.79
CA LEU A 79 3.79 -0.34 3.68
C LEU A 79 5.01 0.34 3.06
N VAL A 80 5.95 -0.49 2.60
CA VAL A 80 7.16 0.02 1.97
C VAL A 80 6.82 0.88 0.76
N MET A 81 5.77 0.49 0.05
CA MET A 81 5.34 1.23 -1.14
C MET A 81 5.27 2.72 -0.85
N MET A 82 4.76 3.06 0.33
CA MET A 82 4.64 4.44 0.74
C MET A 82 5.93 4.93 1.38
N VAL A 83 6.63 4.03 2.06
CA VAL A 83 7.89 4.38 2.70
C VAL A 83 8.89 4.95 1.70
N ARG A 84 8.79 4.50 0.46
CA ARG A 84 9.70 4.94 -0.59
C ARG A 84 9.24 6.28 -1.20
N GLN A 85 7.96 6.61 -1.05
CA GLN A 85 7.43 7.85 -1.60
C GLN A 85 7.02 8.80 -0.48
N MET A 86 7.24 8.38 0.77
CA MET A 86 6.88 9.21 1.91
C MET A 86 8.12 9.58 2.72
N LYS A 87 9.16 8.75 2.64
CA LYS A 87 10.41 9.02 3.36
C LYS A 87 11.55 9.26 2.38
N GLU A 88 11.85 10.54 2.13
CA GLU A 88 12.92 10.90 1.21
C GLU A 88 12.63 10.38 -0.19
N ASP A 89 13.63 10.49 -1.07
CA ASP A 89 13.48 10.03 -2.45
C ASP A 89 14.25 8.73 -2.67
N ALA A 90 13.86 8.00 -3.71
CA ALA A 90 14.50 6.73 -4.03
C ALA A 90 15.63 6.92 -5.03
N ARG B 1 0.41 10.49 -2.44
CA ARG B 1 1.30 9.32 -2.28
C ARG B 1 1.90 9.26 -0.88
N MET B 2 2.56 10.34 -0.48
CA MET B 2 3.18 10.41 0.83
C MET B 2 2.12 10.29 1.93
N SER B 3 1.33 11.34 2.10
CA SER B 3 0.29 11.36 3.12
C SER B 3 -0.93 10.57 2.66
N ALA B 4 -0.73 9.29 2.38
CA ALA B 4 -1.83 8.43 1.95
C ALA B 4 -2.61 7.91 3.15
N ASP B 5 -2.20 8.33 4.34
CA ASP B 5 -2.85 7.90 5.58
C ASP B 5 -4.37 8.03 5.46
N ALA B 6 -4.81 8.97 4.64
CA ALA B 6 -6.25 9.18 4.43
C ALA B 6 -6.95 7.87 4.08
N MET B 7 -6.69 7.37 2.88
CA MET B 7 -7.30 6.11 2.45
C MET B 7 -7.02 5.02 3.46
N LEU B 8 -5.85 5.10 4.09
CA LEU B 8 -5.45 4.13 5.09
C LEU B 8 -6.36 4.21 6.30
N ARG B 9 -6.79 5.43 6.63
CA ARG B 9 -7.67 5.65 7.76
C ARG B 9 -9.15 5.57 7.34
N ALA B 10 -9.38 5.46 6.04
CA ALA B 10 -10.74 5.37 5.51
C ALA B 10 -11.50 4.19 6.09
N LEU B 11 -11.13 2.99 5.67
CA LEU B 11 -11.78 1.77 6.13
C LEU B 11 -11.30 1.37 7.53
N LEU B 12 -10.14 1.91 7.93
CA LEU B 12 -9.56 1.61 9.24
C LEU B 12 -9.19 0.13 9.35
N GLY B 13 -10.19 -0.73 9.45
CA GLY B 13 -9.93 -2.15 9.57
C GLY B 13 -10.72 -2.79 10.69
N SER B 14 -10.03 -3.24 11.73
CA SER B 14 -10.68 -3.88 12.87
C SER B 14 -9.95 -3.52 14.17
N LYS B 15 -10.52 -2.57 14.91
CA LYS B 15 -9.93 -2.14 16.17
C LYS B 15 -11.00 -1.89 17.23
N HIS B 16 -12.10 -2.63 17.11
CA HIS B 16 -13.21 -2.49 18.06
C HIS B 16 -13.01 -3.38 19.27
N LYS B 17 -12.60 -2.78 20.38
CA LYS B 17 -12.37 -3.53 21.61
C LYS B 17 -13.60 -3.48 22.51
CA CA C . 6.67 -6.98 -5.76
CA CA D . -5.75 -9.69 -4.84
N ALA A 1 13.30 -16.72 -1.39
CA ALA A 1 12.14 -16.17 -0.62
C ALA A 1 12.42 -14.75 -0.16
N SER A 2 13.68 -14.47 0.14
CA SER A 2 14.09 -13.15 0.61
C SER A 2 14.90 -12.42 -0.47
N MET A 3 14.57 -11.16 -0.70
CA MET A 3 15.27 -10.36 -1.69
C MET A 3 15.39 -8.91 -1.24
N THR A 4 14.25 -8.25 -1.07
CA THR A 4 14.22 -6.86 -0.63
C THR A 4 13.68 -6.75 0.79
N ASP A 5 14.58 -6.47 1.73
CA ASP A 5 14.20 -6.34 3.14
C ASP A 5 13.48 -5.01 3.40
N GLN A 6 13.41 -4.15 2.38
CA GLN A 6 12.75 -2.85 2.52
C GLN A 6 11.38 -3.00 3.17
N GLN A 7 10.76 -4.15 2.96
CA GLN A 7 9.44 -4.43 3.53
C GLN A 7 9.52 -4.48 5.05
N ALA A 8 10.65 -4.95 5.56
CA ALA A 8 10.84 -5.05 6.98
C ALA A 8 11.02 -3.68 7.62
N GLU A 9 11.96 -2.91 7.09
CA GLU A 9 12.21 -1.56 7.59
C GLU A 9 10.92 -0.77 7.61
N ALA A 10 10.12 -0.95 6.57
CA ALA A 10 8.83 -0.28 6.43
C ALA A 10 8.06 -0.28 7.76
N ARG A 11 7.75 -1.47 8.25
CA ARG A 11 7.02 -1.61 9.51
C ARG A 11 7.69 -0.82 10.62
N ALA A 12 8.99 -0.61 10.49
CA ALA A 12 9.76 0.14 11.48
C ALA A 12 9.88 1.62 11.10
N PHE A 13 9.65 1.92 9.82
CA PHE A 13 9.74 3.29 9.34
C PHE A 13 8.50 4.10 9.73
N LEU A 14 7.46 3.40 10.19
CA LEU A 14 6.22 4.05 10.59
C LEU A 14 5.79 3.59 11.98
N SER A 15 4.76 4.24 12.52
CA SER A 15 4.25 3.90 13.84
C SER A 15 3.18 2.83 13.73
N GLU A 16 2.88 2.17 14.85
CA GLU A 16 1.85 1.13 14.87
C GLU A 16 0.57 1.66 14.23
N GLU A 17 0.38 2.97 14.31
CA GLU A 17 -0.78 3.62 13.73
C GLU A 17 -0.85 3.39 12.22
N MET A 18 0.18 3.85 11.51
CA MET A 18 0.25 3.69 10.06
C MET A 18 0.11 2.23 9.66
N ILE A 19 0.44 1.33 10.59
CA ILE A 19 0.34 -0.10 10.32
C ILE A 19 -1.12 -0.55 10.31
N ALA A 20 -1.77 -0.42 11.45
CA ALA A 20 -3.17 -0.82 11.58
C ALA A 20 -4.01 -0.23 10.46
N GLU A 21 -3.57 0.90 9.92
CA GLU A 21 -4.28 1.56 8.84
C GLU A 21 -3.98 0.85 7.51
N PHE A 22 -2.76 0.34 7.37
CA PHE A 22 -2.36 -0.38 6.17
C PHE A 22 -3.22 -1.61 5.96
N LYS A 23 -3.38 -2.39 7.03
CA LYS A 23 -4.17 -3.61 6.99
C LYS A 23 -5.65 -3.29 6.78
N ALA A 24 -6.01 -2.02 7.01
CA ALA A 24 -7.39 -1.57 6.85
C ALA A 24 -8.00 -2.04 5.54
N ALA A 25 -7.56 -1.46 4.43
CA ALA A 25 -8.08 -1.80 3.12
C ALA A 25 -7.43 -3.08 2.57
N PHE A 26 -6.50 -3.65 3.33
CA PHE A 26 -5.81 -4.87 2.90
C PHE A 26 -6.81 -5.98 2.58
N ASP A 27 -7.95 -5.97 3.26
CA ASP A 27 -8.97 -6.98 3.03
C ASP A 27 -9.77 -6.66 1.77
N MET A 28 -10.25 -5.43 1.67
CA MET A 28 -11.03 -5.00 0.52
C MET A 28 -10.16 -4.95 -0.74
N PHE A 29 -8.86 -4.73 -0.54
CA PHE A 29 -7.92 -4.65 -1.64
C PHE A 29 -7.95 -5.94 -2.47
N ASP A 30 -7.50 -7.03 -1.87
CA ASP A 30 -7.47 -8.32 -2.55
C ASP A 30 -8.86 -8.73 -3.01
N ALA A 31 -9.01 -8.88 -4.31
CA ALA A 31 -10.30 -9.26 -4.89
C ALA A 31 -10.36 -10.77 -5.12
N ASP A 32 -9.30 -11.33 -5.69
CA ASP A 32 -9.23 -12.76 -5.95
C ASP A 32 -9.30 -13.56 -4.65
N GLY A 33 -8.98 -12.91 -3.54
CA GLY A 33 -9.01 -13.57 -2.25
C GLY A 33 -7.89 -13.12 -1.33
N GLY A 34 -6.70 -13.68 -1.55
CA GLY A 34 -5.55 -13.32 -0.73
C GLY A 34 -4.27 -13.25 -1.53
N GLY A 35 -4.30 -12.57 -2.67
CA GLY A 35 -3.13 -12.46 -3.51
C GLY A 35 -2.32 -11.20 -3.20
N ASP A 36 -2.33 -10.25 -4.14
CA ASP A 36 -1.60 -9.01 -3.96
C ASP A 36 -2.41 -7.82 -4.51
N ILE A 37 -1.80 -6.64 -4.48
CA ILE A 37 -2.45 -5.44 -4.95
C ILE A 37 -1.77 -4.90 -6.20
N SER A 38 -2.49 -4.91 -7.32
CA SER A 38 -1.95 -4.42 -8.58
C SER A 38 -2.54 -3.05 -8.92
N THR A 39 -2.39 -2.63 -10.17
CA THR A 39 -2.90 -1.34 -10.60
C THR A 39 -4.43 -1.30 -10.58
N LYS A 40 -5.04 -2.48 -10.59
CA LYS A 40 -6.50 -2.58 -10.58
C LYS A 40 -7.03 -2.66 -9.15
N GLU A 41 -6.23 -3.20 -8.24
CA GLU A 41 -6.63 -3.34 -6.84
C GLU A 41 -6.56 -2.01 -6.11
N LEU A 42 -5.71 -1.10 -6.60
CA LEU A 42 -5.56 0.20 -5.98
C LEU A 42 -6.69 1.14 -6.39
N GLY A 43 -6.92 1.24 -7.70
CA GLY A 43 -7.97 2.12 -8.19
C GLY A 43 -9.33 1.79 -7.60
N THR A 44 -9.49 0.57 -7.10
CA THR A 44 -10.74 0.14 -6.51
C THR A 44 -11.10 0.98 -5.28
N VAL A 45 -10.50 0.64 -4.15
CA VAL A 45 -10.75 1.34 -2.90
C VAL A 45 -10.50 2.84 -3.02
N MET A 46 -9.49 3.22 -3.79
CA MET A 46 -9.15 4.63 -3.97
C MET A 46 -10.26 5.37 -4.72
N ARG A 47 -11.06 4.63 -5.48
CA ARG A 47 -12.15 5.24 -6.25
C ARG A 47 -13.42 5.34 -5.44
N MET A 48 -13.67 4.35 -4.59
CA MET A 48 -14.88 4.34 -3.76
C MET A 48 -14.71 5.23 -2.52
N LEU A 49 -13.45 5.50 -2.16
CA LEU A 49 -13.17 6.34 -1.00
C LEU A 49 -13.24 7.82 -1.35
N GLY A 50 -12.61 8.20 -2.46
CA GLY A 50 -12.61 9.58 -2.89
C GLY A 50 -11.43 9.93 -3.77
N GLN A 51 -10.35 9.16 -3.64
CA GLN A 51 -9.15 9.39 -4.43
C GLN A 51 -9.40 9.09 -5.90
N ASN A 52 -8.56 9.61 -6.77
CA ASN A 52 -8.71 9.39 -8.20
C ASN A 52 -7.35 9.27 -8.90
N PRO A 53 -6.50 8.35 -8.41
CA PRO A 53 -5.18 8.13 -9.00
C PRO A 53 -5.26 7.51 -10.39
N THR A 54 -4.97 8.30 -11.41
CA THR A 54 -5.02 7.84 -12.80
C THR A 54 -4.15 6.60 -12.99
N LYS A 55 -4.23 6.01 -14.18
CA LYS A 55 -3.46 4.81 -14.50
C LYS A 55 -1.97 5.06 -14.26
N CYS A 56 -1.49 6.21 -14.74
CA CYS A 56 -0.08 6.57 -14.58
C CYS A 56 0.26 6.76 -13.11
N GLU A 57 -0.72 7.22 -12.34
CA GLU A 57 -0.51 7.45 -10.91
C GLU A 57 -0.19 6.13 -10.19
N LEU A 58 -1.16 5.23 -10.16
CA LEU A 58 -0.98 3.94 -9.51
C LEU A 58 0.14 3.15 -10.19
N ASP A 59 0.27 3.32 -11.50
CA ASP A 59 1.30 2.64 -12.26
C ASP A 59 2.68 3.20 -11.94
N ALA A 60 2.72 4.45 -11.48
CA ALA A 60 3.97 5.08 -11.14
C ALA A 60 4.48 4.60 -9.78
N ILE A 61 3.53 4.30 -8.89
CA ILE A 61 3.87 3.82 -7.56
C ILE A 61 4.23 2.33 -7.60
N ILE A 62 3.27 1.52 -8.01
CA ILE A 62 3.47 0.07 -8.11
C ILE A 62 4.82 -0.26 -8.74
N CYS A 63 5.23 0.56 -9.71
CA CYS A 63 6.51 0.36 -10.38
C CYS A 63 7.66 0.66 -9.44
N GLU A 64 7.56 1.78 -8.72
CA GLU A 64 8.60 2.17 -7.78
C GLU A 64 8.62 1.22 -6.58
N VAL A 65 7.44 0.79 -6.16
CA VAL A 65 7.31 -0.13 -5.04
C VAL A 65 7.91 -1.49 -5.38
N ASP A 66 7.32 -2.15 -6.36
CA ASP A 66 7.79 -3.46 -6.80
C ASP A 66 9.23 -3.39 -7.29
N GLU A 67 10.12 -4.11 -6.61
CA GLU A 67 11.53 -4.13 -6.98
C GLU A 67 11.85 -5.36 -7.82
N ASP A 68 10.86 -5.88 -8.52
CA ASP A 68 11.04 -7.05 -9.36
C ASP A 68 10.12 -7.02 -10.58
N GLY A 69 9.65 -5.81 -10.94
CA GLY A 69 8.76 -5.67 -12.07
C GLY A 69 7.63 -6.67 -12.07
N SER A 70 7.10 -6.96 -10.89
CA SER A 70 6.00 -7.91 -10.76
C SER A 70 4.66 -7.19 -10.80
N GLY A 71 4.63 -5.94 -10.37
CA GLY A 71 3.40 -5.18 -10.37
C GLY A 71 2.43 -5.64 -9.30
N THR A 72 2.89 -6.51 -8.41
CA THR A 72 2.06 -7.03 -7.33
C THR A 72 2.64 -6.66 -5.97
N ILE A 73 1.78 -6.16 -5.08
CA ILE A 73 2.20 -5.75 -3.75
C ILE A 73 2.00 -6.89 -2.74
N ASP A 74 3.11 -7.36 -2.18
CA ASP A 74 3.06 -8.45 -1.20
C ASP A 74 2.44 -7.98 0.11
N PHE A 75 2.61 -8.78 1.16
CA PHE A 75 2.07 -8.45 2.47
C PHE A 75 2.70 -7.17 3.03
N GLU A 76 3.91 -7.28 3.54
CA GLU A 76 4.62 -6.13 4.10
C GLU A 76 4.88 -5.07 3.03
N GLU A 77 4.91 -5.52 1.77
CA GLU A 77 5.17 -4.61 0.66
C GLU A 77 4.23 -3.40 0.70
N PHE A 78 3.05 -3.61 1.28
CA PHE A 78 2.06 -2.53 1.40
C PHE A 78 2.56 -1.44 2.34
N LEU A 79 3.55 -1.77 3.17
CA LEU A 79 4.10 -0.81 4.12
C LEU A 79 5.29 -0.07 3.50
N VAL A 80 6.07 -0.78 2.68
CA VAL A 80 7.22 -0.17 2.03
C VAL A 80 6.80 0.71 0.86
N MET A 81 5.74 0.30 0.17
CA MET A 81 5.22 1.06 -0.96
C MET A 81 5.04 2.52 -0.57
N MET A 82 4.57 2.69 0.65
CA MET A 82 4.31 4.00 1.22
C MET A 82 5.60 4.68 1.62
N VAL A 83 6.50 3.91 2.22
CA VAL A 83 7.79 4.43 2.67
C VAL A 83 8.58 5.03 1.50
N ARG A 84 8.36 4.48 0.31
CA ARG A 84 9.05 4.96 -0.89
C ARG A 84 8.44 6.28 -1.38
N GLN A 85 7.33 6.69 -0.76
CA GLN A 85 6.66 7.93 -1.15
C GLN A 85 6.68 8.94 -0.01
N MET A 86 6.85 8.44 1.22
CA MET A 86 6.87 9.31 2.39
C MET A 86 8.25 9.96 2.56
N LYS A 87 9.29 9.19 2.31
CA LYS A 87 10.66 9.68 2.43
C LYS A 87 10.99 10.65 1.30
N GLU A 88 10.65 10.26 0.07
CA GLU A 88 10.91 11.09 -1.11
C GLU A 88 12.38 11.06 -1.49
N ASP A 89 13.25 11.48 -0.55
CA ASP A 89 14.68 11.50 -0.78
C ASP A 89 15.06 12.66 -1.70
N ALA A 90 16.25 13.22 -1.47
CA ALA A 90 16.73 14.34 -2.28
C ALA A 90 16.94 13.92 -3.73
N ARG B 1 0.47 10.27 -3.05
CA ARG B 1 1.43 9.21 -2.65
C ARG B 1 1.77 9.29 -1.17
N MET B 2 1.92 10.51 -0.65
CA MET B 2 2.23 10.71 0.75
C MET B 2 0.96 11.02 1.54
N SER B 3 1.04 10.85 2.86
CA SER B 3 -0.11 11.11 3.73
C SER B 3 -1.34 10.36 3.23
N ALA B 4 -1.11 9.18 2.67
CA ALA B 4 -2.18 8.36 2.15
C ALA B 4 -2.94 7.66 3.28
N ASP B 5 -2.52 7.90 4.51
CA ASP B 5 -3.16 7.30 5.69
C ASP B 5 -4.68 7.38 5.60
N ALA B 6 -5.18 8.39 4.87
CA ALA B 6 -6.62 8.58 4.72
C ALA B 6 -7.31 7.26 4.35
N MET B 7 -7.12 6.81 3.12
CA MET B 7 -7.73 5.56 2.67
C MET B 7 -7.43 4.45 3.67
N LEU B 8 -6.19 4.44 4.16
CA LEU B 8 -5.75 3.45 5.11
C LEU B 8 -6.60 3.55 6.38
N ARG B 9 -7.07 4.75 6.69
CA ARG B 9 -7.91 4.96 7.86
C ARG B 9 -9.39 4.81 7.51
N ALA B 10 -9.70 4.94 6.22
CA ALA B 10 -11.08 4.83 5.75
C ALA B 10 -11.73 3.52 6.20
N LEU B 11 -11.31 2.42 5.60
CA LEU B 11 -11.86 1.12 5.93
C LEU B 11 -11.34 0.59 7.27
N LEU B 12 -10.38 1.31 7.86
CA LEU B 12 -9.81 0.92 9.14
C LEU B 12 -10.90 0.78 10.21
N GLY B 13 -11.50 1.91 10.56
CA GLY B 13 -12.55 1.91 11.57
C GLY B 13 -13.73 2.78 11.18
N SER B 14 -14.88 2.16 10.97
CA SER B 14 -16.08 2.89 10.60
C SER B 14 -16.80 3.42 11.83
N LYS B 15 -16.09 4.23 12.62
CA LYS B 15 -16.65 4.81 13.83
C LYS B 15 -16.47 6.33 13.85
N HIS B 16 -15.27 6.78 13.50
CA HIS B 16 -14.97 8.20 13.48
C HIS B 16 -14.75 8.69 12.04
N LYS B 17 -13.70 8.19 11.42
CA LYS B 17 -13.38 8.57 10.04
C LYS B 17 -13.13 10.07 9.94
CA CA C . 6.64 -6.86 -5.81
CA CA D . -5.37 -9.24 -4.49
N ALA A 1 17.83 -17.22 1.66
CA ALA A 1 16.65 -17.08 2.55
C ALA A 1 15.98 -15.72 2.38
N SER A 2 16.76 -14.66 2.55
CA SER A 2 16.25 -13.30 2.41
C SER A 2 16.94 -12.58 1.25
N MET A 3 16.49 -11.36 0.97
CA MET A 3 17.06 -10.57 -0.11
C MET A 3 16.77 -9.08 0.09
N THR A 4 15.53 -8.77 0.46
CA THR A 4 15.12 -7.39 0.69
C THR A 4 14.38 -7.25 2.02
N ASP A 5 15.00 -6.54 2.96
CA ASP A 5 14.41 -6.33 4.27
C ASP A 5 13.53 -5.08 4.29
N GLN A 6 13.41 -4.41 3.14
CA GLN A 6 12.59 -3.20 3.05
C GLN A 6 11.21 -3.42 3.67
N GLN A 7 10.62 -4.58 3.39
CA GLN A 7 9.31 -4.92 3.93
C GLN A 7 9.33 -4.91 5.45
N ALA A 8 10.49 -5.18 6.01
CA ALA A 8 10.64 -5.22 7.44
C ALA A 8 10.80 -3.82 8.02
N GLU A 9 11.76 -3.07 7.49
CA GLU A 9 12.00 -1.70 7.95
C GLU A 9 10.75 -0.86 7.77
N ALA A 10 10.10 -1.02 6.61
CA ALA A 10 8.88 -0.30 6.29
C ALA A 10 7.91 -0.31 7.48
N ARG A 11 7.56 -1.50 7.94
CA ARG A 11 6.65 -1.64 9.07
C ARG A 11 7.16 -0.87 10.28
N ALA A 12 8.48 -0.65 10.32
CA ALA A 12 9.10 0.08 11.43
C ALA A 12 9.30 1.55 11.07
N PHE A 13 9.23 1.87 9.78
CA PHE A 13 9.42 3.25 9.33
C PHE A 13 8.27 4.15 9.77
N LEU A 14 7.09 3.55 9.95
CA LEU A 14 5.91 4.30 10.36
C LEU A 14 5.47 3.88 11.76
N SER A 15 4.47 4.59 12.28
CA SER A 15 3.94 4.30 13.61
C SER A 15 2.81 3.29 13.53
N GLU A 16 2.50 2.65 14.66
CA GLU A 16 1.42 1.67 14.71
C GLU A 16 0.16 2.25 14.08
N GLU A 17 0.04 3.58 14.15
CA GLU A 17 -1.11 4.29 13.59
C GLU A 17 -1.18 4.06 12.08
N MET A 18 -0.04 4.21 11.42
CA MET A 18 0.03 4.02 9.97
C MET A 18 -0.03 2.53 9.60
N ILE A 19 0.23 1.67 10.57
CA ILE A 19 0.21 0.23 10.34
C ILE A 19 -1.22 -0.30 10.43
N ALA A 20 -1.82 -0.22 11.61
CA ALA A 20 -3.19 -0.67 11.81
C ALA A 20 -4.11 -0.11 10.75
N GLU A 21 -3.75 1.05 10.22
CA GLU A 21 -4.52 1.70 9.17
C GLU A 21 -4.11 1.17 7.81
N PHE A 22 -2.83 0.81 7.70
CA PHE A 22 -2.29 0.26 6.46
C PHE A 22 -3.02 -1.01 6.07
N LYS A 23 -3.39 -1.80 7.08
CA LYS A 23 -4.10 -3.06 6.87
C LYS A 23 -5.59 -2.81 6.63
N ALA A 24 -6.02 -1.57 6.84
CA ALA A 24 -7.42 -1.20 6.65
C ALA A 24 -8.03 -1.78 5.39
N ALA A 25 -7.63 -1.23 4.24
CA ALA A 25 -8.15 -1.69 2.95
C ALA A 25 -7.53 -3.02 2.52
N PHE A 26 -6.63 -3.57 3.35
CA PHE A 26 -5.99 -4.85 3.03
C PHE A 26 -7.00 -5.90 2.60
N ASP A 27 -8.24 -5.78 3.08
CA ASP A 27 -9.29 -6.72 2.74
C ASP A 27 -9.98 -6.34 1.43
N MET A 28 -10.39 -5.08 1.32
CA MET A 28 -11.06 -4.59 0.12
C MET A 28 -10.14 -4.67 -1.09
N PHE A 29 -8.84 -4.56 -0.86
CA PHE A 29 -7.86 -4.61 -1.94
C PHE A 29 -7.98 -5.90 -2.74
N ASP A 30 -7.52 -7.00 -2.15
CA ASP A 30 -7.58 -8.30 -2.80
C ASP A 30 -8.96 -8.61 -3.34
N ALA A 31 -9.05 -8.80 -4.66
CA ALA A 31 -10.31 -9.10 -5.31
C ALA A 31 -10.52 -10.60 -5.41
N ASP A 32 -9.50 -11.31 -5.90
CA ASP A 32 -9.56 -12.75 -6.04
C ASP A 32 -9.11 -13.44 -4.76
N GLY A 33 -8.26 -12.76 -3.99
CA GLY A 33 -7.77 -13.33 -2.75
C GLY A 33 -6.89 -14.54 -2.98
N GLY A 34 -5.71 -14.31 -3.56
CA GLY A 34 -4.79 -15.40 -3.83
C GLY A 34 -3.52 -14.93 -4.52
N GLY A 35 -3.04 -13.75 -4.14
CA GLY A 35 -1.83 -13.22 -4.75
C GLY A 35 -1.37 -11.94 -4.08
N ASP A 36 -1.61 -10.81 -4.73
CA ASP A 36 -1.22 -9.51 -4.19
C ASP A 36 -2.08 -8.39 -4.76
N ILE A 37 -1.75 -7.16 -4.41
CA ILE A 37 -2.50 -6.00 -4.87
C ILE A 37 -1.94 -5.50 -6.20
N SER A 38 -2.84 -5.28 -7.16
CA SER A 38 -2.46 -4.79 -8.48
C SER A 38 -2.93 -3.35 -8.67
N THR A 39 -2.91 -2.90 -9.93
CA THR A 39 -3.33 -1.54 -10.26
C THR A 39 -4.83 -1.36 -10.04
N LYS A 40 -5.61 -2.29 -10.58
CA LYS A 40 -7.06 -2.24 -10.47
C LYS A 40 -7.49 -2.36 -9.01
N GLU A 41 -6.71 -3.09 -8.22
CA GLU A 41 -7.01 -3.28 -6.80
C GLU A 41 -6.83 -1.99 -6.01
N LEU A 42 -5.98 -1.10 -6.52
CA LEU A 42 -5.72 0.17 -5.85
C LEU A 42 -6.81 1.18 -6.13
N GLY A 43 -7.06 1.45 -7.41
CA GLY A 43 -8.09 2.40 -7.79
C GLY A 43 -9.42 2.13 -7.12
N THR A 44 -9.69 0.86 -6.85
CA THR A 44 -10.93 0.45 -6.19
C THR A 44 -11.12 1.18 -4.86
N VAL A 45 -10.40 0.71 -3.85
CA VAL A 45 -10.48 1.28 -2.51
C VAL A 45 -10.08 2.75 -2.49
N MET A 46 -9.19 3.13 -3.38
CA MET A 46 -8.71 4.50 -3.45
C MET A 46 -9.76 5.44 -4.03
N ARG A 47 -10.54 4.93 -4.98
CA ARG A 47 -11.58 5.74 -5.62
C ARG A 47 -12.86 5.76 -4.79
N MET A 48 -13.08 4.72 -3.99
CA MET A 48 -14.27 4.64 -3.16
C MET A 48 -14.01 5.17 -1.75
N LEU A 49 -12.85 5.81 -1.55
CA LEU A 49 -12.51 6.36 -0.24
C LEU A 49 -12.26 7.86 -0.33
N GLY A 50 -11.56 8.29 -1.38
CA GLY A 50 -11.28 9.71 -1.55
C GLY A 50 -10.28 9.99 -2.65
N GLN A 51 -9.23 9.18 -2.71
CA GLN A 51 -8.21 9.35 -3.74
C GLN A 51 -8.77 9.04 -5.13
N ASN A 52 -8.07 9.48 -6.16
CA ASN A 52 -8.50 9.25 -7.53
C ASN A 52 -7.33 9.03 -8.47
N PRO A 53 -6.43 8.10 -8.12
CA PRO A 53 -5.25 7.79 -8.95
C PRO A 53 -5.60 6.95 -10.16
N THR A 54 -5.56 7.56 -11.34
CA THR A 54 -5.88 6.87 -12.58
C THR A 54 -4.93 5.69 -12.80
N LYS A 55 -5.07 5.03 -13.94
CA LYS A 55 -4.23 3.89 -14.28
C LYS A 55 -2.74 4.28 -14.23
N CYS A 56 -2.41 5.34 -14.97
CA CYS A 56 -1.03 5.82 -15.01
C CYS A 56 -0.56 6.27 -13.63
N GLU A 57 -1.50 6.80 -12.84
CA GLU A 57 -1.19 7.26 -11.49
C GLU A 57 -0.65 6.12 -10.64
N LEU A 58 -1.45 5.09 -10.46
CA LEU A 58 -1.04 3.93 -9.67
C LEU A 58 0.13 3.21 -10.32
N ASP A 59 0.17 3.24 -11.66
CA ASP A 59 1.24 2.59 -12.40
C ASP A 59 2.58 3.21 -12.07
N ALA A 60 2.56 4.47 -11.66
CA ALA A 60 3.79 5.17 -11.32
C ALA A 60 4.28 4.73 -9.94
N ILE A 61 3.34 4.38 -9.07
CA ILE A 61 3.68 3.93 -7.73
C ILE A 61 4.05 2.45 -7.73
N ILE A 62 3.12 1.61 -8.18
CA ILE A 62 3.35 0.17 -8.24
C ILE A 62 4.74 -0.14 -8.82
N CYS A 63 5.11 0.58 -9.87
CA CYS A 63 6.41 0.40 -10.50
C CYS A 63 7.53 0.61 -9.49
N GLU A 64 7.44 1.69 -8.74
CA GLU A 64 8.44 1.99 -7.72
C GLU A 64 8.27 1.06 -6.53
N VAL A 65 7.02 0.68 -6.27
CA VAL A 65 6.71 -0.23 -5.17
C VAL A 65 7.35 -1.59 -5.41
N ASP A 66 7.11 -2.14 -6.59
CA ASP A 66 7.66 -3.44 -6.96
C ASP A 66 9.15 -3.35 -7.27
N GLU A 67 9.95 -4.05 -6.49
CA GLU A 67 11.40 -4.06 -6.68
C GLU A 67 11.81 -5.17 -7.63
N ASP A 68 10.99 -6.20 -7.73
CA ASP A 68 11.27 -7.34 -8.61
C ASP A 68 10.48 -7.23 -9.91
N GLY A 69 10.03 -6.03 -10.24
CA GLY A 69 9.27 -5.82 -11.46
C GLY A 69 8.15 -6.84 -11.64
N SER A 70 7.23 -6.88 -10.68
CA SER A 70 6.12 -7.81 -10.72
C SER A 70 4.79 -7.08 -10.87
N GLY A 71 4.76 -5.82 -10.45
CA GLY A 71 3.53 -5.04 -10.54
C GLY A 71 2.54 -5.39 -9.45
N THR A 72 2.93 -6.31 -8.57
CA THR A 72 2.07 -6.73 -7.47
C THR A 72 2.64 -6.31 -6.13
N ILE A 73 1.76 -6.07 -5.16
CA ILE A 73 2.18 -5.64 -3.84
C ILE A 73 2.02 -6.76 -2.80
N ASP A 74 3.12 -7.15 -2.17
CA ASP A 74 3.09 -8.19 -1.16
C ASP A 74 2.42 -7.71 0.11
N PHE A 75 2.50 -8.52 1.17
CA PHE A 75 1.90 -8.17 2.45
C PHE A 75 2.52 -6.90 3.03
N GLU A 76 3.74 -7.01 3.53
CA GLU A 76 4.45 -5.88 4.11
C GLU A 76 4.79 -4.86 3.03
N GLU A 77 4.91 -5.32 1.79
CA GLU A 77 5.23 -4.45 0.67
C GLU A 77 4.28 -3.25 0.62
N PHE A 78 3.08 -3.42 1.16
CA PHE A 78 2.08 -2.36 1.17
C PHE A 78 2.56 -1.18 2.01
N LEU A 79 3.59 -1.40 2.82
CA LEU A 79 4.13 -0.34 3.66
C LEU A 79 5.32 0.30 2.96
N VAL A 80 6.18 -0.53 2.38
CA VAL A 80 7.36 -0.04 1.66
C VAL A 80 6.94 0.80 0.46
N MET A 81 5.82 0.42 -0.16
CA MET A 81 5.31 1.15 -1.32
C MET A 81 5.24 2.64 -1.03
N MET A 82 4.81 2.96 0.17
CA MET A 82 4.68 4.34 0.60
C MET A 82 5.95 4.82 1.29
N VAL A 83 6.68 3.90 1.91
CA VAL A 83 7.92 4.24 2.59
C VAL A 83 8.92 4.85 1.61
N ARG A 84 9.00 4.25 0.42
CA ARG A 84 9.89 4.74 -0.63
C ARG A 84 9.47 6.13 -1.10
N GLN A 85 8.18 6.44 -0.95
CA GLN A 85 7.66 7.74 -1.35
C GLN A 85 7.43 8.63 -0.13
N MET A 86 7.99 8.21 1.00
CA MET A 86 7.85 8.96 2.24
C MET A 86 9.21 9.46 2.73
N LYS A 87 10.23 8.64 2.55
CA LYS A 87 11.58 9.00 2.97
C LYS A 87 12.03 10.28 2.30
N GLU A 88 12.22 10.23 0.99
CA GLU A 88 12.66 11.39 0.23
C GLU A 88 11.51 12.38 0.04
N ASP A 89 11.82 13.66 0.15
CA ASP A 89 10.81 14.71 0.00
C ASP A 89 11.47 16.04 -0.37
N ALA A 90 12.61 15.98 -1.04
CA ALA A 90 13.33 17.17 -1.45
C ALA A 90 13.74 18.00 -0.23
N ARG B 1 0.90 10.28 -3.61
CA ARG B 1 1.56 9.05 -3.09
C ARG B 1 1.70 9.10 -1.58
N MET B 2 2.29 10.18 -1.07
CA MET B 2 2.47 10.34 0.37
C MET B 2 1.13 10.29 1.10
N SER B 3 1.12 10.71 2.36
CA SER B 3 -0.10 10.70 3.15
C SER B 3 -0.75 9.31 3.12
N ALA B 4 -1.89 9.18 2.44
CA ALA B 4 -2.58 7.91 2.36
C ALA B 4 -3.22 7.54 3.71
N ASP B 5 -2.68 8.09 4.80
CA ASP B 5 -3.22 7.83 6.13
C ASP B 5 -4.73 7.94 6.13
N ALA B 6 -5.23 8.81 5.25
CA ALA B 6 -6.68 8.99 5.13
C ALA B 6 -7.33 7.71 4.66
N MET B 7 -6.96 7.25 3.47
CA MET B 7 -7.49 6.00 2.94
C MET B 7 -7.17 4.86 3.88
N LEU B 8 -5.95 4.89 4.42
CA LEU B 8 -5.50 3.88 5.35
C LEU B 8 -6.39 3.87 6.59
N ARG B 9 -6.77 5.07 7.04
CA ARG B 9 -7.64 5.20 8.21
C ARG B 9 -9.11 5.23 7.81
N ALA B 10 -9.39 4.89 6.55
CA ALA B 10 -10.76 4.88 6.04
C ALA B 10 -11.53 3.64 6.53
N LEU B 11 -11.28 2.51 5.87
CA LEU B 11 -11.95 1.27 6.22
C LEU B 11 -11.44 0.71 7.54
N LEU B 12 -10.24 1.13 7.94
CA LEU B 12 -9.64 0.67 9.19
C LEU B 12 -9.61 -0.85 9.25
N GLY B 13 -9.08 -1.38 10.35
CA GLY B 13 -9.00 -2.82 10.52
C GLY B 13 -10.00 -3.34 11.53
N SER B 14 -9.51 -3.74 12.70
CA SER B 14 -10.37 -4.26 13.75
C SER B 14 -10.06 -3.60 15.09
N LYS B 15 -11.04 -2.91 15.65
CA LYS B 15 -10.86 -2.23 16.93
C LYS B 15 -12.04 -2.50 17.86
N HIS B 16 -11.86 -3.43 18.79
CA HIS B 16 -12.91 -3.78 19.74
C HIS B 16 -12.31 -4.27 21.06
N LYS B 17 -12.06 -3.32 21.97
CA LYS B 17 -11.48 -3.66 23.26
C LYS B 17 -12.48 -3.37 24.38
CA CA C . 6.56 -6.95 -5.72
CA CA D . -5.67 -9.53 -5.31
#